data_2VK3
# 
_entry.id   2VK3 
# 
_audit_conform.dict_name       mmcif_pdbx.dic 
_audit_conform.dict_version    5.397 
_audit_conform.dict_location   http://mmcif.pdb.org/dictionaries/ascii/mmcif_pdbx.dic 
# 
loop_
_database_2.database_id 
_database_2.database_code 
_database_2.pdbx_database_accession 
_database_2.pdbx_DOI 
PDB   2VK3         pdb_00002vk3 10.2210/pdb2vk3/pdb 
PDBE  EBI-34793    ?            ?                   
WWPDB D_1290034793 ?            ?                   
# 
loop_
_pdbx_audit_revision_history.ordinal 
_pdbx_audit_revision_history.data_content_type 
_pdbx_audit_revision_history.major_revision 
_pdbx_audit_revision_history.minor_revision 
_pdbx_audit_revision_history.revision_date 
1 'Structure model' 1 0 2009-02-10 
2 'Structure model' 1 1 2011-05-08 
3 'Structure model' 1 2 2011-07-13 
4 'Structure model' 1 3 2018-03-07 
5 'Structure model' 1 4 2019-07-24 
6 'Structure model' 1 5 2023-12-13 
7 'Structure model' 1 6 2024-10-16 
# 
_pdbx_audit_revision_details.ordinal             1 
_pdbx_audit_revision_details.revision_ordinal    1 
_pdbx_audit_revision_details.data_content_type   'Structure model' 
_pdbx_audit_revision_details.provider            repository 
_pdbx_audit_revision_details.type                'Initial release' 
_pdbx_audit_revision_details.description         ? 
_pdbx_audit_revision_details.details             ? 
# 
loop_
_pdbx_audit_revision_group.ordinal 
_pdbx_audit_revision_group.revision_ordinal 
_pdbx_audit_revision_group.data_content_type 
_pdbx_audit_revision_group.group 
1  2 'Structure model' 'Version format compliance' 
2  3 'Structure model' 'Version format compliance' 
3  4 'Structure model' 'Source and taxonomy'       
4  5 'Structure model' 'Data collection'           
5  5 'Structure model' 'Derived calculations'      
6  6 'Structure model' 'Data collection'           
7  6 'Structure model' 'Database references'       
8  6 'Structure model' 'Derived calculations'      
9  6 'Structure model' Other                       
10 6 'Structure model' 'Refinement description'    
11 7 'Structure model' 'Structure summary'         
# 
loop_
_pdbx_audit_revision_category.ordinal 
_pdbx_audit_revision_category.revision_ordinal 
_pdbx_audit_revision_category.data_content_type 
_pdbx_audit_revision_category.category 
1  4 'Structure model' entity_src_gen                
2  5 'Structure model' diffrn_source                 
3  5 'Structure model' struct_conn                   
4  6 'Structure model' chem_comp_atom                
5  6 'Structure model' chem_comp_bond                
6  6 'Structure model' database_2                    
7  6 'Structure model' pdbx_database_status          
8  6 'Structure model' pdbx_initial_refinement_model 
9  6 'Structure model' struct_site                   
10 7 'Structure model' pdbx_entry_details            
11 7 'Structure model' pdbx_modification_feature     
# 
loop_
_pdbx_audit_revision_item.ordinal 
_pdbx_audit_revision_item.revision_ordinal 
_pdbx_audit_revision_item.data_content_type 
_pdbx_audit_revision_item.item 
1  4 'Structure model' '_entity_src_gen.pdbx_gene_src_scientific_name'  
2  4 'Structure model' '_entity_src_gen.pdbx_host_org_ncbi_taxonomy_id' 
3  4 'Structure model' '_entity_src_gen.pdbx_host_org_scientific_name'  
4  4 'Structure model' '_entity_src_gen.pdbx_host_org_strain'           
5  4 'Structure model' '_entity_src_gen.pdbx_host_org_variant'          
6  5 'Structure model' '_diffrn_source.pdbx_synchrotron_site'           
7  5 'Structure model' '_struct_conn.pdbx_leaving_atom_flag'            
8  6 'Structure model' '_database_2.pdbx_DOI'                           
9  6 'Structure model' '_database_2.pdbx_database_accession'            
10 6 'Structure model' '_pdbx_database_status.status_code_sf'           
11 6 'Structure model' '_struct_site.pdbx_auth_asym_id'                 
12 6 'Structure model' '_struct_site.pdbx_auth_comp_id'                 
13 6 'Structure model' '_struct_site.pdbx_auth_seq_id'                  
# 
_pdbx_database_status.status_code                     REL 
_pdbx_database_status.entry_id                        2VK3 
_pdbx_database_status.deposit_site                    PDBE 
_pdbx_database_status.process_site                    PDBE 
_pdbx_database_status.SG_entry                        . 
_pdbx_database_status.recvd_initial_deposition_date   2007-12-17 
_pdbx_database_status.pdb_format_compatible           Y 
_pdbx_database_status.status_code_sf                  REL 
_pdbx_database_status.status_code_mr                  ? 
_pdbx_database_status.status_code_cs                  ? 
_pdbx_database_status.methods_development_category    ? 
_pdbx_database_status.status_code_nmr_data            ? 
# 
loop_
_audit_author.name 
_audit_author.pdbx_ordinal 
'Haikarainen, T.' 1 
'Kursula, P.'     2 
# 
_citation.id                        primary 
_citation.title                     'Structure, Modifications and Ligand-Binding Properties of Rat Profilin 2A.' 
_citation.journal_abbrev            'Acta Crystallogr.,Sect.D' 
_citation.journal_volume            65 
_citation.page_first                303 
_citation.page_last                 ? 
_citation.year                      2009 
_citation.journal_id_ASTM           ABCRE6 
_citation.country                   DK 
_citation.journal_id_ISSN           0907-4449 
_citation.journal_id_CSD            0766 
_citation.book_publisher            ? 
_citation.pdbx_database_id_PubMed   19307711 
_citation.pdbx_database_id_DOI      10.1107/S0907444909000699 
# 
loop_
_citation_author.citation_id 
_citation_author.name 
_citation_author.ordinal 
_citation_author.identifier_ORCID 
primary 'Haikarainen, T.' 1 ? 
primary 'Chen, W.Q.'      2 ? 
primary 'Lubec, G.'       3 ? 
primary 'Kursula, P.'     4 ? 
# 
loop_
_entity.id 
_entity.type 
_entity.src_method 
_entity.pdbx_description 
_entity.formula_weight 
_entity.pdbx_number_of_molecules 
_entity.pdbx_ec 
_entity.pdbx_mutation 
_entity.pdbx_fragment 
_entity.details 
1 polymer     man PROFILIN-2                              15162.253 1   ? ? ? 'DISULFIDE BRIDGE BETWEEN CYS15 AND CYS16' 
2 non-polymer syn '(2R,3S)-1,4-DIMERCAPTOBUTANE-2,3-DIOL' 154.251   2   ? ? ? ?                                          
3 non-polymer syn GLYCEROL                                92.094    2   ? ? ? ?                                          
4 non-polymer syn 'SULFATE ION'                           96.063    1   ? ? ? ?                                          
5 water       nat water                                   18.015    220 ? ? ? ?                                          
# 
_entity_name_com.entity_id   1 
_entity_name_com.name        'PROFILIN IIA, PROFILIN 2A' 
# 
_entity_poly.entity_id                      1 
_entity_poly.type                           'polypeptide(L)' 
_entity_poly.nstd_linkage                   no 
_entity_poly.nstd_monomer                   no 
_entity_poly.pdbx_seq_one_letter_code       
;GSMAGWQSYVDNLMCDGCCQEAAIVGYCDAKYVWAATAGGVFQSITPAEIDVIIGKDREGFFTNGLTLGGKKCSVIRDSL
YVDSDCTMDIRTKSQGGEPTYNVAVGRAGRVLVFVMGKEGVHGGGLNKKAYSMAKYLRDSGF
;
_entity_poly.pdbx_seq_one_letter_code_can   
;GSMAGWQSYVDNLMCDGCCQEAAIVGYCDAKYVWAATAGGVFQSITPAEIDVIIGKDREGFFTNGLTLGGKKCSVIRDSL
YVDSDCTMDIRTKSQGGEPTYNVAVGRAGRVLVFVMGKEGVHGGGLNKKAYSMAKYLRDSGF
;
_entity_poly.pdbx_strand_id                 A 
_entity_poly.pdbx_target_identifier         ? 
# 
loop_
_pdbx_entity_nonpoly.entity_id 
_pdbx_entity_nonpoly.name 
_pdbx_entity_nonpoly.comp_id 
2 '(2R,3S)-1,4-DIMERCAPTOBUTANE-2,3-DIOL' DTU 
3 GLYCEROL                                GOL 
4 'SULFATE ION'                           SO4 
5 water                                   HOH 
# 
loop_
_entity_poly_seq.entity_id 
_entity_poly_seq.num 
_entity_poly_seq.mon_id 
_entity_poly_seq.hetero 
1 1   GLY n 
1 2   SER n 
1 3   MET n 
1 4   ALA n 
1 5   GLY n 
1 6   TRP n 
1 7   GLN n 
1 8   SER n 
1 9   TYR n 
1 10  VAL n 
1 11  ASP n 
1 12  ASN n 
1 13  LEU n 
1 14  MET n 
1 15  CYS n 
1 16  ASP n 
1 17  GLY n 
1 18  CYS n 
1 19  CYS n 
1 20  GLN n 
1 21  GLU n 
1 22  ALA n 
1 23  ALA n 
1 24  ILE n 
1 25  VAL n 
1 26  GLY n 
1 27  TYR n 
1 28  CYS n 
1 29  ASP n 
1 30  ALA n 
1 31  LYS n 
1 32  TYR n 
1 33  VAL n 
1 34  TRP n 
1 35  ALA n 
1 36  ALA n 
1 37  THR n 
1 38  ALA n 
1 39  GLY n 
1 40  GLY n 
1 41  VAL n 
1 42  PHE n 
1 43  GLN n 
1 44  SER n 
1 45  ILE n 
1 46  THR n 
1 47  PRO n 
1 48  ALA n 
1 49  GLU n 
1 50  ILE n 
1 51  ASP n 
1 52  VAL n 
1 53  ILE n 
1 54  ILE n 
1 55  GLY n 
1 56  LYS n 
1 57  ASP n 
1 58  ARG n 
1 59  GLU n 
1 60  GLY n 
1 61  PHE n 
1 62  PHE n 
1 63  THR n 
1 64  ASN n 
1 65  GLY n 
1 66  LEU n 
1 67  THR n 
1 68  LEU n 
1 69  GLY n 
1 70  GLY n 
1 71  LYS n 
1 72  LYS n 
1 73  CYS n 
1 74  SER n 
1 75  VAL n 
1 76  ILE n 
1 77  ARG n 
1 78  ASP n 
1 79  SER n 
1 80  LEU n 
1 81  TYR n 
1 82  VAL n 
1 83  ASP n 
1 84  SER n 
1 85  ASP n 
1 86  CYS n 
1 87  THR n 
1 88  MET n 
1 89  ASP n 
1 90  ILE n 
1 91  ARG n 
1 92  THR n 
1 93  LYS n 
1 94  SER n 
1 95  GLN n 
1 96  GLY n 
1 97  GLY n 
1 98  GLU n 
1 99  PRO n 
1 100 THR n 
1 101 TYR n 
1 102 ASN n 
1 103 VAL n 
1 104 ALA n 
1 105 VAL n 
1 106 GLY n 
1 107 ARG n 
1 108 ALA n 
1 109 GLY n 
1 110 ARG n 
1 111 VAL n 
1 112 LEU n 
1 113 VAL n 
1 114 PHE n 
1 115 VAL n 
1 116 MET n 
1 117 GLY n 
1 118 LYS n 
1 119 GLU n 
1 120 GLY n 
1 121 VAL n 
1 122 HIS n 
1 123 GLY n 
1 124 GLY n 
1 125 GLY n 
1 126 LEU n 
1 127 ASN n 
1 128 LYS n 
1 129 LYS n 
1 130 ALA n 
1 131 TYR n 
1 132 SER n 
1 133 MET n 
1 134 ALA n 
1 135 LYS n 
1 136 TYR n 
1 137 LEU n 
1 138 ARG n 
1 139 ASP n 
1 140 SER n 
1 141 GLY n 
1 142 PHE n 
# 
_entity_src_gen.entity_id                          1 
_entity_src_gen.pdbx_src_id                        1 
_entity_src_gen.pdbx_alt_source_flag               sample 
_entity_src_gen.pdbx_seq_type                      ? 
_entity_src_gen.pdbx_beg_seq_num                   ? 
_entity_src_gen.pdbx_end_seq_num                   ? 
_entity_src_gen.gene_src_common_name               RAT 
_entity_src_gen.gene_src_genus                     ? 
_entity_src_gen.pdbx_gene_src_gene                 ? 
_entity_src_gen.gene_src_species                   ? 
_entity_src_gen.gene_src_strain                    ? 
_entity_src_gen.gene_src_tissue                    ? 
_entity_src_gen.gene_src_tissue_fraction           ? 
_entity_src_gen.gene_src_details                   ? 
_entity_src_gen.pdbx_gene_src_fragment             ? 
_entity_src_gen.pdbx_gene_src_scientific_name      'Rattus norvegicus' 
_entity_src_gen.pdbx_gene_src_ncbi_taxonomy_id     10116 
_entity_src_gen.pdbx_gene_src_variant              ? 
_entity_src_gen.pdbx_gene_src_cell_line            ? 
_entity_src_gen.pdbx_gene_src_atcc                 ? 
_entity_src_gen.pdbx_gene_src_organ                ? 
_entity_src_gen.pdbx_gene_src_organelle            ? 
_entity_src_gen.pdbx_gene_src_cell                 ? 
_entity_src_gen.pdbx_gene_src_cellular_location    ? 
_entity_src_gen.host_org_common_name               ? 
_entity_src_gen.pdbx_host_org_scientific_name      'Escherichia coli BL21(DE3)' 
_entity_src_gen.pdbx_host_org_ncbi_taxonomy_id     469008 
_entity_src_gen.host_org_genus                     ? 
_entity_src_gen.pdbx_host_org_gene                 ? 
_entity_src_gen.pdbx_host_org_organ                ? 
_entity_src_gen.host_org_species                   ? 
_entity_src_gen.pdbx_host_org_tissue               ? 
_entity_src_gen.pdbx_host_org_tissue_fraction      ? 
_entity_src_gen.pdbx_host_org_strain               ? 
_entity_src_gen.pdbx_host_org_variant              Rosetta 
_entity_src_gen.pdbx_host_org_cell_line            ? 
_entity_src_gen.pdbx_host_org_atcc                 ? 
_entity_src_gen.pdbx_host_org_culture_collection   ? 
_entity_src_gen.pdbx_host_org_cell                 ? 
_entity_src_gen.pdbx_host_org_organelle            ? 
_entity_src_gen.pdbx_host_org_cellular_location    ? 
_entity_src_gen.pdbx_host_org_vector_type          PLASMID 
_entity_src_gen.pdbx_host_org_vector               ? 
_entity_src_gen.host_org_details                   ? 
_entity_src_gen.expression_system_id               ? 
_entity_src_gen.plasmid_name                       PGEX-4T-2 
_entity_src_gen.plasmid_details                    ? 
_entity_src_gen.pdbx_description                   ? 
# 
loop_
_chem_comp.id 
_chem_comp.type 
_chem_comp.mon_nstd_flag 
_chem_comp.name 
_chem_comp.pdbx_synonyms 
_chem_comp.formula 
_chem_comp.formula_weight 
ALA 'L-peptide linking' y ALANINE                                 ?                               'C3 H7 N O2'     89.093  
ARG 'L-peptide linking' y ARGININE                                ?                               'C6 H15 N4 O2 1' 175.209 
ASN 'L-peptide linking' y ASPARAGINE                              ?                               'C4 H8 N2 O3'    132.118 
ASP 'L-peptide linking' y 'ASPARTIC ACID'                         ?                               'C4 H7 N O4'     133.103 
CYS 'L-peptide linking' y CYSTEINE                                ?                               'C3 H7 N O2 S'   121.158 
DTU non-polymer         . '(2R,3S)-1,4-DIMERCAPTOBUTANE-2,3-DIOL' ?                               'C4 H10 O2 S2'   154.251 
GLN 'L-peptide linking' y GLUTAMINE                               ?                               'C5 H10 N2 O3'   146.144 
GLU 'L-peptide linking' y 'GLUTAMIC ACID'                         ?                               'C5 H9 N O4'     147.129 
GLY 'peptide linking'   y GLYCINE                                 ?                               'C2 H5 N O2'     75.067  
GOL non-polymer         . GLYCEROL                                'GLYCERIN; PROPANE-1,2,3-TRIOL' 'C3 H8 O3'       92.094  
HIS 'L-peptide linking' y HISTIDINE                               ?                               'C6 H10 N3 O2 1' 156.162 
HOH non-polymer         . WATER                                   ?                               'H2 O'           18.015  
ILE 'L-peptide linking' y ISOLEUCINE                              ?                               'C6 H13 N O2'    131.173 
LEU 'L-peptide linking' y LEUCINE                                 ?                               'C6 H13 N O2'    131.173 
LYS 'L-peptide linking' y LYSINE                                  ?                               'C6 H15 N2 O2 1' 147.195 
MET 'L-peptide linking' y METHIONINE                              ?                               'C5 H11 N O2 S'  149.211 
PHE 'L-peptide linking' y PHENYLALANINE                           ?                               'C9 H11 N O2'    165.189 
PRO 'L-peptide linking' y PROLINE                                 ?                               'C5 H9 N O2'     115.130 
SER 'L-peptide linking' y SERINE                                  ?                               'C3 H7 N O3'     105.093 
SO4 non-polymer         . 'SULFATE ION'                           ?                               'O4 S -2'        96.063  
THR 'L-peptide linking' y THREONINE                               ?                               'C4 H9 N O3'     119.119 
TRP 'L-peptide linking' y TRYPTOPHAN                              ?                               'C11 H12 N2 O2'  204.225 
TYR 'L-peptide linking' y TYROSINE                                ?                               'C9 H11 N O3'    181.189 
VAL 'L-peptide linking' y VALINE                                  ?                               'C5 H11 N O2'    117.146 
# 
loop_
_pdbx_poly_seq_scheme.asym_id 
_pdbx_poly_seq_scheme.entity_id 
_pdbx_poly_seq_scheme.seq_id 
_pdbx_poly_seq_scheme.mon_id 
_pdbx_poly_seq_scheme.ndb_seq_num 
_pdbx_poly_seq_scheme.pdb_seq_num 
_pdbx_poly_seq_scheme.auth_seq_num 
_pdbx_poly_seq_scheme.pdb_mon_id 
_pdbx_poly_seq_scheme.auth_mon_id 
_pdbx_poly_seq_scheme.pdb_strand_id 
_pdbx_poly_seq_scheme.pdb_ins_code 
_pdbx_poly_seq_scheme.hetero 
A 1 1   GLY 1   -2  -2  GLY GLY A . n 
A 1 2   SER 2   -1  -1  SER SER A . n 
A 1 3   MET 3   0   0   MET MET A . n 
A 1 4   ALA 4   1   1   ALA ALA A . n 
A 1 5   GLY 5   2   2   GLY GLY A . n 
A 1 6   TRP 6   3   3   TRP TRP A . n 
A 1 7   GLN 7   4   4   GLN GLN A . n 
A 1 8   SER 8   5   5   SER SER A . n 
A 1 9   TYR 9   6   6   TYR TYR A . n 
A 1 10  VAL 10  7   7   VAL VAL A . n 
A 1 11  ASP 11  8   8   ASP ASP A . n 
A 1 12  ASN 12  9   9   ASN ASN A . n 
A 1 13  LEU 13  10  10  LEU LEU A . n 
A 1 14  MET 14  11  11  MET MET A . n 
A 1 15  CYS 15  12  12  CYS CYS A . n 
A 1 16  ASP 16  13  13  ASP ASP A . n 
A 1 17  GLY 17  14  14  GLY GLY A . n 
A 1 18  CYS 18  15  15  CYS CYS A . n 
A 1 19  CYS 19  16  16  CYS CYS A . n 
A 1 20  GLN 20  17  17  GLN GLN A . n 
A 1 21  GLU 21  18  18  GLU GLU A . n 
A 1 22  ALA 22  19  19  ALA ALA A . n 
A 1 23  ALA 23  20  20  ALA ALA A . n 
A 1 24  ILE 24  21  21  ILE ILE A . n 
A 1 25  VAL 25  22  22  VAL VAL A . n 
A 1 26  GLY 26  23  23  GLY GLY A . n 
A 1 27  TYR 27  24  24  TYR TYR A . n 
A 1 28  CYS 28  25  25  CYS CYS A . n 
A 1 29  ASP 29  26  26  ASP ASP A . n 
A 1 30  ALA 30  27  27  ALA ALA A . n 
A 1 31  LYS 31  28  28  LYS LYS A . n 
A 1 32  TYR 32  29  29  TYR TYR A . n 
A 1 33  VAL 33  30  30  VAL VAL A . n 
A 1 34  TRP 34  31  31  TRP TRP A . n 
A 1 35  ALA 35  32  32  ALA ALA A . n 
A 1 36  ALA 36  33  33  ALA ALA A . n 
A 1 37  THR 37  34  34  THR THR A . n 
A 1 38  ALA 38  35  35  ALA ALA A . n 
A 1 39  GLY 39  36  36  GLY GLY A . n 
A 1 40  GLY 40  37  37  GLY GLY A . n 
A 1 41  VAL 41  38  38  VAL VAL A . n 
A 1 42  PHE 42  39  39  PHE PHE A . n 
A 1 43  GLN 43  40  40  GLN GLN A . n 
A 1 44  SER 44  41  41  SER SER A . n 
A 1 45  ILE 45  42  42  ILE ILE A . n 
A 1 46  THR 46  43  43  THR THR A . n 
A 1 47  PRO 47  44  44  PRO PRO A . n 
A 1 48  ALA 48  45  45  ALA ALA A . n 
A 1 49  GLU 49  46  46  GLU GLU A . n 
A 1 50  ILE 50  47  47  ILE ILE A . n 
A 1 51  ASP 51  48  48  ASP ASP A . n 
A 1 52  VAL 52  49  49  VAL VAL A . n 
A 1 53  ILE 53  50  50  ILE ILE A . n 
A 1 54  ILE 54  51  51  ILE ILE A . n 
A 1 55  GLY 55  52  52  GLY GLY A . n 
A 1 56  LYS 56  53  53  LYS LYS A . n 
A 1 57  ASP 57  54  54  ASP ASP A . n 
A 1 58  ARG 58  55  55  ARG ARG A . n 
A 1 59  GLU 59  56  56  GLU GLU A . n 
A 1 60  GLY 60  57  57  GLY GLY A . n 
A 1 61  PHE 61  58  58  PHE PHE A . n 
A 1 62  PHE 62  59  59  PHE PHE A . n 
A 1 63  THR 63  60  60  THR THR A . n 
A 1 64  ASN 64  61  61  ASN ASN A . n 
A 1 65  GLY 65  62  62  GLY GLY A . n 
A 1 66  LEU 66  63  63  LEU LEU A . n 
A 1 67  THR 67  64  64  THR THR A . n 
A 1 68  LEU 68  65  65  LEU LEU A . n 
A 1 69  GLY 69  66  66  GLY GLY A . n 
A 1 70  GLY 70  67  67  GLY GLY A . n 
A 1 71  LYS 71  68  68  LYS LYS A . n 
A 1 72  LYS 72  69  69  LYS LYS A . n 
A 1 73  CYS 73  70  70  CYS CYS A . n 
A 1 74  SER 74  71  71  SER SER A . n 
A 1 75  VAL 75  72  72  VAL VAL A . n 
A 1 76  ILE 76  73  73  ILE ILE A . n 
A 1 77  ARG 77  74  74  ARG ARG A . n 
A 1 78  ASP 78  75  75  ASP ASP A . n 
A 1 79  SER 79  76  76  SER SER A . n 
A 1 80  LEU 80  77  77  LEU LEU A . n 
A 1 81  TYR 81  78  78  TYR TYR A . n 
A 1 82  VAL 82  79  79  VAL VAL A . n 
A 1 83  ASP 83  80  80  ASP ASP A . n 
A 1 84  SER 84  81  81  SER SER A . n 
A 1 85  ASP 85  82  82  ASP ASP A . n 
A 1 86  CYS 86  83  83  CYS CYS A . n 
A 1 87  THR 87  84  84  THR THR A . n 
A 1 88  MET 88  85  85  MET MET A . n 
A 1 89  ASP 89  86  86  ASP ASP A . n 
A 1 90  ILE 90  87  87  ILE ILE A . n 
A 1 91  ARG 91  88  88  ARG ARG A . n 
A 1 92  THR 92  89  89  THR THR A . n 
A 1 93  LYS 93  90  90  LYS LYS A . n 
A 1 94  SER 94  91  91  SER SER A . n 
A 1 95  GLN 95  92  92  GLN GLN A . n 
A 1 96  GLY 96  93  93  GLY GLY A . n 
A 1 97  GLY 97  94  94  GLY GLY A . n 
A 1 98  GLU 98  95  95  GLU GLU A . n 
A 1 99  PRO 99  96  96  PRO PRO A . n 
A 1 100 THR 100 97  97  THR THR A . n 
A 1 101 TYR 101 98  98  TYR TYR A . n 
A 1 102 ASN 102 99  99  ASN ASN A . n 
A 1 103 VAL 103 100 100 VAL VAL A . n 
A 1 104 ALA 104 101 101 ALA ALA A . n 
A 1 105 VAL 105 102 102 VAL VAL A . n 
A 1 106 GLY 106 103 103 GLY GLY A . n 
A 1 107 ARG 107 104 104 ARG ARG A . n 
A 1 108 ALA 108 105 105 ALA ALA A . n 
A 1 109 GLY 109 106 106 GLY GLY A . n 
A 1 110 ARG 110 107 107 ARG ARG A . n 
A 1 111 VAL 111 108 108 VAL VAL A . n 
A 1 112 LEU 112 109 109 LEU LEU A . n 
A 1 113 VAL 113 110 110 VAL VAL A . n 
A 1 114 PHE 114 111 111 PHE PHE A . n 
A 1 115 VAL 115 112 112 VAL VAL A . n 
A 1 116 MET 116 113 113 MET MET A . n 
A 1 117 GLY 117 114 114 GLY GLY A . n 
A 1 118 LYS 118 115 115 LYS LYS A . n 
A 1 119 GLU 119 116 116 GLU GLU A . n 
A 1 120 GLY 120 117 117 GLY GLY A . n 
A 1 121 VAL 121 118 118 VAL VAL A . n 
A 1 122 HIS 122 119 119 HIS HIS A . n 
A 1 123 GLY 123 120 120 GLY GLY A . n 
A 1 124 GLY 124 121 121 GLY GLY A . n 
A 1 125 GLY 125 122 122 GLY GLY A . n 
A 1 126 LEU 126 123 123 LEU LEU A . n 
A 1 127 ASN 127 124 124 ASN ASN A . n 
A 1 128 LYS 128 125 125 LYS LYS A . n 
A 1 129 LYS 129 126 126 LYS LYS A . n 
A 1 130 ALA 130 127 127 ALA ALA A . n 
A 1 131 TYR 131 128 128 TYR TYR A . n 
A 1 132 SER 132 129 129 SER SER A . n 
A 1 133 MET 133 130 130 MET MET A . n 
A 1 134 ALA 134 131 131 ALA ALA A . n 
A 1 135 LYS 135 132 132 LYS LYS A . n 
A 1 136 TYR 136 133 133 TYR TYR A . n 
A 1 137 LEU 137 134 134 LEU LEU A . n 
A 1 138 ARG 138 135 135 ARG ARG A . n 
A 1 139 ASP 139 136 136 ASP ASP A . n 
A 1 140 SER 140 137 137 SER SER A . n 
A 1 141 GLY 141 138 138 GLY GLY A . n 
A 1 142 PHE 142 139 139 PHE PHE A . n 
# 
loop_
_pdbx_nonpoly_scheme.asym_id 
_pdbx_nonpoly_scheme.entity_id 
_pdbx_nonpoly_scheme.mon_id 
_pdbx_nonpoly_scheme.ndb_seq_num 
_pdbx_nonpoly_scheme.pdb_seq_num 
_pdbx_nonpoly_scheme.auth_seq_num 
_pdbx_nonpoly_scheme.pdb_mon_id 
_pdbx_nonpoly_scheme.auth_mon_id 
_pdbx_nonpoly_scheme.pdb_strand_id 
_pdbx_nonpoly_scheme.pdb_ins_code 
B 2 DTU 1   1140 1140 DTU DTU A . 
C 2 DTU 1   1141 1141 DTU DTU A . 
D 3 GOL 1   1142 1142 GOL GOL A . 
E 3 GOL 1   1143 1143 GOL GOL A . 
F 4 SO4 1   1144 1144 SO4 SO4 A . 
G 5 HOH 1   2001 2001 HOH HOH A . 
G 5 HOH 2   2002 2002 HOH HOH A . 
G 5 HOH 3   2003 2003 HOH HOH A . 
G 5 HOH 4   2004 2004 HOH HOH A . 
G 5 HOH 5   2005 2005 HOH HOH A . 
G 5 HOH 6   2006 2006 HOH HOH A . 
G 5 HOH 7   2007 2007 HOH HOH A . 
G 5 HOH 8   2008 2008 HOH HOH A . 
G 5 HOH 9   2009 2009 HOH HOH A . 
G 5 HOH 10  2010 2010 HOH HOH A . 
G 5 HOH 11  2011 2011 HOH HOH A . 
G 5 HOH 12  2012 2012 HOH HOH A . 
G 5 HOH 13  2013 2013 HOH HOH A . 
G 5 HOH 14  2014 2014 HOH HOH A . 
G 5 HOH 15  2015 2015 HOH HOH A . 
G 5 HOH 16  2016 2016 HOH HOH A . 
G 5 HOH 17  2017 2017 HOH HOH A . 
G 5 HOH 18  2018 2018 HOH HOH A . 
G 5 HOH 19  2019 2019 HOH HOH A . 
G 5 HOH 20  2020 2020 HOH HOH A . 
G 5 HOH 21  2021 2021 HOH HOH A . 
G 5 HOH 22  2022 2022 HOH HOH A . 
G 5 HOH 23  2023 2023 HOH HOH A . 
G 5 HOH 24  2024 2024 HOH HOH A . 
G 5 HOH 25  2025 2025 HOH HOH A . 
G 5 HOH 26  2026 2026 HOH HOH A . 
G 5 HOH 27  2027 2027 HOH HOH A . 
G 5 HOH 28  2028 2028 HOH HOH A . 
G 5 HOH 29  2029 2029 HOH HOH A . 
G 5 HOH 30  2030 2030 HOH HOH A . 
G 5 HOH 31  2031 2031 HOH HOH A . 
G 5 HOH 32  2032 2032 HOH HOH A . 
G 5 HOH 33  2033 2033 HOH HOH A . 
G 5 HOH 34  2034 2034 HOH HOH A . 
G 5 HOH 35  2035 2035 HOH HOH A . 
G 5 HOH 36  2036 2036 HOH HOH A . 
G 5 HOH 37  2037 2037 HOH HOH A . 
G 5 HOH 38  2038 2038 HOH HOH A . 
G 5 HOH 39  2039 2039 HOH HOH A . 
G 5 HOH 40  2040 2040 HOH HOH A . 
G 5 HOH 41  2041 2041 HOH HOH A . 
G 5 HOH 42  2042 2042 HOH HOH A . 
G 5 HOH 43  2043 2043 HOH HOH A . 
G 5 HOH 44  2044 2044 HOH HOH A . 
G 5 HOH 45  2045 2045 HOH HOH A . 
G 5 HOH 46  2046 2046 HOH HOH A . 
G 5 HOH 47  2047 2047 HOH HOH A . 
G 5 HOH 48  2048 2048 HOH HOH A . 
G 5 HOH 49  2049 2049 HOH HOH A . 
G 5 HOH 50  2050 2050 HOH HOH A . 
G 5 HOH 51  2051 2051 HOH HOH A . 
G 5 HOH 52  2052 2052 HOH HOH A . 
G 5 HOH 53  2053 2053 HOH HOH A . 
G 5 HOH 54  2054 2054 HOH HOH A . 
G 5 HOH 55  2055 2055 HOH HOH A . 
G 5 HOH 56  2056 2056 HOH HOH A . 
G 5 HOH 57  2057 2057 HOH HOH A . 
G 5 HOH 58  2058 2058 HOH HOH A . 
G 5 HOH 59  2059 2059 HOH HOH A . 
G 5 HOH 60  2060 2060 HOH HOH A . 
G 5 HOH 61  2061 2061 HOH HOH A . 
G 5 HOH 62  2062 2062 HOH HOH A . 
G 5 HOH 63  2063 2063 HOH HOH A . 
G 5 HOH 64  2064 2064 HOH HOH A . 
G 5 HOH 65  2065 2065 HOH HOH A . 
G 5 HOH 66  2066 2066 HOH HOH A . 
G 5 HOH 67  2067 2067 HOH HOH A . 
G 5 HOH 68  2068 2068 HOH HOH A . 
G 5 HOH 69  2069 2069 HOH HOH A . 
G 5 HOH 70  2070 2070 HOH HOH A . 
G 5 HOH 71  2071 2071 HOH HOH A . 
G 5 HOH 72  2072 2072 HOH HOH A . 
G 5 HOH 73  2073 2073 HOH HOH A . 
G 5 HOH 74  2074 2074 HOH HOH A . 
G 5 HOH 75  2075 2075 HOH HOH A . 
G 5 HOH 76  2076 2076 HOH HOH A . 
G 5 HOH 77  2077 2077 HOH HOH A . 
G 5 HOH 78  2078 2078 HOH HOH A . 
G 5 HOH 79  2079 2079 HOH HOH A . 
G 5 HOH 80  2080 2080 HOH HOH A . 
G 5 HOH 81  2081 2081 HOH HOH A . 
G 5 HOH 82  2082 2082 HOH HOH A . 
G 5 HOH 83  2083 2083 HOH HOH A . 
G 5 HOH 84  2084 2084 HOH HOH A . 
G 5 HOH 85  2085 2085 HOH HOH A . 
G 5 HOH 86  2086 2086 HOH HOH A . 
G 5 HOH 87  2087 2087 HOH HOH A . 
G 5 HOH 88  2088 2088 HOH HOH A . 
G 5 HOH 89  2089 2089 HOH HOH A . 
G 5 HOH 90  2090 2090 HOH HOH A . 
G 5 HOH 91  2091 2091 HOH HOH A . 
G 5 HOH 92  2092 2092 HOH HOH A . 
G 5 HOH 93  2093 2093 HOH HOH A . 
G 5 HOH 94  2094 2094 HOH HOH A . 
G 5 HOH 95  2095 2095 HOH HOH A . 
G 5 HOH 96  2096 2096 HOH HOH A . 
G 5 HOH 97  2097 2097 HOH HOH A . 
G 5 HOH 98  2098 2098 HOH HOH A . 
G 5 HOH 99  2099 2099 HOH HOH A . 
G 5 HOH 100 2100 2100 HOH HOH A . 
G 5 HOH 101 2101 2101 HOH HOH A . 
G 5 HOH 102 2102 2102 HOH HOH A . 
G 5 HOH 103 2103 2103 HOH HOH A . 
G 5 HOH 104 2104 2104 HOH HOH A . 
G 5 HOH 105 2105 2105 HOH HOH A . 
G 5 HOH 106 2106 2106 HOH HOH A . 
G 5 HOH 107 2107 2107 HOH HOH A . 
G 5 HOH 108 2108 2108 HOH HOH A . 
G 5 HOH 109 2109 2109 HOH HOH A . 
G 5 HOH 110 2110 2110 HOH HOH A . 
G 5 HOH 111 2111 2111 HOH HOH A . 
G 5 HOH 112 2112 2112 HOH HOH A . 
G 5 HOH 113 2113 2113 HOH HOH A . 
G 5 HOH 114 2114 2114 HOH HOH A . 
G 5 HOH 115 2115 2115 HOH HOH A . 
G 5 HOH 116 2116 2116 HOH HOH A . 
G 5 HOH 117 2117 2117 HOH HOH A . 
G 5 HOH 118 2118 2118 HOH HOH A . 
G 5 HOH 119 2119 2119 HOH HOH A . 
G 5 HOH 120 2120 2120 HOH HOH A . 
G 5 HOH 121 2121 2121 HOH HOH A . 
G 5 HOH 122 2122 2122 HOH HOH A . 
G 5 HOH 123 2123 2123 HOH HOH A . 
G 5 HOH 124 2124 2124 HOH HOH A . 
G 5 HOH 125 2125 2125 HOH HOH A . 
G 5 HOH 126 2126 2126 HOH HOH A . 
G 5 HOH 127 2127 2127 HOH HOH A . 
G 5 HOH 128 2128 2128 HOH HOH A . 
G 5 HOH 129 2129 2129 HOH HOH A . 
G 5 HOH 130 2130 2130 HOH HOH A . 
G 5 HOH 131 2131 2131 HOH HOH A . 
G 5 HOH 132 2132 2132 HOH HOH A . 
G 5 HOH 133 2133 2133 HOH HOH A . 
G 5 HOH 134 2134 2134 HOH HOH A . 
G 5 HOH 135 2135 2135 HOH HOH A . 
G 5 HOH 136 2136 2136 HOH HOH A . 
G 5 HOH 137 2137 2137 HOH HOH A . 
G 5 HOH 138 2138 2138 HOH HOH A . 
G 5 HOH 139 2139 2139 HOH HOH A . 
G 5 HOH 140 2140 2140 HOH HOH A . 
G 5 HOH 141 2141 2141 HOH HOH A . 
G 5 HOH 142 2142 2142 HOH HOH A . 
G 5 HOH 143 2143 2143 HOH HOH A . 
G 5 HOH 144 2144 2144 HOH HOH A . 
G 5 HOH 145 2145 2145 HOH HOH A . 
G 5 HOH 146 2146 2146 HOH HOH A . 
G 5 HOH 147 2147 2147 HOH HOH A . 
G 5 HOH 148 2148 2148 HOH HOH A . 
G 5 HOH 149 2149 2149 HOH HOH A . 
G 5 HOH 150 2150 2150 HOH HOH A . 
G 5 HOH 151 2151 2151 HOH HOH A . 
G 5 HOH 152 2152 2152 HOH HOH A . 
G 5 HOH 153 2153 2153 HOH HOH A . 
G 5 HOH 154 2154 2154 HOH HOH A . 
G 5 HOH 155 2155 2155 HOH HOH A . 
G 5 HOH 156 2156 2156 HOH HOH A . 
G 5 HOH 157 2157 2157 HOH HOH A . 
G 5 HOH 158 2158 2158 HOH HOH A . 
G 5 HOH 159 2159 2159 HOH HOH A . 
G 5 HOH 160 2160 2160 HOH HOH A . 
G 5 HOH 161 2161 2161 HOH HOH A . 
G 5 HOH 162 2162 2162 HOH HOH A . 
G 5 HOH 163 2163 2163 HOH HOH A . 
G 5 HOH 164 2164 2164 HOH HOH A . 
G 5 HOH 165 2165 2165 HOH HOH A . 
G 5 HOH 166 2166 2166 HOH HOH A . 
G 5 HOH 167 2167 2167 HOH HOH A . 
G 5 HOH 168 2168 2168 HOH HOH A . 
G 5 HOH 169 2169 2169 HOH HOH A . 
G 5 HOH 170 2170 2170 HOH HOH A . 
G 5 HOH 171 2171 2171 HOH HOH A . 
G 5 HOH 172 2172 2172 HOH HOH A . 
G 5 HOH 173 2173 2173 HOH HOH A . 
G 5 HOH 174 2174 2174 HOH HOH A . 
G 5 HOH 175 2175 2175 HOH HOH A . 
G 5 HOH 176 2176 2176 HOH HOH A . 
G 5 HOH 177 2177 2177 HOH HOH A . 
G 5 HOH 178 2178 2178 HOH HOH A . 
G 5 HOH 179 2179 2179 HOH HOH A . 
G 5 HOH 180 2180 2180 HOH HOH A . 
G 5 HOH 181 2181 2181 HOH HOH A . 
G 5 HOH 182 2182 2182 HOH HOH A . 
G 5 HOH 183 2183 2183 HOH HOH A . 
G 5 HOH 184 2184 2184 HOH HOH A . 
G 5 HOH 185 2185 2185 HOH HOH A . 
G 5 HOH 186 2186 2186 HOH HOH A . 
G 5 HOH 187 2187 2187 HOH HOH A . 
G 5 HOH 188 2188 2188 HOH HOH A . 
G 5 HOH 189 2189 2189 HOH HOH A . 
G 5 HOH 190 2190 2190 HOH HOH A . 
G 5 HOH 191 2191 2191 HOH HOH A . 
G 5 HOH 192 2192 2192 HOH HOH A . 
G 5 HOH 193 2193 2193 HOH HOH A . 
G 5 HOH 194 2194 2194 HOH HOH A . 
G 5 HOH 195 2195 2195 HOH HOH A . 
G 5 HOH 196 2196 2196 HOH HOH A . 
G 5 HOH 197 2197 2197 HOH HOH A . 
G 5 HOH 198 2198 2198 HOH HOH A . 
G 5 HOH 199 2199 2199 HOH HOH A . 
G 5 HOH 200 2200 2200 HOH HOH A . 
G 5 HOH 201 2201 2201 HOH HOH A . 
G 5 HOH 202 2202 2202 HOH HOH A . 
G 5 HOH 203 2203 2203 HOH HOH A . 
G 5 HOH 204 2204 2204 HOH HOH A . 
G 5 HOH 205 2205 2205 HOH HOH A . 
G 5 HOH 206 2206 2206 HOH HOH A . 
G 5 HOH 207 2207 2207 HOH HOH A . 
G 5 HOH 208 2208 2208 HOH HOH A . 
G 5 HOH 209 2209 2209 HOH HOH A . 
G 5 HOH 210 2210 2210 HOH HOH A . 
G 5 HOH 211 2211 2211 HOH HOH A . 
G 5 HOH 212 2212 2212 HOH HOH A . 
G 5 HOH 213 2213 2213 HOH HOH A . 
G 5 HOH 214 2214 2214 HOH HOH A . 
G 5 HOH 215 2215 2215 HOH HOH A . 
G 5 HOH 216 2216 2216 HOH HOH A . 
G 5 HOH 217 2217 2217 HOH HOH A . 
G 5 HOH 218 2218 2218 HOH HOH A . 
G 5 HOH 219 2219 2219 HOH HOH A . 
G 5 HOH 220 2220 2220 HOH HOH A . 
# 
loop_
_software.name 
_software.classification 
_software.version 
_software.citation_id 
_software.pdbx_ordinal 
REFMAC refinement       5.3.0028 ? 1 
XDS    'data reduction' .        ? 2 
XSCALE 'data scaling'   .        ? 3 
MOLREP phasing          .        ? 4 
# 
_cell.entry_id           2VK3 
_cell.length_a           51.100 
_cell.length_b           51.100 
_cell.length_c           67.520 
_cell.angle_alpha        90.00 
_cell.angle_beta         90.00 
_cell.angle_gamma        90.00 
_cell.Z_PDB              4 
_cell.pdbx_unique_axis   ? 
# 
_symmetry.entry_id                         2VK3 
_symmetry.space_group_name_H-M             'P 41' 
_symmetry.pdbx_full_space_group_name_H-M   ? 
_symmetry.cell_setting                     ? 
_symmetry.Int_Tables_number                76 
# 
_exptl.entry_id          2VK3 
_exptl.method            'X-RAY DIFFRACTION' 
_exptl.crystals_number   1 
# 
_exptl_crystal.id                    1 
_exptl_crystal.density_meas          ? 
_exptl_crystal.density_Matthews      2.9 
_exptl_crystal.density_percent_sol   58 
_exptl_crystal.description           NONE 
# 
_exptl_crystal_grow.crystal_id      1 
_exptl_crystal_grow.method          ? 
_exptl_crystal_grow.temp            ? 
_exptl_crystal_grow.temp_details    ? 
_exptl_crystal_grow.pH              4.5 
_exptl_crystal_grow.pdbx_pH_range   ? 
_exptl_crystal_grow.pdbx_details    '2M AMMONIUM SULPHATE, 1M NACL, PH 4.5' 
# 
_diffrn.id                     1 
_diffrn.ambient_temp           100 
_diffrn.ambient_temp_details   ? 
_diffrn.crystal_id             1 
# 
_diffrn_detector.diffrn_id              1 
_diffrn_detector.detector               CCD 
_diffrn_detector.type                   MARRESEARCH 
_diffrn_detector.pdbx_collection_date   2007-11-02 
_diffrn_detector.details                ? 
# 
_diffrn_radiation.diffrn_id                        1 
_diffrn_radiation.wavelength_id                    1 
_diffrn_radiation.pdbx_monochromatic_or_laue_m_l   M 
_diffrn_radiation.monochromator                    ? 
_diffrn_radiation.pdbx_diffrn_protocol             'SINGLE WAVELENGTH' 
_diffrn_radiation.pdbx_scattering_type             x-ray 
# 
_diffrn_radiation_wavelength.id           1 
_diffrn_radiation_wavelength.wavelength   0.9079 
_diffrn_radiation_wavelength.wt           1.0 
# 
_diffrn_source.diffrn_id                   1 
_diffrn_source.source                      SYNCHROTRON 
_diffrn_source.type                        'EMBL/DESY, HAMBURG BEAMLINE BW7A' 
_diffrn_source.pdbx_synchrotron_site       'EMBL/DESY, HAMBURG' 
_diffrn_source.pdbx_synchrotron_beamline   BW7A 
_diffrn_source.pdbx_wavelength             0.9079 
_diffrn_source.pdbx_wavelength_list        ? 
# 
_reflns.pdbx_diffrn_id               1 
_reflns.pdbx_ordinal                 1 
_reflns.entry_id                     2VK3 
_reflns.observed_criterion_sigma_I   -3.0 
_reflns.observed_criterion_sigma_F   ? 
_reflns.d_resolution_low             20.00 
_reflns.d_resolution_high            1.70 
_reflns.number_obs                   18939 
_reflns.number_all                   ? 
_reflns.percent_possible_obs         99.0 
_reflns.pdbx_Rmerge_I_obs            0.07 
_reflns.pdbx_Rsym_value              ? 
_reflns.pdbx_netI_over_sigmaI        12.70 
_reflns.B_iso_Wilson_estimate        24.00 
_reflns.pdbx_redundancy              3.1 
# 
_reflns_shell.pdbx_diffrn_id         1 
_reflns_shell.pdbx_ordinal           1 
_reflns_shell.d_res_high             1.70 
_reflns_shell.d_res_low              1.74 
_reflns_shell.percent_possible_all   99.8 
_reflns_shell.Rmerge_I_obs           0.52 
_reflns_shell.pdbx_Rsym_value        ? 
_reflns_shell.meanI_over_sigI_obs    2.20 
_reflns_shell.pdbx_redundancy        3.1 
# 
_refine.pdbx_refine_id                           'X-RAY DIFFRACTION' 
_refine.entry_id                                 2VK3 
_refine.pdbx_diffrn_id                           1 
_refine.pdbx_TLS_residual_ADP_flag               ? 
_refine.ls_number_reflns_obs                     17987 
_refine.ls_number_reflns_all                     ? 
_refine.pdbx_ls_sigma_I                          ? 
_refine.pdbx_ls_sigma_F                          ? 
_refine.pdbx_data_cutoff_high_absF               ? 
_refine.pdbx_data_cutoff_low_absF                ? 
_refine.pdbx_data_cutoff_high_rms_absF           ? 
_refine.ls_d_res_low                             17.45 
_refine.ls_d_res_high                            1.70 
_refine.ls_percent_reflns_obs                    99.0 
_refine.ls_R_factor_obs                          0.175 
_refine.ls_R_factor_all                          ? 
_refine.ls_R_factor_R_work                       0.173 
_refine.ls_R_factor_R_free                       0.216 
_refine.ls_R_factor_R_free_error                 ? 
_refine.ls_R_factor_R_free_error_details         ? 
_refine.ls_percent_reflns_R_free                 5.000 
_refine.ls_number_reflns_R_free                  946 
_refine.ls_number_parameters                     ? 
_refine.ls_number_restraints                     ? 
_refine.occupancy_min                            ? 
_refine.occupancy_max                            ? 
_refine.correlation_coeff_Fo_to_Fc               0.960 
_refine.correlation_coeff_Fo_to_Fc_free          0.933 
_refine.B_iso_mean                               17.47 
_refine.aniso_B[1][1]                            0.00000 
_refine.aniso_B[2][2]                            0.00000 
_refine.aniso_B[3][3]                            -0.01000 
_refine.aniso_B[1][2]                            0.00000 
_refine.aniso_B[1][3]                            0.00000 
_refine.aniso_B[2][3]                            0.00000 
_refine.solvent_model_details                    'BABINET MODEL WITH MASK' 
_refine.solvent_model_param_ksol                 ? 
_refine.solvent_model_param_bsol                 ? 
_refine.pdbx_solvent_vdw_probe_radii             1.20 
_refine.pdbx_solvent_ion_probe_radii             0.80 
_refine.pdbx_solvent_shrinkage_radii             0.80 
_refine.pdbx_ls_cross_valid_method               THROUGHOUT 
_refine.details                                  'HYDROGENS HAVE BEEN ADDED IN THE RIDING POSITIONS.' 
_refine.pdbx_starting_model                      'PDB ENTRY 2V8F' 
_refine.pdbx_method_to_determine_struct          'MOLECULAR REPLACEMENT' 
_refine.pdbx_isotropic_thermal_model             ? 
_refine.pdbx_stereochemistry_target_values       'MAXIMUM LIKELIHOOD' 
_refine.pdbx_stereochem_target_val_spec_case     ? 
_refine.pdbx_R_Free_selection_details            RANDOM 
_refine.pdbx_overall_ESU_R                       0.098 
_refine.pdbx_overall_ESU_R_Free                  0.103 
_refine.overall_SU_ML                            0.081 
_refine.pdbx_overall_phase_error                 ? 
_refine.overall_SU_B                             2.537 
_refine.overall_SU_R_Cruickshank_DPI             ? 
_refine.pdbx_overall_SU_R_free_Cruickshank_DPI   ? 
_refine.pdbx_overall_SU_R_Blow_DPI               ? 
_refine.pdbx_overall_SU_R_free_Blow_DPI          ? 
# 
_refine_hist.pdbx_refine_id                   'X-RAY DIFFRACTION' 
_refine_hist.cycle_id                         LAST 
_refine_hist.pdbx_number_atoms_protein        1058 
_refine_hist.pdbx_number_atoms_nucleic_acid   0 
_refine_hist.pdbx_number_atoms_ligand         33 
_refine_hist.number_atoms_solvent             220 
_refine_hist.number_atoms_total               1311 
_refine_hist.d_res_high                       1.70 
_refine_hist.d_res_low                        17.45 
# 
loop_
_refine_ls_restr.type 
_refine_ls_restr.dev_ideal 
_refine_ls_restr.dev_ideal_target 
_refine_ls_restr.weight 
_refine_ls_restr.number 
_refine_ls_restr.pdbx_refine_id 
_refine_ls_restr.pdbx_restraint_function 
r_bond_refined_d             0.020  0.022  ? 1146 'X-RAY DIFFRACTION' ? 
r_bond_other_d               0.002  0.020  ? 781  'X-RAY DIFFRACTION' ? 
r_angle_refined_deg          1.838  1.976  ? 1538 'X-RAY DIFFRACTION' ? 
r_angle_other_deg            1.095  3.002  ? 1896 'X-RAY DIFFRACTION' ? 
r_dihedral_angle_1_deg       7.687  5.000  ? 149  'X-RAY DIFFRACTION' ? 
r_dihedral_angle_2_deg       37.112 23.864 ? 44   'X-RAY DIFFRACTION' ? 
r_dihedral_angle_3_deg       14.350 15.000 ? 188  'X-RAY DIFFRACTION' ? 
r_dihedral_angle_4_deg       24.378 15.000 ? 6    'X-RAY DIFFRACTION' ? 
r_chiral_restr               0.124  0.200  ? 164  'X-RAY DIFFRACTION' ? 
r_gen_planes_refined         0.008  0.020  ? 1288 'X-RAY DIFFRACTION' ? 
r_gen_planes_other           0.002  0.020  ? 236  'X-RAY DIFFRACTION' ? 
r_nbd_refined                0.224  0.200  ? 236  'X-RAY DIFFRACTION' ? 
r_nbd_other                  0.222  0.200  ? 901  'X-RAY DIFFRACTION' ? 
r_nbtor_refined              0.188  0.200  ? 576  'X-RAY DIFFRACTION' ? 
r_nbtor_other                0.089  0.200  ? 633  'X-RAY DIFFRACTION' ? 
r_xyhbond_nbd_refined        0.168  0.200  ? 135  'X-RAY DIFFRACTION' ? 
r_xyhbond_nbd_other          ?      ?      ? ?    'X-RAY DIFFRACTION' ? 
r_metal_ion_refined          ?      ?      ? ?    'X-RAY DIFFRACTION' ? 
r_metal_ion_other            ?      ?      ? ?    'X-RAY DIFFRACTION' ? 
r_symmetry_vdw_refined       0.185  0.200  ? 18   'X-RAY DIFFRACTION' ? 
r_symmetry_vdw_other         0.280  0.200  ? 50   'X-RAY DIFFRACTION' ? 
r_symmetry_hbond_refined     0.191  0.200  ? 23   'X-RAY DIFFRACTION' ? 
r_symmetry_hbond_other       ?      ?      ? ?    'X-RAY DIFFRACTION' ? 
r_symmetry_metal_ion_refined ?      ?      ? ?    'X-RAY DIFFRACTION' ? 
r_symmetry_metal_ion_other   ?      ?      ? ?    'X-RAY DIFFRACTION' ? 
r_mcbond_it                  2.487  2.000  ? 897  'X-RAY DIFFRACTION' ? 
r_mcbond_other               ?      ?      ? ?    'X-RAY DIFFRACTION' ? 
r_mcangle_it                 3.217  4.000  ? 1138 'X-RAY DIFFRACTION' ? 
r_mcangle_other              ?      ?      ? ?    'X-RAY DIFFRACTION' ? 
r_scbond_it                  5.884  6.000  ? 504  'X-RAY DIFFRACTION' ? 
r_scbond_other               ?      ?      ? ?    'X-RAY DIFFRACTION' ? 
r_scangle_it                 7.733  8.000  ? 400  'X-RAY DIFFRACTION' ? 
r_scangle_other              ?      ?      ? ?    'X-RAY DIFFRACTION' ? 
r_long_range_B_refined       ?      ?      ? ?    'X-RAY DIFFRACTION' ? 
r_long_range_B_other         ?      ?      ? ?    'X-RAY DIFFRACTION' ? 
r_rigid_bond_restr           ?      ?      ? ?    'X-RAY DIFFRACTION' ? 
r_sphericity_free            ?      ?      ? ?    'X-RAY DIFFRACTION' ? 
r_sphericity_bonded          ?      ?      ? ?    'X-RAY DIFFRACTION' ? 
# 
_refine_ls_shell.pdbx_refine_id                   'X-RAY DIFFRACTION' 
_refine_ls_shell.pdbx_total_number_of_bins_used   20 
_refine_ls_shell.d_res_high                       1.70 
_refine_ls_shell.d_res_low                        1.74 
_refine_ls_shell.number_reflns_R_work             1288 
_refine_ls_shell.R_factor_R_work                  0.2510 
_refine_ls_shell.percent_reflns_obs               ? 
_refine_ls_shell.R_factor_R_free                  0.3200 
_refine_ls_shell.R_factor_R_free_error            ? 
_refine_ls_shell.percent_reflns_R_free            ? 
_refine_ls_shell.number_reflns_R_free             68 
_refine_ls_shell.number_reflns_all                ? 
_refine_ls_shell.R_factor_all                     ? 
# 
_struct.entry_id                  2VK3 
_struct.title                     'Crystal structure of rat profilin 2a' 
_struct.pdbx_model_details        ? 
_struct.pdbx_CASP_flag            ? 
_struct.pdbx_model_type_details   ? 
# 
_struct_keywords.entry_id        2VK3 
_struct_keywords.pdbx_keywords   'PROTEIN BINDING' 
_struct_keywords.text            
;PROFILIN, CYTOPLASM, ACETYLATION, CYTOSKELETON, ACTIN-BINDING, DISULFIDE BRIDGE, ALTERNATIVE SPLICING, PROTEIN-BINDING, PROTEIN BINDING
;
# 
loop_
_struct_asym.id 
_struct_asym.pdbx_blank_PDB_chainid_flag 
_struct_asym.pdbx_modified 
_struct_asym.entity_id 
_struct_asym.details 
A N N 1 ? 
B N N 2 ? 
C N N 2 ? 
D N N 3 ? 
E N N 3 ? 
F N N 4 ? 
G N N 5 ? 
# 
loop_
_struct_ref.id 
_struct_ref.db_name 
_struct_ref.db_code 
_struct_ref.entity_id 
_struct_ref.pdbx_seq_one_letter_code 
_struct_ref.pdbx_align_begin 
_struct_ref.pdbx_db_accession 
_struct_ref.pdbx_db_isoform 
1 PDB 2VK3      1 ? ? 2VK3   ? 
2 UNP PROF2_RAT 1 ? ? Q9EPC6 ? 
# 
loop_
_struct_ref_seq.align_id 
_struct_ref_seq.ref_id 
_struct_ref_seq.pdbx_PDB_id_code 
_struct_ref_seq.pdbx_strand_id 
_struct_ref_seq.seq_align_beg 
_struct_ref_seq.pdbx_seq_align_beg_ins_code 
_struct_ref_seq.seq_align_end 
_struct_ref_seq.pdbx_seq_align_end_ins_code 
_struct_ref_seq.pdbx_db_accession 
_struct_ref_seq.db_align_beg 
_struct_ref_seq.pdbx_db_align_beg_ins_code 
_struct_ref_seq.db_align_end 
_struct_ref_seq.pdbx_db_align_end_ins_code 
_struct_ref_seq.pdbx_auth_seq_align_beg 
_struct_ref_seq.pdbx_auth_seq_align_end 
1 1 2VK3 A 1 ? 2   ? 2VK3   -2 ? -1  ? -2 -1  
2 2 2VK3 A 3 ? 142 ? Q9EPC6 1  ? 140 ? 0  139 
# 
_pdbx_struct_assembly.id                   1 
_pdbx_struct_assembly.details              author_and_software_defined_assembly 
_pdbx_struct_assembly.method_details       PQS 
_pdbx_struct_assembly.oligomeric_details   monomeric 
_pdbx_struct_assembly.oligomeric_count     1 
# 
_pdbx_struct_assembly_gen.assembly_id       1 
_pdbx_struct_assembly_gen.oper_expression   1 
_pdbx_struct_assembly_gen.asym_id_list      A,B,C,D,E,F,G 
# 
_pdbx_struct_oper_list.id                   1 
_pdbx_struct_oper_list.type                 'identity operation' 
_pdbx_struct_oper_list.name                 1_555 
_pdbx_struct_oper_list.symmetry_operation   x,y,z 
_pdbx_struct_oper_list.matrix[1][1]         1.0000000000 
_pdbx_struct_oper_list.matrix[1][2]         0.0000000000 
_pdbx_struct_oper_list.matrix[1][3]         0.0000000000 
_pdbx_struct_oper_list.vector[1]            0.0000000000 
_pdbx_struct_oper_list.matrix[2][1]         0.0000000000 
_pdbx_struct_oper_list.matrix[2][2]         1.0000000000 
_pdbx_struct_oper_list.matrix[2][3]         0.0000000000 
_pdbx_struct_oper_list.vector[2]            0.0000000000 
_pdbx_struct_oper_list.matrix[3][1]         0.0000000000 
_pdbx_struct_oper_list.matrix[3][2]         0.0000000000 
_pdbx_struct_oper_list.matrix[3][3]         1.0000000000 
_pdbx_struct_oper_list.vector[3]            0.0000000000 
# 
_struct_biol.id   1 
# 
loop_
_struct_conf.conf_type_id 
_struct_conf.id 
_struct_conf.pdbx_PDB_helix_id 
_struct_conf.beg_label_comp_id 
_struct_conf.beg_label_asym_id 
_struct_conf.beg_label_seq_id 
_struct_conf.pdbx_beg_PDB_ins_code 
_struct_conf.end_label_comp_id 
_struct_conf.end_label_asym_id 
_struct_conf.end_label_seq_id 
_struct_conf.pdbx_end_PDB_ins_code 
_struct_conf.beg_auth_comp_id 
_struct_conf.beg_auth_asym_id 
_struct_conf.beg_auth_seq_id 
_struct_conf.end_auth_comp_id 
_struct_conf.end_auth_asym_id 
_struct_conf.end_auth_seq_id 
_struct_conf.pdbx_PDB_helix_class 
_struct_conf.details 
_struct_conf.pdbx_PDB_helix_length 
HELX_P HELX_P1 1 SER A 2   ? ASN A 12  ? SER A -1  ASN A 9   1 ? 11 
HELX_P HELX_P2 2 ASN A 12  ? GLY A 17  ? ASN A 9   GLY A 14  1 ? 6  
HELX_P HELX_P3 3 VAL A 41  ? ILE A 45  ? VAL A 38  ILE A 42  5 ? 5  
HELX_P HELX_P4 4 THR A 46  ? GLY A 55  ? THR A 43  GLY A 52  1 ? 10 
HELX_P HELX_P5 5 GLU A 59  ? GLY A 65  ? GLU A 56  GLY A 62  1 ? 7  
HELX_P HELX_P6 6 HIS A 122 ? SER A 140 ? HIS A 119 SER A 137 1 ? 19 
# 
_struct_conf_type.id          HELX_P 
_struct_conf_type.criteria    ? 
_struct_conf_type.reference   ? 
# 
loop_
_struct_conn.id 
_struct_conn.conn_type_id 
_struct_conn.pdbx_leaving_atom_flag 
_struct_conn.pdbx_PDB_id 
_struct_conn.ptnr1_label_asym_id 
_struct_conn.ptnr1_label_comp_id 
_struct_conn.ptnr1_label_seq_id 
_struct_conn.ptnr1_label_atom_id 
_struct_conn.pdbx_ptnr1_label_alt_id 
_struct_conn.pdbx_ptnr1_PDB_ins_code 
_struct_conn.pdbx_ptnr1_standard_comp_id 
_struct_conn.ptnr1_symmetry 
_struct_conn.ptnr2_label_asym_id 
_struct_conn.ptnr2_label_comp_id 
_struct_conn.ptnr2_label_seq_id 
_struct_conn.ptnr2_label_atom_id 
_struct_conn.pdbx_ptnr2_label_alt_id 
_struct_conn.pdbx_ptnr2_PDB_ins_code 
_struct_conn.ptnr1_auth_asym_id 
_struct_conn.ptnr1_auth_comp_id 
_struct_conn.ptnr1_auth_seq_id 
_struct_conn.ptnr2_auth_asym_id 
_struct_conn.ptnr2_auth_comp_id 
_struct_conn.ptnr2_auth_seq_id 
_struct_conn.ptnr2_symmetry 
_struct_conn.pdbx_ptnr3_label_atom_id 
_struct_conn.pdbx_ptnr3_label_seq_id 
_struct_conn.pdbx_ptnr3_label_comp_id 
_struct_conn.pdbx_ptnr3_label_asym_id 
_struct_conn.pdbx_ptnr3_label_alt_id 
_struct_conn.pdbx_ptnr3_PDB_ins_code 
_struct_conn.details 
_struct_conn.pdbx_dist_value 
_struct_conn.pdbx_value_order 
_struct_conn.pdbx_role 
disulf1 disulf ?    ? A CYS 18 SG ? ? ? 1_555 A CYS 19 SG ? ? A CYS 15 A CYS 16   1_555 ? ? ? ? ? ? ? 2.041 ? ? 
covale1 covale none ? A CYS 15 SG ? ? ? 1_555 C DTU .  S1 ? ? A CYS 12 A DTU 1141 1_555 ? ? ? ? ? ? ? 2.043 ? ? 
covale2 covale none ? A CYS 28 SG ? ? ? 1_555 B DTU .  S4 ? ? A CYS 25 A DTU 1140 1_555 ? ? ? ? ? ? ? 2.067 ? ? 
# 
loop_
_struct_conn_type.id 
_struct_conn_type.criteria 
_struct_conn_type.reference 
disulf ? ? 
covale ? ? 
# 
loop_
_pdbx_modification_feature.ordinal 
_pdbx_modification_feature.label_comp_id 
_pdbx_modification_feature.label_asym_id 
_pdbx_modification_feature.label_seq_id 
_pdbx_modification_feature.label_alt_id 
_pdbx_modification_feature.modified_residue_label_comp_id 
_pdbx_modification_feature.modified_residue_label_asym_id 
_pdbx_modification_feature.modified_residue_label_seq_id 
_pdbx_modification_feature.modified_residue_label_alt_id 
_pdbx_modification_feature.auth_comp_id 
_pdbx_modification_feature.auth_asym_id 
_pdbx_modification_feature.auth_seq_id 
_pdbx_modification_feature.PDB_ins_code 
_pdbx_modification_feature.symmetry 
_pdbx_modification_feature.modified_residue_auth_comp_id 
_pdbx_modification_feature.modified_residue_auth_asym_id 
_pdbx_modification_feature.modified_residue_auth_seq_id 
_pdbx_modification_feature.modified_residue_PDB_ins_code 
_pdbx_modification_feature.modified_residue_symmetry 
_pdbx_modification_feature.comp_id_linking_atom 
_pdbx_modification_feature.modified_residue_id_linking_atom 
_pdbx_modification_feature.modified_residue_id 
_pdbx_modification_feature.ref_pcm_id 
_pdbx_modification_feature.ref_comp_id 
_pdbx_modification_feature.type 
_pdbx_modification_feature.category 
1 DTU B .  ? CYS A 28 ? DTU A 1140 ? 1_555 CYS A 25 ? 1_555 S4 SG CYS 2 DTU None 'Covalent chemical modification' 
2 DTU C .  ? CYS A 15 ? DTU A 1141 ? 1_555 CYS A 12 ? 1_555 S1 SG CYS 1 DTU None 'Covalent chemical modification' 
3 CYS A 18 ? CYS A 19 ? CYS A 15   ? 1_555 CYS A 16 ? 1_555 SG SG .   . .   None 'Disulfide bridge'               
# 
loop_
_struct_mon_prot_cis.pdbx_id 
_struct_mon_prot_cis.label_comp_id 
_struct_mon_prot_cis.label_seq_id 
_struct_mon_prot_cis.label_asym_id 
_struct_mon_prot_cis.label_alt_id 
_struct_mon_prot_cis.pdbx_PDB_ins_code 
_struct_mon_prot_cis.auth_comp_id 
_struct_mon_prot_cis.auth_seq_id 
_struct_mon_prot_cis.auth_asym_id 
_struct_mon_prot_cis.pdbx_label_comp_id_2 
_struct_mon_prot_cis.pdbx_label_seq_id_2 
_struct_mon_prot_cis.pdbx_label_asym_id_2 
_struct_mon_prot_cis.pdbx_PDB_ins_code_2 
_struct_mon_prot_cis.pdbx_auth_comp_id_2 
_struct_mon_prot_cis.pdbx_auth_seq_id_2 
_struct_mon_prot_cis.pdbx_auth_asym_id_2 
_struct_mon_prot_cis.pdbx_PDB_model_num 
_struct_mon_prot_cis.pdbx_omega_angle 
1 SER 94 A . ? SER 91 A GLN 95 A ? GLN 92 A 1 -29.10 
2 GLN 95 A . ? GLN 92 A GLY 96 A ? GLY 93 A 1 20.78  
# 
_struct_sheet.id               AA 
_struct_sheet.type             ? 
_struct_sheet.number_strands   7 
_struct_sheet.details          ? 
# 
loop_
_struct_sheet_order.sheet_id 
_struct_sheet_order.range_id_1 
_struct_sheet_order.range_id_2 
_struct_sheet_order.offset 
_struct_sheet_order.sense 
AA 1 2 ? anti-parallel 
AA 2 3 ? anti-parallel 
AA 3 4 ? anti-parallel 
AA 4 5 ? anti-parallel 
AA 5 6 ? anti-parallel 
AA 6 7 ? anti-parallel 
# 
loop_
_struct_sheet_range.sheet_id 
_struct_sheet_range.id 
_struct_sheet_range.beg_label_comp_id 
_struct_sheet_range.beg_label_asym_id 
_struct_sheet_range.beg_label_seq_id 
_struct_sheet_range.pdbx_beg_PDB_ins_code 
_struct_sheet_range.end_label_comp_id 
_struct_sheet_range.end_label_asym_id 
_struct_sheet_range.end_label_seq_id 
_struct_sheet_range.pdbx_end_PDB_ins_code 
_struct_sheet_range.beg_auth_comp_id 
_struct_sheet_range.beg_auth_asym_id 
_struct_sheet_range.beg_auth_seq_id 
_struct_sheet_range.end_auth_comp_id 
_struct_sheet_range.end_auth_asym_id 
_struct_sheet_range.end_auth_seq_id 
AA 1 VAL A 33  ? ALA A 36  ? VAL A 30  ALA A 33  
AA 2 CYS A 19  ? GLY A 26  ? CYS A 16  GLY A 23  
AA 3 VAL A 111 ? GLY A 117 ? VAL A 108 GLY A 114 
AA 4 ASN A 102 ? ARG A 107 ? ASN A 99  ARG A 104 
AA 5 THR A 87  ? THR A 92  ? THR A 84  THR A 89  
AA 6 LYS A 71  ? ASP A 78  ? LYS A 68  ASP A 75  
AA 7 LEU A 66  ? LEU A 68  ? LEU A 63  LEU A 65  
# 
loop_
_pdbx_struct_sheet_hbond.sheet_id 
_pdbx_struct_sheet_hbond.range_id_1 
_pdbx_struct_sheet_hbond.range_id_2 
_pdbx_struct_sheet_hbond.range_1_label_atom_id 
_pdbx_struct_sheet_hbond.range_1_label_comp_id 
_pdbx_struct_sheet_hbond.range_1_label_asym_id 
_pdbx_struct_sheet_hbond.range_1_label_seq_id 
_pdbx_struct_sheet_hbond.range_1_PDB_ins_code 
_pdbx_struct_sheet_hbond.range_1_auth_atom_id 
_pdbx_struct_sheet_hbond.range_1_auth_comp_id 
_pdbx_struct_sheet_hbond.range_1_auth_asym_id 
_pdbx_struct_sheet_hbond.range_1_auth_seq_id 
_pdbx_struct_sheet_hbond.range_2_label_atom_id 
_pdbx_struct_sheet_hbond.range_2_label_comp_id 
_pdbx_struct_sheet_hbond.range_2_label_asym_id 
_pdbx_struct_sheet_hbond.range_2_label_seq_id 
_pdbx_struct_sheet_hbond.range_2_PDB_ins_code 
_pdbx_struct_sheet_hbond.range_2_auth_atom_id 
_pdbx_struct_sheet_hbond.range_2_auth_comp_id 
_pdbx_struct_sheet_hbond.range_2_auth_asym_id 
_pdbx_struct_sheet_hbond.range_2_auth_seq_id 
AA 1 2 N TRP A 34  ? N TRP A 31  O ILE A 24  ? O ILE A 21  
AA 2 3 N VAL A 25  ? N VAL A 22  O LEU A 112 ? O LEU A 109 
AA 3 4 N GLY A 117 ? N GLY A 114 O ASN A 102 ? O ASN A 99  
AA 4 5 N VAL A 105 ? N VAL A 102 O MET A 88  ? O MET A 85  
AA 5 6 N ARG A 91  ? N ARG A 88  O SER A 74  ? O SER A 71  
AA 6 7 N CYS A 73  ? N CYS A 70  O LEU A 66  ? O LEU A 63  
# 
loop_
_struct_site.id 
_struct_site.pdbx_evidence_code 
_struct_site.pdbx_auth_asym_id 
_struct_site.pdbx_auth_comp_id 
_struct_site.pdbx_auth_seq_id 
_struct_site.pdbx_auth_ins_code 
_struct_site.pdbx_num_residues 
_struct_site.details 
AC1 Software A DTU 1140 ? 3  'BINDING SITE FOR RESIDUE DTU A 1140' 
AC2 Software A DTU 1141 ? 4  'BINDING SITE FOR RESIDUE DTU A 1141' 
AC3 Software A GOL 1142 ? 11 'BINDING SITE FOR RESIDUE GOL A 1142' 
AC4 Software A GOL 1143 ? 8  'BINDING SITE FOR RESIDUE GOL A 1143' 
AC5 Software A SO4 1144 ? 2  'BINDING SITE FOR RESIDUE SO4 A 1144' 
# 
loop_
_struct_site_gen.id 
_struct_site_gen.site_id 
_struct_site_gen.pdbx_num_res 
_struct_site_gen.label_comp_id 
_struct_site_gen.label_asym_id 
_struct_site_gen.label_seq_id 
_struct_site_gen.pdbx_auth_ins_code 
_struct_site_gen.auth_comp_id 
_struct_site_gen.auth_asym_id 
_struct_site_gen.auth_seq_id 
_struct_site_gen.label_atom_id 
_struct_site_gen.label_alt_id 
_struct_site_gen.symmetry 
_struct_site_gen.details 
1  AC1 3  CYS A 28  ? CYS A 25   . ? 1_555 ? 
2  AC1 3  GLY A 109 ? GLY A 106  . ? 1_555 ? 
3  AC1 3  HOH G .   ? HOH A 2217 . ? 1_555 ? 
4  AC2 4  CYS A 15  ? CYS A 12   . ? 1_555 ? 
5  AC2 4  PHE A 62  ? PHE A 59   . ? 3_555 ? 
6  AC2 4  THR A 63  ? THR A 60   . ? 3_555 ? 
7  AC2 4  HOH G .   ? HOH A 2218 . ? 3_555 ? 
8  AC3 11 GLY A 1   ? GLY A -2   . ? 1_555 ? 
9  AC3 11 SER A 2   ? SER A -1   . ? 1_555 ? 
10 AC3 11 GLY A 5   ? GLY A 2    . ? 1_555 ? 
11 AC3 11 TRP A 6   ? TRP A 3    . ? 1_555 ? 
12 AC3 11 TYR A 9   ? TYR A 6    . ? 1_555 ? 
13 AC3 11 TYR A 136 ? TYR A 133  . ? 1_555 ? 
14 AC3 11 LEU A 137 ? LEU A 134  . ? 1_555 ? 
15 AC3 11 GOL E .   ? GOL A 1143 . ? 1_555 ? 
16 AC3 11 HOH G .   ? HOH A 2050 . ? 4_564 ? 
17 AC3 11 HOH G .   ? HOH A 2219 . ? 1_555 ? 
18 AC3 11 HOH G .   ? HOH A 2220 . ? 1_555 ? 
19 AC4 8  GLY A 1   ? GLY A -2   . ? 1_555 ? 
20 AC4 8  GLN A 20  ? GLN A 17   . ? 4_564 ? 
21 AC4 8  GLU A 98  ? GLU A 95   . ? 4_564 ? 
22 AC4 8  TYR A 101 ? TYR A 98   . ? 4_564 ? 
23 AC4 8  MET A 116 ? MET A 113  . ? 4_564 ? 
24 AC4 8  SER A 140 ? SER A 137  . ? 1_555 ? 
25 AC4 8  GOL D .   ? GOL A 1142 . ? 1_555 ? 
26 AC4 8  HOH G .   ? HOH A 2050 . ? 4_564 ? 
27 AC5 2  ARG A 107 ? ARG A 104  . ? 1_555 ? 
28 AC5 2  ARG A 138 ? ARG A 135  . ? 1_555 ? 
# 
_pdbx_entry_details.entry_id                   2VK3 
_pdbx_entry_details.compound_details           ? 
_pdbx_entry_details.source_details             ? 
_pdbx_entry_details.nonpolymer_details         ? 
_pdbx_entry_details.sequence_details           ? 
_pdbx_entry_details.has_ligand_of_interest     ? 
_pdbx_entry_details.has_protein_modification   Y 
# 
_pdbx_validate_close_contact.id               1 
_pdbx_validate_close_contact.PDB_model_num    1 
_pdbx_validate_close_contact.auth_atom_id_1   OG 
_pdbx_validate_close_contact.auth_asym_id_1   A 
_pdbx_validate_close_contact.auth_comp_id_1   SER 
_pdbx_validate_close_contact.auth_seq_id_1    76 
_pdbx_validate_close_contact.PDB_ins_code_1   ? 
_pdbx_validate_close_contact.label_alt_id_1   ? 
_pdbx_validate_close_contact.auth_atom_id_2   O 
_pdbx_validate_close_contact.auth_asym_id_2   A 
_pdbx_validate_close_contact.auth_comp_id_2   HOH 
_pdbx_validate_close_contact.auth_seq_id_2    2152 
_pdbx_validate_close_contact.PDB_ins_code_2   ? 
_pdbx_validate_close_contact.label_alt_id_2   ? 
_pdbx_validate_close_contact.dist             2.17 
# 
_pdbx_validate_symm_contact.id                1 
_pdbx_validate_symm_contact.PDB_model_num     1 
_pdbx_validate_symm_contact.auth_atom_id_1    O 
_pdbx_validate_symm_contact.auth_asym_id_1    A 
_pdbx_validate_symm_contact.auth_comp_id_1    HOH 
_pdbx_validate_symm_contact.auth_seq_id_1     2066 
_pdbx_validate_symm_contact.PDB_ins_code_1    ? 
_pdbx_validate_symm_contact.label_alt_id_1    ? 
_pdbx_validate_symm_contact.site_symmetry_1   1_555 
_pdbx_validate_symm_contact.auth_atom_id_2    O 
_pdbx_validate_symm_contact.auth_asym_id_2    A 
_pdbx_validate_symm_contact.auth_comp_id_2    HOH 
_pdbx_validate_symm_contact.auth_seq_id_2     2090 
_pdbx_validate_symm_contact.PDB_ins_code_2    ? 
_pdbx_validate_symm_contact.label_alt_id_2    ? 
_pdbx_validate_symm_contact.site_symmetry_2   4_564 
_pdbx_validate_symm_contact.dist              2.17 
# 
loop_
_pdbx_validate_rmsd_angle.id 
_pdbx_validate_rmsd_angle.PDB_model_num 
_pdbx_validate_rmsd_angle.auth_atom_id_1 
_pdbx_validate_rmsd_angle.auth_asym_id_1 
_pdbx_validate_rmsd_angle.auth_comp_id_1 
_pdbx_validate_rmsd_angle.auth_seq_id_1 
_pdbx_validate_rmsd_angle.PDB_ins_code_1 
_pdbx_validate_rmsd_angle.label_alt_id_1 
_pdbx_validate_rmsd_angle.auth_atom_id_2 
_pdbx_validate_rmsd_angle.auth_asym_id_2 
_pdbx_validate_rmsd_angle.auth_comp_id_2 
_pdbx_validate_rmsd_angle.auth_seq_id_2 
_pdbx_validate_rmsd_angle.PDB_ins_code_2 
_pdbx_validate_rmsd_angle.label_alt_id_2 
_pdbx_validate_rmsd_angle.auth_atom_id_3 
_pdbx_validate_rmsd_angle.auth_asym_id_3 
_pdbx_validate_rmsd_angle.auth_comp_id_3 
_pdbx_validate_rmsd_angle.auth_seq_id_3 
_pdbx_validate_rmsd_angle.PDB_ins_code_3 
_pdbx_validate_rmsd_angle.label_alt_id_3 
_pdbx_validate_rmsd_angle.angle_value 
_pdbx_validate_rmsd_angle.angle_target_value 
_pdbx_validate_rmsd_angle.angle_deviation 
_pdbx_validate_rmsd_angle.angle_standard_deviation 
_pdbx_validate_rmsd_angle.linker_flag 
1 1 NE A ARG 107 ? ? CZ A ARG 107 ? ? NH1 A ARG 107 ? ? 117.03 120.30 -3.27 0.50 N 
2 1 NE A ARG 107 ? ? CZ A ARG 107 ? ? NH2 A ARG 107 ? ? 123.44 120.30 3.14  0.50 N 
# 
loop_
_pdbx_validate_torsion.id 
_pdbx_validate_torsion.PDB_model_num 
_pdbx_validate_torsion.auth_comp_id 
_pdbx_validate_torsion.auth_asym_id 
_pdbx_validate_torsion.auth_seq_id 
_pdbx_validate_torsion.PDB_ins_code 
_pdbx_validate_torsion.label_alt_id 
_pdbx_validate_torsion.phi 
_pdbx_validate_torsion.psi 
1 1 CYS A 25  ? ? -117.62 -108.68 
2 1 ASP A 82  ? ? -139.69 -67.65  
3 1 GLN A 92  ? ? -142.11 -62.50  
4 1 ARG A 107 ? ? -140.17 -4.08   
# 
_pdbx_validate_peptide_omega.id               1 
_pdbx_validate_peptide_omega.PDB_model_num    1 
_pdbx_validate_peptide_omega.auth_comp_id_1   CYS 
_pdbx_validate_peptide_omega.auth_asym_id_1   A 
_pdbx_validate_peptide_omega.auth_seq_id_1    15 
_pdbx_validate_peptide_omega.PDB_ins_code_1   ? 
_pdbx_validate_peptide_omega.label_alt_id_1   ? 
_pdbx_validate_peptide_omega.auth_comp_id_2   CYS 
_pdbx_validate_peptide_omega.auth_asym_id_2   A 
_pdbx_validate_peptide_omega.auth_seq_id_2    16 
_pdbx_validate_peptide_omega.PDB_ins_code_2   ? 
_pdbx_validate_peptide_omega.label_alt_id_2   ? 
_pdbx_validate_peptide_omega.omega            -146.62 
# 
loop_
_pdbx_distant_solvent_atoms.id 
_pdbx_distant_solvent_atoms.PDB_model_num 
_pdbx_distant_solvent_atoms.auth_atom_id 
_pdbx_distant_solvent_atoms.label_alt_id 
_pdbx_distant_solvent_atoms.auth_asym_id 
_pdbx_distant_solvent_atoms.auth_comp_id 
_pdbx_distant_solvent_atoms.auth_seq_id 
_pdbx_distant_solvent_atoms.PDB_ins_code 
_pdbx_distant_solvent_atoms.neighbor_macromolecule_distance 
_pdbx_distant_solvent_atoms.neighbor_ligand_distance 
1 1 O ? A HOH 2015 ? 6.57 . 
2 1 O ? A HOH 2018 ? 5.91 . 
3 1 O ? A HOH 2030 ? 6.16 . 
# 
loop_
_chem_comp_atom.comp_id 
_chem_comp_atom.atom_id 
_chem_comp_atom.type_symbol 
_chem_comp_atom.pdbx_aromatic_flag 
_chem_comp_atom.pdbx_stereo_config 
_chem_comp_atom.pdbx_ordinal 
ALA N    N N N 1   
ALA CA   C N S 2   
ALA C    C N N 3   
ALA O    O N N 4   
ALA CB   C N N 5   
ALA OXT  O N N 6   
ALA H    H N N 7   
ALA H2   H N N 8   
ALA HA   H N N 9   
ALA HB1  H N N 10  
ALA HB2  H N N 11  
ALA HB3  H N N 12  
ALA HXT  H N N 13  
ARG N    N N N 14  
ARG CA   C N S 15  
ARG C    C N N 16  
ARG O    O N N 17  
ARG CB   C N N 18  
ARG CG   C N N 19  
ARG CD   C N N 20  
ARG NE   N N N 21  
ARG CZ   C N N 22  
ARG NH1  N N N 23  
ARG NH2  N N N 24  
ARG OXT  O N N 25  
ARG H    H N N 26  
ARG H2   H N N 27  
ARG HA   H N N 28  
ARG HB2  H N N 29  
ARG HB3  H N N 30  
ARG HG2  H N N 31  
ARG HG3  H N N 32  
ARG HD2  H N N 33  
ARG HD3  H N N 34  
ARG HE   H N N 35  
ARG HH11 H N N 36  
ARG HH12 H N N 37  
ARG HH21 H N N 38  
ARG HH22 H N N 39  
ARG HXT  H N N 40  
ASN N    N N N 41  
ASN CA   C N S 42  
ASN C    C N N 43  
ASN O    O N N 44  
ASN CB   C N N 45  
ASN CG   C N N 46  
ASN OD1  O N N 47  
ASN ND2  N N N 48  
ASN OXT  O N N 49  
ASN H    H N N 50  
ASN H2   H N N 51  
ASN HA   H N N 52  
ASN HB2  H N N 53  
ASN HB3  H N N 54  
ASN HD21 H N N 55  
ASN HD22 H N N 56  
ASN HXT  H N N 57  
ASP N    N N N 58  
ASP CA   C N S 59  
ASP C    C N N 60  
ASP O    O N N 61  
ASP CB   C N N 62  
ASP CG   C N N 63  
ASP OD1  O N N 64  
ASP OD2  O N N 65  
ASP OXT  O N N 66  
ASP H    H N N 67  
ASP H2   H N N 68  
ASP HA   H N N 69  
ASP HB2  H N N 70  
ASP HB3  H N N 71  
ASP HD2  H N N 72  
ASP HXT  H N N 73  
CYS N    N N N 74  
CYS CA   C N R 75  
CYS C    C N N 76  
CYS O    O N N 77  
CYS CB   C N N 78  
CYS SG   S N N 79  
CYS OXT  O N N 80  
CYS H    H N N 81  
CYS H2   H N N 82  
CYS HA   H N N 83  
CYS HB2  H N N 84  
CYS HB3  H N N 85  
CYS HG   H N N 86  
CYS HXT  H N N 87  
DTU S1   S N N 88  
DTU C1   C N N 89  
DTU C2   C N S 90  
DTU O2   O N N 91  
DTU C3   C N R 92  
DTU O3   O N N 93  
DTU C4   C N N 94  
DTU S4   S N N 95  
DTU H1   H N N 96  
DTU H1C1 H N N 97  
DTU H1C2 H N N 98  
DTU H2   H N N 99  
DTU HA   H N N 100 
DTU H3   H N N 101 
DTU HB   H N N 102 
DTU H4C1 H N N 103 
DTU H4C2 H N N 104 
DTU H4   H N N 105 
GLN N    N N N 106 
GLN CA   C N S 107 
GLN C    C N N 108 
GLN O    O N N 109 
GLN CB   C N N 110 
GLN CG   C N N 111 
GLN CD   C N N 112 
GLN OE1  O N N 113 
GLN NE2  N N N 114 
GLN OXT  O N N 115 
GLN H    H N N 116 
GLN H2   H N N 117 
GLN HA   H N N 118 
GLN HB2  H N N 119 
GLN HB3  H N N 120 
GLN HG2  H N N 121 
GLN HG3  H N N 122 
GLN HE21 H N N 123 
GLN HE22 H N N 124 
GLN HXT  H N N 125 
GLU N    N N N 126 
GLU CA   C N S 127 
GLU C    C N N 128 
GLU O    O N N 129 
GLU CB   C N N 130 
GLU CG   C N N 131 
GLU CD   C N N 132 
GLU OE1  O N N 133 
GLU OE2  O N N 134 
GLU OXT  O N N 135 
GLU H    H N N 136 
GLU H2   H N N 137 
GLU HA   H N N 138 
GLU HB2  H N N 139 
GLU HB3  H N N 140 
GLU HG2  H N N 141 
GLU HG3  H N N 142 
GLU HE2  H N N 143 
GLU HXT  H N N 144 
GLY N    N N N 145 
GLY CA   C N N 146 
GLY C    C N N 147 
GLY O    O N N 148 
GLY OXT  O N N 149 
GLY H    H N N 150 
GLY H2   H N N 151 
GLY HA2  H N N 152 
GLY HA3  H N N 153 
GLY HXT  H N N 154 
GOL C1   C N N 155 
GOL O1   O N N 156 
GOL C2   C N N 157 
GOL O2   O N N 158 
GOL C3   C N N 159 
GOL O3   O N N 160 
GOL H11  H N N 161 
GOL H12  H N N 162 
GOL HO1  H N N 163 
GOL H2   H N N 164 
GOL HO2  H N N 165 
GOL H31  H N N 166 
GOL H32  H N N 167 
GOL HO3  H N N 168 
HIS N    N N N 169 
HIS CA   C N S 170 
HIS C    C N N 171 
HIS O    O N N 172 
HIS CB   C N N 173 
HIS CG   C Y N 174 
HIS ND1  N Y N 175 
HIS CD2  C Y N 176 
HIS CE1  C Y N 177 
HIS NE2  N Y N 178 
HIS OXT  O N N 179 
HIS H    H N N 180 
HIS H2   H N N 181 
HIS HA   H N N 182 
HIS HB2  H N N 183 
HIS HB3  H N N 184 
HIS HD1  H N N 185 
HIS HD2  H N N 186 
HIS HE1  H N N 187 
HIS HE2  H N N 188 
HIS HXT  H N N 189 
HOH O    O N N 190 
HOH H1   H N N 191 
HOH H2   H N N 192 
ILE N    N N N 193 
ILE CA   C N S 194 
ILE C    C N N 195 
ILE O    O N N 196 
ILE CB   C N S 197 
ILE CG1  C N N 198 
ILE CG2  C N N 199 
ILE CD1  C N N 200 
ILE OXT  O N N 201 
ILE H    H N N 202 
ILE H2   H N N 203 
ILE HA   H N N 204 
ILE HB   H N N 205 
ILE HG12 H N N 206 
ILE HG13 H N N 207 
ILE HG21 H N N 208 
ILE HG22 H N N 209 
ILE HG23 H N N 210 
ILE HD11 H N N 211 
ILE HD12 H N N 212 
ILE HD13 H N N 213 
ILE HXT  H N N 214 
LEU N    N N N 215 
LEU CA   C N S 216 
LEU C    C N N 217 
LEU O    O N N 218 
LEU CB   C N N 219 
LEU CG   C N N 220 
LEU CD1  C N N 221 
LEU CD2  C N N 222 
LEU OXT  O N N 223 
LEU H    H N N 224 
LEU H2   H N N 225 
LEU HA   H N N 226 
LEU HB2  H N N 227 
LEU HB3  H N N 228 
LEU HG   H N N 229 
LEU HD11 H N N 230 
LEU HD12 H N N 231 
LEU HD13 H N N 232 
LEU HD21 H N N 233 
LEU HD22 H N N 234 
LEU HD23 H N N 235 
LEU HXT  H N N 236 
LYS N    N N N 237 
LYS CA   C N S 238 
LYS C    C N N 239 
LYS O    O N N 240 
LYS CB   C N N 241 
LYS CG   C N N 242 
LYS CD   C N N 243 
LYS CE   C N N 244 
LYS NZ   N N N 245 
LYS OXT  O N N 246 
LYS H    H N N 247 
LYS H2   H N N 248 
LYS HA   H N N 249 
LYS HB2  H N N 250 
LYS HB3  H N N 251 
LYS HG2  H N N 252 
LYS HG3  H N N 253 
LYS HD2  H N N 254 
LYS HD3  H N N 255 
LYS HE2  H N N 256 
LYS HE3  H N N 257 
LYS HZ1  H N N 258 
LYS HZ2  H N N 259 
LYS HZ3  H N N 260 
LYS HXT  H N N 261 
MET N    N N N 262 
MET CA   C N S 263 
MET C    C N N 264 
MET O    O N N 265 
MET CB   C N N 266 
MET CG   C N N 267 
MET SD   S N N 268 
MET CE   C N N 269 
MET OXT  O N N 270 
MET H    H N N 271 
MET H2   H N N 272 
MET HA   H N N 273 
MET HB2  H N N 274 
MET HB3  H N N 275 
MET HG2  H N N 276 
MET HG3  H N N 277 
MET HE1  H N N 278 
MET HE2  H N N 279 
MET HE3  H N N 280 
MET HXT  H N N 281 
PHE N    N N N 282 
PHE CA   C N S 283 
PHE C    C N N 284 
PHE O    O N N 285 
PHE CB   C N N 286 
PHE CG   C Y N 287 
PHE CD1  C Y N 288 
PHE CD2  C Y N 289 
PHE CE1  C Y N 290 
PHE CE2  C Y N 291 
PHE CZ   C Y N 292 
PHE OXT  O N N 293 
PHE H    H N N 294 
PHE H2   H N N 295 
PHE HA   H N N 296 
PHE HB2  H N N 297 
PHE HB3  H N N 298 
PHE HD1  H N N 299 
PHE HD2  H N N 300 
PHE HE1  H N N 301 
PHE HE2  H N N 302 
PHE HZ   H N N 303 
PHE HXT  H N N 304 
PRO N    N N N 305 
PRO CA   C N S 306 
PRO C    C N N 307 
PRO O    O N N 308 
PRO CB   C N N 309 
PRO CG   C N N 310 
PRO CD   C N N 311 
PRO OXT  O N N 312 
PRO H    H N N 313 
PRO HA   H N N 314 
PRO HB2  H N N 315 
PRO HB3  H N N 316 
PRO HG2  H N N 317 
PRO HG3  H N N 318 
PRO HD2  H N N 319 
PRO HD3  H N N 320 
PRO HXT  H N N 321 
SER N    N N N 322 
SER CA   C N S 323 
SER C    C N N 324 
SER O    O N N 325 
SER CB   C N N 326 
SER OG   O N N 327 
SER OXT  O N N 328 
SER H    H N N 329 
SER H2   H N N 330 
SER HA   H N N 331 
SER HB2  H N N 332 
SER HB3  H N N 333 
SER HG   H N N 334 
SER HXT  H N N 335 
SO4 S    S N N 336 
SO4 O1   O N N 337 
SO4 O2   O N N 338 
SO4 O3   O N N 339 
SO4 O4   O N N 340 
THR N    N N N 341 
THR CA   C N S 342 
THR C    C N N 343 
THR O    O N N 344 
THR CB   C N R 345 
THR OG1  O N N 346 
THR CG2  C N N 347 
THR OXT  O N N 348 
THR H    H N N 349 
THR H2   H N N 350 
THR HA   H N N 351 
THR HB   H N N 352 
THR HG1  H N N 353 
THR HG21 H N N 354 
THR HG22 H N N 355 
THR HG23 H N N 356 
THR HXT  H N N 357 
TRP N    N N N 358 
TRP CA   C N S 359 
TRP C    C N N 360 
TRP O    O N N 361 
TRP CB   C N N 362 
TRP CG   C Y N 363 
TRP CD1  C Y N 364 
TRP CD2  C Y N 365 
TRP NE1  N Y N 366 
TRP CE2  C Y N 367 
TRP CE3  C Y N 368 
TRP CZ2  C Y N 369 
TRP CZ3  C Y N 370 
TRP CH2  C Y N 371 
TRP OXT  O N N 372 
TRP H    H N N 373 
TRP H2   H N N 374 
TRP HA   H N N 375 
TRP HB2  H N N 376 
TRP HB3  H N N 377 
TRP HD1  H N N 378 
TRP HE1  H N N 379 
TRP HE3  H N N 380 
TRP HZ2  H N N 381 
TRP HZ3  H N N 382 
TRP HH2  H N N 383 
TRP HXT  H N N 384 
TYR N    N N N 385 
TYR CA   C N S 386 
TYR C    C N N 387 
TYR O    O N N 388 
TYR CB   C N N 389 
TYR CG   C Y N 390 
TYR CD1  C Y N 391 
TYR CD2  C Y N 392 
TYR CE1  C Y N 393 
TYR CE2  C Y N 394 
TYR CZ   C Y N 395 
TYR OH   O N N 396 
TYR OXT  O N N 397 
TYR H    H N N 398 
TYR H2   H N N 399 
TYR HA   H N N 400 
TYR HB2  H N N 401 
TYR HB3  H N N 402 
TYR HD1  H N N 403 
TYR HD2  H N N 404 
TYR HE1  H N N 405 
TYR HE2  H N N 406 
TYR HH   H N N 407 
TYR HXT  H N N 408 
VAL N    N N N 409 
VAL CA   C N S 410 
VAL C    C N N 411 
VAL O    O N N 412 
VAL CB   C N N 413 
VAL CG1  C N N 414 
VAL CG2  C N N 415 
VAL OXT  O N N 416 
VAL H    H N N 417 
VAL H2   H N N 418 
VAL HA   H N N 419 
VAL HB   H N N 420 
VAL HG11 H N N 421 
VAL HG12 H N N 422 
VAL HG13 H N N 423 
VAL HG21 H N N 424 
VAL HG22 H N N 425 
VAL HG23 H N N 426 
VAL HXT  H N N 427 
# 
loop_
_chem_comp_bond.comp_id 
_chem_comp_bond.atom_id_1 
_chem_comp_bond.atom_id_2 
_chem_comp_bond.value_order 
_chem_comp_bond.pdbx_aromatic_flag 
_chem_comp_bond.pdbx_stereo_config 
_chem_comp_bond.pdbx_ordinal 
ALA N   CA   sing N N 1   
ALA N   H    sing N N 2   
ALA N   H2   sing N N 3   
ALA CA  C    sing N N 4   
ALA CA  CB   sing N N 5   
ALA CA  HA   sing N N 6   
ALA C   O    doub N N 7   
ALA C   OXT  sing N N 8   
ALA CB  HB1  sing N N 9   
ALA CB  HB2  sing N N 10  
ALA CB  HB3  sing N N 11  
ALA OXT HXT  sing N N 12  
ARG N   CA   sing N N 13  
ARG N   H    sing N N 14  
ARG N   H2   sing N N 15  
ARG CA  C    sing N N 16  
ARG CA  CB   sing N N 17  
ARG CA  HA   sing N N 18  
ARG C   O    doub N N 19  
ARG C   OXT  sing N N 20  
ARG CB  CG   sing N N 21  
ARG CB  HB2  sing N N 22  
ARG CB  HB3  sing N N 23  
ARG CG  CD   sing N N 24  
ARG CG  HG2  sing N N 25  
ARG CG  HG3  sing N N 26  
ARG CD  NE   sing N N 27  
ARG CD  HD2  sing N N 28  
ARG CD  HD3  sing N N 29  
ARG NE  CZ   sing N N 30  
ARG NE  HE   sing N N 31  
ARG CZ  NH1  sing N N 32  
ARG CZ  NH2  doub N N 33  
ARG NH1 HH11 sing N N 34  
ARG NH1 HH12 sing N N 35  
ARG NH2 HH21 sing N N 36  
ARG NH2 HH22 sing N N 37  
ARG OXT HXT  sing N N 38  
ASN N   CA   sing N N 39  
ASN N   H    sing N N 40  
ASN N   H2   sing N N 41  
ASN CA  C    sing N N 42  
ASN CA  CB   sing N N 43  
ASN CA  HA   sing N N 44  
ASN C   O    doub N N 45  
ASN C   OXT  sing N N 46  
ASN CB  CG   sing N N 47  
ASN CB  HB2  sing N N 48  
ASN CB  HB3  sing N N 49  
ASN CG  OD1  doub N N 50  
ASN CG  ND2  sing N N 51  
ASN ND2 HD21 sing N N 52  
ASN ND2 HD22 sing N N 53  
ASN OXT HXT  sing N N 54  
ASP N   CA   sing N N 55  
ASP N   H    sing N N 56  
ASP N   H2   sing N N 57  
ASP CA  C    sing N N 58  
ASP CA  CB   sing N N 59  
ASP CA  HA   sing N N 60  
ASP C   O    doub N N 61  
ASP C   OXT  sing N N 62  
ASP CB  CG   sing N N 63  
ASP CB  HB2  sing N N 64  
ASP CB  HB3  sing N N 65  
ASP CG  OD1  doub N N 66  
ASP CG  OD2  sing N N 67  
ASP OD2 HD2  sing N N 68  
ASP OXT HXT  sing N N 69  
CYS N   CA   sing N N 70  
CYS N   H    sing N N 71  
CYS N   H2   sing N N 72  
CYS CA  C    sing N N 73  
CYS CA  CB   sing N N 74  
CYS CA  HA   sing N N 75  
CYS C   O    doub N N 76  
CYS C   OXT  sing N N 77  
CYS CB  SG   sing N N 78  
CYS CB  HB2  sing N N 79  
CYS CB  HB3  sing N N 80  
CYS SG  HG   sing N N 81  
CYS OXT HXT  sing N N 82  
DTU S1  C1   sing N N 83  
DTU S1  H1   sing N N 84  
DTU C1  C2   sing N N 85  
DTU C1  H1C1 sing N N 86  
DTU C1  H1C2 sing N N 87  
DTU C2  O2   sing N N 88  
DTU C2  C3   sing N N 89  
DTU C2  H2   sing N N 90  
DTU O2  HA   sing N N 91  
DTU C3  O3   sing N N 92  
DTU C3  C4   sing N N 93  
DTU C3  H3   sing N N 94  
DTU O3  HB   sing N N 95  
DTU C4  S4   sing N N 96  
DTU C4  H4C1 sing N N 97  
DTU C4  H4C2 sing N N 98  
DTU S4  H4   sing N N 99  
GLN N   CA   sing N N 100 
GLN N   H    sing N N 101 
GLN N   H2   sing N N 102 
GLN CA  C    sing N N 103 
GLN CA  CB   sing N N 104 
GLN CA  HA   sing N N 105 
GLN C   O    doub N N 106 
GLN C   OXT  sing N N 107 
GLN CB  CG   sing N N 108 
GLN CB  HB2  sing N N 109 
GLN CB  HB3  sing N N 110 
GLN CG  CD   sing N N 111 
GLN CG  HG2  sing N N 112 
GLN CG  HG3  sing N N 113 
GLN CD  OE1  doub N N 114 
GLN CD  NE2  sing N N 115 
GLN NE2 HE21 sing N N 116 
GLN NE2 HE22 sing N N 117 
GLN OXT HXT  sing N N 118 
GLU N   CA   sing N N 119 
GLU N   H    sing N N 120 
GLU N   H2   sing N N 121 
GLU CA  C    sing N N 122 
GLU CA  CB   sing N N 123 
GLU CA  HA   sing N N 124 
GLU C   O    doub N N 125 
GLU C   OXT  sing N N 126 
GLU CB  CG   sing N N 127 
GLU CB  HB2  sing N N 128 
GLU CB  HB3  sing N N 129 
GLU CG  CD   sing N N 130 
GLU CG  HG2  sing N N 131 
GLU CG  HG3  sing N N 132 
GLU CD  OE1  doub N N 133 
GLU CD  OE2  sing N N 134 
GLU OE2 HE2  sing N N 135 
GLU OXT HXT  sing N N 136 
GLY N   CA   sing N N 137 
GLY N   H    sing N N 138 
GLY N   H2   sing N N 139 
GLY CA  C    sing N N 140 
GLY CA  HA2  sing N N 141 
GLY CA  HA3  sing N N 142 
GLY C   O    doub N N 143 
GLY C   OXT  sing N N 144 
GLY OXT HXT  sing N N 145 
GOL C1  O1   sing N N 146 
GOL C1  C2   sing N N 147 
GOL C1  H11  sing N N 148 
GOL C1  H12  sing N N 149 
GOL O1  HO1  sing N N 150 
GOL C2  O2   sing N N 151 
GOL C2  C3   sing N N 152 
GOL C2  H2   sing N N 153 
GOL O2  HO2  sing N N 154 
GOL C3  O3   sing N N 155 
GOL C3  H31  sing N N 156 
GOL C3  H32  sing N N 157 
GOL O3  HO3  sing N N 158 
HIS N   CA   sing N N 159 
HIS N   H    sing N N 160 
HIS N   H2   sing N N 161 
HIS CA  C    sing N N 162 
HIS CA  CB   sing N N 163 
HIS CA  HA   sing N N 164 
HIS C   O    doub N N 165 
HIS C   OXT  sing N N 166 
HIS CB  CG   sing N N 167 
HIS CB  HB2  sing N N 168 
HIS CB  HB3  sing N N 169 
HIS CG  ND1  sing Y N 170 
HIS CG  CD2  doub Y N 171 
HIS ND1 CE1  doub Y N 172 
HIS ND1 HD1  sing N N 173 
HIS CD2 NE2  sing Y N 174 
HIS CD2 HD2  sing N N 175 
HIS CE1 NE2  sing Y N 176 
HIS CE1 HE1  sing N N 177 
HIS NE2 HE2  sing N N 178 
HIS OXT HXT  sing N N 179 
HOH O   H1   sing N N 180 
HOH O   H2   sing N N 181 
ILE N   CA   sing N N 182 
ILE N   H    sing N N 183 
ILE N   H2   sing N N 184 
ILE CA  C    sing N N 185 
ILE CA  CB   sing N N 186 
ILE CA  HA   sing N N 187 
ILE C   O    doub N N 188 
ILE C   OXT  sing N N 189 
ILE CB  CG1  sing N N 190 
ILE CB  CG2  sing N N 191 
ILE CB  HB   sing N N 192 
ILE CG1 CD1  sing N N 193 
ILE CG1 HG12 sing N N 194 
ILE CG1 HG13 sing N N 195 
ILE CG2 HG21 sing N N 196 
ILE CG2 HG22 sing N N 197 
ILE CG2 HG23 sing N N 198 
ILE CD1 HD11 sing N N 199 
ILE CD1 HD12 sing N N 200 
ILE CD1 HD13 sing N N 201 
ILE OXT HXT  sing N N 202 
LEU N   CA   sing N N 203 
LEU N   H    sing N N 204 
LEU N   H2   sing N N 205 
LEU CA  C    sing N N 206 
LEU CA  CB   sing N N 207 
LEU CA  HA   sing N N 208 
LEU C   O    doub N N 209 
LEU C   OXT  sing N N 210 
LEU CB  CG   sing N N 211 
LEU CB  HB2  sing N N 212 
LEU CB  HB3  sing N N 213 
LEU CG  CD1  sing N N 214 
LEU CG  CD2  sing N N 215 
LEU CG  HG   sing N N 216 
LEU CD1 HD11 sing N N 217 
LEU CD1 HD12 sing N N 218 
LEU CD1 HD13 sing N N 219 
LEU CD2 HD21 sing N N 220 
LEU CD2 HD22 sing N N 221 
LEU CD2 HD23 sing N N 222 
LEU OXT HXT  sing N N 223 
LYS N   CA   sing N N 224 
LYS N   H    sing N N 225 
LYS N   H2   sing N N 226 
LYS CA  C    sing N N 227 
LYS CA  CB   sing N N 228 
LYS CA  HA   sing N N 229 
LYS C   O    doub N N 230 
LYS C   OXT  sing N N 231 
LYS CB  CG   sing N N 232 
LYS CB  HB2  sing N N 233 
LYS CB  HB3  sing N N 234 
LYS CG  CD   sing N N 235 
LYS CG  HG2  sing N N 236 
LYS CG  HG3  sing N N 237 
LYS CD  CE   sing N N 238 
LYS CD  HD2  sing N N 239 
LYS CD  HD3  sing N N 240 
LYS CE  NZ   sing N N 241 
LYS CE  HE2  sing N N 242 
LYS CE  HE3  sing N N 243 
LYS NZ  HZ1  sing N N 244 
LYS NZ  HZ2  sing N N 245 
LYS NZ  HZ3  sing N N 246 
LYS OXT HXT  sing N N 247 
MET N   CA   sing N N 248 
MET N   H    sing N N 249 
MET N   H2   sing N N 250 
MET CA  C    sing N N 251 
MET CA  CB   sing N N 252 
MET CA  HA   sing N N 253 
MET C   O    doub N N 254 
MET C   OXT  sing N N 255 
MET CB  CG   sing N N 256 
MET CB  HB2  sing N N 257 
MET CB  HB3  sing N N 258 
MET CG  SD   sing N N 259 
MET CG  HG2  sing N N 260 
MET CG  HG3  sing N N 261 
MET SD  CE   sing N N 262 
MET CE  HE1  sing N N 263 
MET CE  HE2  sing N N 264 
MET CE  HE3  sing N N 265 
MET OXT HXT  sing N N 266 
PHE N   CA   sing N N 267 
PHE N   H    sing N N 268 
PHE N   H2   sing N N 269 
PHE CA  C    sing N N 270 
PHE CA  CB   sing N N 271 
PHE CA  HA   sing N N 272 
PHE C   O    doub N N 273 
PHE C   OXT  sing N N 274 
PHE CB  CG   sing N N 275 
PHE CB  HB2  sing N N 276 
PHE CB  HB3  sing N N 277 
PHE CG  CD1  doub Y N 278 
PHE CG  CD2  sing Y N 279 
PHE CD1 CE1  sing Y N 280 
PHE CD1 HD1  sing N N 281 
PHE CD2 CE2  doub Y N 282 
PHE CD2 HD2  sing N N 283 
PHE CE1 CZ   doub Y N 284 
PHE CE1 HE1  sing N N 285 
PHE CE2 CZ   sing Y N 286 
PHE CE2 HE2  sing N N 287 
PHE CZ  HZ   sing N N 288 
PHE OXT HXT  sing N N 289 
PRO N   CA   sing N N 290 
PRO N   CD   sing N N 291 
PRO N   H    sing N N 292 
PRO CA  C    sing N N 293 
PRO CA  CB   sing N N 294 
PRO CA  HA   sing N N 295 
PRO C   O    doub N N 296 
PRO C   OXT  sing N N 297 
PRO CB  CG   sing N N 298 
PRO CB  HB2  sing N N 299 
PRO CB  HB3  sing N N 300 
PRO CG  CD   sing N N 301 
PRO CG  HG2  sing N N 302 
PRO CG  HG3  sing N N 303 
PRO CD  HD2  sing N N 304 
PRO CD  HD3  sing N N 305 
PRO OXT HXT  sing N N 306 
SER N   CA   sing N N 307 
SER N   H    sing N N 308 
SER N   H2   sing N N 309 
SER CA  C    sing N N 310 
SER CA  CB   sing N N 311 
SER CA  HA   sing N N 312 
SER C   O    doub N N 313 
SER C   OXT  sing N N 314 
SER CB  OG   sing N N 315 
SER CB  HB2  sing N N 316 
SER CB  HB3  sing N N 317 
SER OG  HG   sing N N 318 
SER OXT HXT  sing N N 319 
SO4 S   O1   doub N N 320 
SO4 S   O2   doub N N 321 
SO4 S   O3   sing N N 322 
SO4 S   O4   sing N N 323 
THR N   CA   sing N N 324 
THR N   H    sing N N 325 
THR N   H2   sing N N 326 
THR CA  C    sing N N 327 
THR CA  CB   sing N N 328 
THR CA  HA   sing N N 329 
THR C   O    doub N N 330 
THR C   OXT  sing N N 331 
THR CB  OG1  sing N N 332 
THR CB  CG2  sing N N 333 
THR CB  HB   sing N N 334 
THR OG1 HG1  sing N N 335 
THR CG2 HG21 sing N N 336 
THR CG2 HG22 sing N N 337 
THR CG2 HG23 sing N N 338 
THR OXT HXT  sing N N 339 
TRP N   CA   sing N N 340 
TRP N   H    sing N N 341 
TRP N   H2   sing N N 342 
TRP CA  C    sing N N 343 
TRP CA  CB   sing N N 344 
TRP CA  HA   sing N N 345 
TRP C   O    doub N N 346 
TRP C   OXT  sing N N 347 
TRP CB  CG   sing N N 348 
TRP CB  HB2  sing N N 349 
TRP CB  HB3  sing N N 350 
TRP CG  CD1  doub Y N 351 
TRP CG  CD2  sing Y N 352 
TRP CD1 NE1  sing Y N 353 
TRP CD1 HD1  sing N N 354 
TRP CD2 CE2  doub Y N 355 
TRP CD2 CE3  sing Y N 356 
TRP NE1 CE2  sing Y N 357 
TRP NE1 HE1  sing N N 358 
TRP CE2 CZ2  sing Y N 359 
TRP CE3 CZ3  doub Y N 360 
TRP CE3 HE3  sing N N 361 
TRP CZ2 CH2  doub Y N 362 
TRP CZ2 HZ2  sing N N 363 
TRP CZ3 CH2  sing Y N 364 
TRP CZ3 HZ3  sing N N 365 
TRP CH2 HH2  sing N N 366 
TRP OXT HXT  sing N N 367 
TYR N   CA   sing N N 368 
TYR N   H    sing N N 369 
TYR N   H2   sing N N 370 
TYR CA  C    sing N N 371 
TYR CA  CB   sing N N 372 
TYR CA  HA   sing N N 373 
TYR C   O    doub N N 374 
TYR C   OXT  sing N N 375 
TYR CB  CG   sing N N 376 
TYR CB  HB2  sing N N 377 
TYR CB  HB3  sing N N 378 
TYR CG  CD1  doub Y N 379 
TYR CG  CD2  sing Y N 380 
TYR CD1 CE1  sing Y N 381 
TYR CD1 HD1  sing N N 382 
TYR CD2 CE2  doub Y N 383 
TYR CD2 HD2  sing N N 384 
TYR CE1 CZ   doub Y N 385 
TYR CE1 HE1  sing N N 386 
TYR CE2 CZ   sing Y N 387 
TYR CE2 HE2  sing N N 388 
TYR CZ  OH   sing N N 389 
TYR OH  HH   sing N N 390 
TYR OXT HXT  sing N N 391 
VAL N   CA   sing N N 392 
VAL N   H    sing N N 393 
VAL N   H2   sing N N 394 
VAL CA  C    sing N N 395 
VAL CA  CB   sing N N 396 
VAL CA  HA   sing N N 397 
VAL C   O    doub N N 398 
VAL C   OXT  sing N N 399 
VAL CB  CG1  sing N N 400 
VAL CB  CG2  sing N N 401 
VAL CB  HB   sing N N 402 
VAL CG1 HG11 sing N N 403 
VAL CG1 HG12 sing N N 404 
VAL CG1 HG13 sing N N 405 
VAL CG2 HG21 sing N N 406 
VAL CG2 HG22 sing N N 407 
VAL CG2 HG23 sing N N 408 
VAL OXT HXT  sing N N 409 
# 
_pdbx_initial_refinement_model.id               1 
_pdbx_initial_refinement_model.entity_id_list   ? 
_pdbx_initial_refinement_model.type             'experimental model' 
_pdbx_initial_refinement_model.source_name      PDB 
_pdbx_initial_refinement_model.accession_code   2V8F 
_pdbx_initial_refinement_model.details          'PDB ENTRY 2V8F' 
# 
_atom_sites.entry_id                    2VK3 
_atom_sites.fract_transf_matrix[1][1]   -0.00360111 
_atom_sites.fract_transf_matrix[1][2]   -0.00300439 
_atom_sites.fract_transf_matrix[1][3]   0.01899872 
_atom_sites.fract_transf_matrix[2][1]   -0.01058185 
_atom_sites.fract_transf_matrix[2][2]   -0.01583151 
_atom_sites.fract_transf_matrix[2][3]   -0.00450928 
_atom_sites.fract_transf_matrix[3][1]   0.01215621 
_atom_sites.fract_transf_matrix[3][2]   -0.00840306 
_atom_sites.fract_transf_matrix[3][3]   0.00097532 
_atom_sites.fract_transf_vector[1]      0.323815 
_atom_sites.fract_transf_vector[2]      0.171548 
_atom_sites.fract_transf_vector[3]      0.011534 
# 
loop_
_atom_type.symbol 
C 
N 
O 
S 
# 
loop_
_atom_site.group_PDB 
_atom_site.id 
_atom_site.type_symbol 
_atom_site.label_atom_id 
_atom_site.label_alt_id 
_atom_site.label_comp_id 
_atom_site.label_asym_id 
_atom_site.label_entity_id 
_atom_site.label_seq_id 
_atom_site.pdbx_PDB_ins_code 
_atom_site.Cartn_x 
_atom_site.Cartn_y 
_atom_site.Cartn_z 
_atom_site.occupancy 
_atom_site.B_iso_or_equiv 
_atom_site.pdbx_formal_charge 
_atom_site.auth_seq_id 
_atom_site.auth_comp_id 
_atom_site.auth_asym_id 
_atom_site.auth_atom_id 
_atom_site.pdbx_PDB_model_num 
ATOM   1    N N   . GLY A 1 1   ? -14.736 -10.310 -10.647 1.00 31.42 ? -2   GLY A N   1 
ATOM   2    C CA  . GLY A 1 1   ? -13.782 -10.483 -9.446  1.00 36.20 ? -2   GLY A CA  1 
ATOM   3    C C   . GLY A 1 1   ? -14.226 -11.279 -8.204  1.00 39.01 ? -2   GLY A C   1 
ATOM   4    O O   . GLY A 1 1   ? -15.293 -11.063 -7.698  1.00 39.86 ? -2   GLY A O   1 
ATOM   5    N N   . SER A 1 2   ? -13.348 -12.147 -7.697  1.00 39.55 ? -1   SER A N   1 
ATOM   6    C CA  . SER A 1 2   ? -13.609 -13.107 -6.648  1.00 35.05 ? -1   SER A CA  1 
ATOM   7    C C   . SER A 1 2   ? -12.541 -12.996 -5.480  1.00 33.95 ? -1   SER A C   1 
ATOM   8    O O   . SER A 1 2   ? -11.382 -12.605 -5.717  1.00 34.02 ? -1   SER A O   1 
ATOM   9    C CB  . SER A 1 2   ? -13.617 -14.521 -7.273  1.00 36.66 ? -1   SER A CB  1 
ATOM   10   O OG  . SER A 1 2   ? -12.746 -15.441 -6.591  1.00 36.77 ? -1   SER A OG  1 
ATOM   11   N N   A MET A 1 3   ? -12.937 -13.323 -4.256  0.50 33.31 ? 0    MET A N   1 
ATOM   12   N N   B MET A 1 3   ? -12.942 -13.364 -4.271  0.50 33.41 ? 0    MET A N   1 
ATOM   13   C CA  A MET A 1 3   ? -12.062 -13.106 -3.082  0.50 33.10 ? 0    MET A CA  1 
ATOM   14   C CA  B MET A 1 3   ? -12.105 -13.174 -3.072  0.50 33.26 ? 0    MET A CA  1 
ATOM   15   C C   A MET A 1 3   ? -10.912 -14.116 -2.966  0.50 33.44 ? 0    MET A C   1 
ATOM   16   C C   B MET A 1 3   ? -10.909 -14.100 -3.031  0.50 33.55 ? 0    MET A C   1 
ATOM   17   O O   A MET A 1 3   ? -9.838  -13.773 -2.466  0.50 31.07 ? 0    MET A O   1 
ATOM   18   O O   B MET A 1 3   ? -9.806  -13.691 -2.658  0.50 31.05 ? 0    MET A O   1 
ATOM   19   C CB  A MET A 1 3   ? -12.865 -13.070 -1.772  0.50 32.20 ? 0    MET A CB  1 
ATOM   20   C CB  B MET A 1 3   ? -12.932 -13.376 -1.802  0.50 32.73 ? 0    MET A CB  1 
ATOM   21   C CG  A MET A 1 3   ? -13.578 -11.732 -1.526  0.50 30.94 ? 0    MET A CG  1 
ATOM   22   C CG  B MET A 1 3   ? -14.058 -12.390 -1.696  0.50 30.76 ? 0    MET A CG  1 
ATOM   23   S SD  A MET A 1 3   ? -12.445 -10.337 -1.359  0.50 31.75 ? 0    MET A SD  1 
ATOM   24   S SD  B MET A 1 3   ? -13.455 -10.719 -1.927  0.50 24.42 ? 0    MET A SD  1 
ATOM   25   C CE  A MET A 1 3   ? -13.529 -8.950  -1.389  0.50 12.27 ? 0    MET A CE  1 
ATOM   26   C CE  B MET A 1 3   ? -13.016 -10.356 -0.222  0.50 23.01 ? 0    MET A CE  1 
ATOM   27   N N   . ALA A 1 4   ? -11.140 -15.351 -3.415  1.00 33.28 ? 1    ALA A N   1 
ATOM   28   C CA  . ALA A 1 4   ? -10.054 -16.313 -3.557  1.00 31.28 ? 1    ALA A CA  1 
ATOM   29   C C   . ALA A 1 4   ? -9.157  -15.796 -4.693  1.00 31.12 ? 1    ALA A C   1 
ATOM   30   O O   . ALA A 1 4   ? -7.932  -15.942 -4.681  1.00 29.95 ? 1    ALA A O   1 
ATOM   31   C CB  . ALA A 1 4   ? -10.615 -17.735 -3.863  1.00 31.44 ? 1    ALA A CB  1 
ATOM   32   N N   . GLY A 1 5   ? -9.791  -15.180 -5.680  1.00 27.84 ? 2    GLY A N   1 
ATOM   33   C CA  . GLY A 1 5   ? -9.097  -14.460 -6.713  1.00 26.01 ? 2    GLY A CA  1 
ATOM   34   C C   . GLY A 1 5   ? -8.194  -13.377 -6.193  1.00 23.68 ? 2    GLY A C   1 
ATOM   35   O O   . GLY A 1 5   ? -7.053  -13.202 -6.672  1.00 19.58 ? 2    GLY A O   1 
ATOM   36   N N   . TRP A 1 6   ? -8.718  -12.592 -5.252  1.00 21.99 ? 3    TRP A N   1 
ATOM   37   C CA  . TRP A 1 6   ? -7.945  -11.476 -4.727  1.00 19.84 ? 3    TRP A CA  1 
ATOM   38   C C   . TRP A 1 6   ? -6.831  -12.028 -3.884  1.00 15.32 ? 3    TRP A C   1 
ATOM   39   O O   . TRP A 1 6   ? -5.751  -11.470 -3.857  1.00 15.72 ? 3    TRP A O   1 
ATOM   40   C CB  . TRP A 1 6   ? -8.814  -10.498 -3.947  1.00 17.33 ? 3    TRP A CB  1 
ATOM   41   C CG  . TRP A 1 6   ? -9.634  -9.611  -4.846  1.00 20.50 ? 3    TRP A CG  1 
ATOM   42   C CD1 . TRP A 1 6   ? -10.989 -9.658  -4.968  1.00 22.85 ? 3    TRP A CD1 1 
ATOM   43   C CD2 . TRP A 1 6   ? -9.188  -8.536  -5.713  1.00 13.16 ? 3    TRP A CD2 1 
ATOM   44   N NE1 . TRP A 1 6   ? -11.422 -8.689  -5.855  1.00 20.19 ? 3    TRP A NE1 1 
ATOM   45   C CE2 . TRP A 1 6   ? -10.338 -7.993  -6.320  1.00 12.71 ? 3    TRP A CE2 1 
ATOM   46   C CE3 . TRP A 1 6   ? -7.939  -8.005  -6.073  1.00 14.81 ? 3    TRP A CE3 1 
ATOM   47   C CZ2 . TRP A 1 6   ? -10.274 -6.941  -7.233  1.00 14.96 ? 3    TRP A CZ2 1 
ATOM   48   C CZ3 . TRP A 1 6   ? -7.873  -6.950  -6.952  1.00 19.97 ? 3    TRP A CZ3 1 
ATOM   49   C CH2 . TRP A 1 6   ? -9.042  -6.433  -7.543  1.00 19.00 ? 3    TRP A CH2 1 
ATOM   50   N N   . GLN A 1 7   ? -7.039  -13.149 -3.207  1.00 16.31 ? 4    GLN A N   1 
ATOM   51   C CA  . GLN A 1 7   ? -5.953  -13.675 -2.393  1.00 17.71 ? 4    GLN A CA  1 
ATOM   52   C C   . GLN A 1 7   ? -4.824  -14.146 -3.317  1.00 18.14 ? 4    GLN A C   1 
ATOM   53   O O   . GLN A 1 7   ? -3.654  -13.937 -3.038  1.00 16.72 ? 4    GLN A O   1 
ATOM   54   C CB  . GLN A 1 7   ? -6.444  -14.881 -1.563  1.00 19.58 ? 4    GLN A CB  1 
ATOM   55   C CG  . GLN A 1 7   ? -5.388  -15.371 -0.547  1.00 17.11 ? 4    GLN A CG  1 
ATOM   56   C CD  . GLN A 1 7   ? -5.138  -14.309 0.506   1.00 16.21 ? 4    GLN A CD  1 
ATOM   57   O OE1 . GLN A 1 7   ? -6.052  -13.948 1.196   1.00 21.05 ? 4    GLN A OE1 1 
ATOM   58   N NE2 . GLN A 1 7   ? -3.886  -13.810 0.610   1.00 19.30 ? 4    GLN A NE2 1 
ATOM   59   N N   . SER A 1 8   ? -5.186  -14.852 -4.392  1.00 20.83 ? 5    SER A N   1 
ATOM   60   C CA  . SER A 1 8   ? -4.154  -15.286 -5.344  1.00 20.65 ? 5    SER A CA  1 
ATOM   61   C C   . SER A 1 8   ? -3.382  -14.128 -5.905  1.00 18.52 ? 5    SER A C   1 
ATOM   62   O O   . SER A 1 8   ? -2.169  -14.156 -6.074  1.00 20.51 ? 5    SER A O   1 
ATOM   63   C CB  . SER A 1 8   ? -4.776  -16.023 -6.529  1.00 27.98 ? 5    SER A CB  1 
ATOM   64   O OG  . SER A 1 8   ? -5.549  -17.116 -6.080  1.00 34.38 ? 5    SER A OG  1 
ATOM   65   N N   . TYR A 1 9   ? -4.115  -13.067 -6.224  1.00 18.08 ? 6    TYR A N   1 
ATOM   66   C CA  . TYR A 1 9   ? -3.469  -11.893 -6.765  1.00 17.59 ? 6    TYR A CA  1 
ATOM   67   C C   . TYR A 1 9   ? -2.433  -11.366 -5.785  1.00 16.53 ? 6    TYR A C   1 
ATOM   68   O O   . TYR A 1 9   ? -1.290  -11.134 -6.161  1.00 19.89 ? 6    TYR A O   1 
ATOM   69   C CB  . TYR A 1 9   ? -4.494  -10.828 -7.149  1.00 18.97 ? 6    TYR A CB  1 
ATOM   70   C CG  . TYR A 1 9   ? -3.879  -9.639  -7.843  1.00 17.45 ? 6    TYR A CG  1 
ATOM   71   C CD1 . TYR A 1 9   ? -3.401  -9.758  -9.123  1.00 18.88 ? 6    TYR A CD1 1 
ATOM   72   C CD2 . TYR A 1 9   ? -3.761  -8.391  -7.210  1.00 14.13 ? 6    TYR A CD2 1 
ATOM   73   C CE1 . TYR A 1 9   ? -2.843  -8.681  -9.775  1.00 17.02 ? 6    TYR A CE1 1 
ATOM   74   C CE2 . TYR A 1 9   ? -3.211  -7.282  -7.847  1.00 18.20 ? 6    TYR A CE2 1 
ATOM   75   C CZ  . TYR A 1 9   ? -2.719  -7.437  -9.140  1.00 23.01 ? 6    TYR A CZ  1 
ATOM   76   O OH  . TYR A 1 9   ? -2.150  -6.393  -9.785  1.00 20.06 ? 6    TYR A OH  1 
ATOM   77   N N   . VAL A 1 10  ? -2.786  -11.149 -4.516  1.00 16.74 ? 7    VAL A N   1 
ATOM   78   C CA  . VAL A 1 10  ? -1.842  -10.511 -3.633  1.00 17.10 ? 7    VAL A CA  1 
ATOM   79   C C   . VAL A 1 10  ? -0.689  -11.482 -3.336  1.00 16.90 ? 7    VAL A C   1 
ATOM   80   O O   . VAL A 1 10  ? 0.463   -11.063 -3.182  1.00 16.91 ? 7    VAL A O   1 
ATOM   81   C CB  . VAL A 1 10  ? -2.417  -9.988  -2.290  1.00 21.23 ? 7    VAL A CB  1 
ATOM   82   C CG1 . VAL A 1 10  ? -3.377  -8.864  -2.529  1.00 17.22 ? 7    VAL A CG1 1 
ATOM   83   C CG2 . VAL A 1 10  ? -3.007  -11.098 -1.471  1.00 17.45 ? 7    VAL A CG2 1 
ATOM   84   N N   . ASP A 1 11  ? -1.009  -12.769 -3.286  1.00 16.08 ? 8    ASP A N   1 
ATOM   85   C CA  . ASP A 1 11  ? 0.026   -13.793 -3.077  1.00 20.36 ? 8    ASP A CA  1 
ATOM   86   C C   . ASP A 1 11  ? 1.104   -13.817 -4.190  1.00 18.66 ? 8    ASP A C   1 
ATOM   87   O O   . ASP A 1 11  ? 2.225   -14.275 -3.945  1.00 23.01 ? 8    ASP A O   1 
ATOM   88   C CB  . ASP A 1 11  ? -0.620  -15.184 -2.964  1.00 20.79 ? 8    ASP A CB  1 
ATOM   89   C CG  . ASP A 1 11  ? -1.340  -15.383 -1.649  1.00 21.89 ? 8    ASP A CG  1 
ATOM   90   O OD1 . ASP A 1 11  ? -1.193  -14.560 -0.742  1.00 21.65 ? 8    ASP A OD1 1 
ATOM   91   O OD2 . ASP A 1 11  ? -2.065  -16.377 -1.519  1.00 23.44 ? 8    ASP A OD2 1 
ATOM   92   N N   . ASN A 1 12  ? 0.797   -13.282 -5.376  1.00 21.30 ? 9    ASN A N   1 
ATOM   93   C CA  . ASN A 1 12  ? 1.772   -13.158 -6.454  1.00 21.53 ? 9    ASN A CA  1 
ATOM   94   C C   . ASN A 1 12  ? 2.980   -12.407 -5.957  1.00 20.49 ? 9    ASN A C   1 
ATOM   95   O O   . ASN A 1 12  ? 4.093   -12.695 -6.333  1.00 20.96 ? 9    ASN A O   1 
ATOM   96   C CB  . ASN A 1 12  ? 1.257   -12.376 -7.674  1.00 22.49 ? 9    ASN A CB  1 
ATOM   97   C CG  . ASN A 1 12  ? 0.216   -13.136 -8.547  1.00 19.67 ? 9    ASN A CG  1 
ATOM   98   O OD1 . ASN A 1 12  ? -0.598  -12.474 -9.233  1.00 26.50 ? 9    ASN A OD1 1 
ATOM   99   N ND2 . ASN A 1 12  ? 0.279   -14.447 -8.577  1.00 24.64 ? 9    ASN A ND2 1 
ATOM   100  N N   . LEU A 1 13  ? 2.764   -11.409 -5.103  1.00 17.95 ? 10   LEU A N   1 
ATOM   101  C CA  . LEU A 1 13  ? 3.857   -10.580 -4.673  1.00 21.45 ? 10   LEU A CA  1 
ATOM   102  C C   . LEU A 1 13  ? 4.852   -11.283 -3.808  1.00 21.36 ? 10   LEU A C   1 
ATOM   103  O O   . LEU A 1 13  ? 6.009   -10.808 -3.624  1.00 25.64 ? 10   LEU A O   1 
ATOM   104  C CB  . LEU A 1 13  ? 3.332   -9.343  -3.977  1.00 21.84 ? 10   LEU A CB  1 
ATOM   105  C CG  . LEU A 1 13  ? 2.837   -8.283  -4.969  1.00 18.92 ? 10   LEU A CG  1 
ATOM   106  C CD1 . LEU A 1 13  ? 4.028   -7.597  -5.656  1.00 20.23 ? 10   LEU A CD1 1 
ATOM   107  C CD2 . LEU A 1 13  ? 1.827   -8.788  -6.020  1.00 23.28 ? 10   LEU A CD2 1 
ATOM   108  N N   A MET A 1 14  ? 4.460   -12.421 -3.275  0.50 19.38 ? 11   MET A N   1 
ATOM   109  N N   B MET A 1 14  ? 4.420   -12.396 -3.220  0.50 19.94 ? 11   MET A N   1 
ATOM   110  C CA  A MET A 1 14  ? 5.381   -13.163 -2.453  0.50 19.87 ? 11   MET A CA  1 
ATOM   111  C CA  B MET A 1 14  ? 5.330   -13.239 -2.451  0.50 20.81 ? 11   MET A CA  1 
ATOM   112  C C   A MET A 1 14  ? 6.250   -14.087 -3.321  0.50 19.81 ? 11   MET A C   1 
ATOM   113  C C   B MET A 1 14  ? 6.342   -13.886 -3.398  0.50 19.94 ? 11   MET A C   1 
ATOM   114  O O   A MET A 1 14  ? 7.220   -14.662 -2.839  0.50 22.44 ? 11   MET A O   1 
ATOM   115  O O   B MET A 1 14  ? 7.517   -14.028 -3.072  0.50 22.78 ? 11   MET A O   1 
ATOM   116  C CB  A MET A 1 14  ? 4.591   -13.910 -1.403  0.50 20.17 ? 11   MET A CB  1 
ATOM   117  C CB  B MET A 1 14  ? 4.566   -14.323 -1.695  0.50 21.15 ? 11   MET A CB  1 
ATOM   118  C CG  A MET A 1 14  ? 3.715   -12.974 -0.553  0.50 18.64 ? 11   MET A CG  1 
ATOM   119  C CG  B MET A 1 14  ? 3.754   -13.816 -0.475  0.50 26.15 ? 11   MET A CG  1 
ATOM   120  S SD  A MET A 1 14  ? 4.539   -11.596 0.344   0.50 19.77 ? 11   MET A SD  1 
ATOM   121  S SD  B MET A 1 14  ? 4.636   -12.817 0.812   0.50 34.19 ? 11   MET A SD  1 
ATOM   122  C CE  A MET A 1 14  ? 4.218   -10.252 -0.770  0.50 23.39 ? 11   MET A CE  1 
ATOM   123  C CE  B MET A 1 14  ? 6.283   -13.521 0.915   0.50 41.37 ? 11   MET A CE  1 
ATOM   124  N N   . CYS A 1 15  ? 5.880   -14.232 -4.584  1.00 19.86 ? 12   CYS A N   1 
ATOM   125  C CA  . CYS A 1 15  ? 6.761   -14.870 -5.588  1.00 18.14 ? 12   CYS A CA  1 
ATOM   126  C C   . CYS A 1 15  ? 7.610   -13.859 -6.362  1.00 17.04 ? 12   CYS A C   1 
ATOM   127  O O   . CYS A 1 15  ? 8.530   -14.253 -7.040  1.00 18.38 ? 12   CYS A O   1 
ATOM   128  C CB  . CYS A 1 15  ? 5.929   -15.665 -6.554  1.00 18.69 ? 12   CYS A CB  1 
ATOM   129  S SG  . CYS A 1 15  ? 5.010   -17.092 -5.972  1.00 25.19 ? 12   CYS A SG  1 
ATOM   130  N N   . ASP A 1 16  ? 7.357   -12.570 -6.204  1.00 19.03 ? 13   ASP A N   1 
ATOM   131  C CA  . ASP A 1 16  ? 7.963   -11.511 -7.022  1.00 20.27 ? 13   ASP A CA  1 
ATOM   132  C C   . ASP A 1 16  ? 9.438   -11.344 -6.746  1.00 26.31 ? 13   ASP A C   1 
ATOM   133  O O   . ASP A 1 16  ? 10.265  -11.285 -7.689  1.00 26.98 ? 13   ASP A O   1 
ATOM   134  C CB  . ASP A 1 16  ? 7.241   -10.170 -6.826  1.00 18.26 ? 13   ASP A CB  1 
ATOM   135  C CG  . ASP A 1 16  ? 7.934   -9.028  -7.503  1.00 22.46 ? 13   ASP A CG  1 
ATOM   136  O OD1 . ASP A 1 16  ? 9.137   -8.821  -7.226  1.00 19.01 ? 13   ASP A OD1 1 
ATOM   137  O OD2 . ASP A 1 16  ? 7.265   -8.315  -8.322  1.00 19.85 ? 13   ASP A OD2 1 
ATOM   138  N N   . GLY A 1 17  ? 9.755   -11.245 -5.454  1.00 23.45 ? 14   GLY A N   1 
ATOM   139  C CA  . GLY A 1 17  ? 11.127  -11.080 -4.992  1.00 21.74 ? 14   GLY A CA  1 
ATOM   140  C C   . GLY A 1 17  ? 11.318  -9.766  -4.265  1.00 22.23 ? 14   GLY A C   1 
ATOM   141  O O   . GLY A 1 17  ? 12.146  -9.695  -3.375  1.00 24.83 ? 14   GLY A O   1 
ATOM   142  N N   . CYS A 1 18  ? 10.549  -8.739  -4.683  1.00 18.05 ? 15   CYS A N   1 
ATOM   143  C CA  . CYS A 1 18  ? 10.626  -7.382  -4.178  1.00 17.85 ? 15   CYS A CA  1 
ATOM   144  C C   . CYS A 1 18  ? 10.205  -7.350  -2.752  1.00 18.78 ? 15   CYS A C   1 
ATOM   145  O O   . CYS A 1 18  ? 10.668  -6.519  -2.028  1.00 16.13 ? 15   CYS A O   1 
ATOM   146  C CB  . CYS A 1 18  ? 9.665   -6.441  -4.952  1.00 15.56 ? 15   CYS A CB  1 
ATOM   147  S SG  . CYS A 1 18  ? 7.938   -6.942  -4.894  1.00 23.22 ? 15   CYS A SG  1 
ATOM   148  N N   . CYS A 1 19  ? 9.278   -8.235  -2.368  1.00 15.62 ? 16   CYS A N   1 
ATOM   149  C CA  . CYS A 1 19  ? 8.341   -7.841  -1.343  1.00 17.45 ? 16   CYS A CA  1 
ATOM   150  C C   . CYS A 1 19  ? 8.120   -8.837  -0.236  1.00 16.11 ? 16   CYS A C   1 
ATOM   151  O O   . CYS A 1 19  ? 8.156   -10.051 -0.453  1.00 16.91 ? 16   CYS A O   1 
ATOM   152  C CB  . CYS A 1 19  ? 6.998   -7.544  -2.023  1.00 17.12 ? 16   CYS A CB  1 
ATOM   153  S SG  . CYS A 1 19  ? 7.170   -6.139  -3.182  1.00 22.97 ? 16   CYS A SG  1 
ATOM   154  N N   . GLN A 1 20  ? 7.825   -8.283  0.923   1.00 15.74 ? 17   GLN A N   1 
ATOM   155  C CA  . GLN A 1 20  ? 7.524   -9.055  2.124   1.00 18.74 ? 17   GLN A CA  1 
ATOM   156  C C   . GLN A 1 20  ? 6.052   -9.079  2.464   1.00 20.53 ? 17   GLN A C   1 
ATOM   157  O O   . GLN A 1 20  ? 5.623   -9.976  3.170   1.00 18.33 ? 17   GLN A O   1 
ATOM   158  C CB  . GLN A 1 20  ? 8.295   -8.550  3.326   1.00 22.37 ? 17   GLN A CB  1 
ATOM   159  C CG  . GLN A 1 20  ? 7.854   -7.308  3.900   1.00 19.46 ? 17   GLN A CG  1 
ATOM   160  C CD  . GLN A 1 20  ? 8.689   -6.973  5.169   1.00 25.21 ? 17   GLN A CD  1 
ATOM   161  O OE1 . GLN A 1 20  ? 8.421   -7.511  6.254   1.00 27.35 ? 17   GLN A OE1 1 
ATOM   162  N NE2 . GLN A 1 20  ? 9.720   -6.134  5.008   1.00 21.27 ? 17   GLN A NE2 1 
ATOM   163  N N   . GLU A 1 21  ? 5.295   -8.106  1.953   1.00 18.25 ? 18   GLU A N   1 
ATOM   164  C CA  . GLU A 1 21  ? 3.834   -8.177  2.050   1.00 15.64 ? 18   GLU A CA  1 
ATOM   165  C C   . GLU A 1 21  ? 3.137   -7.353  0.993   1.00 14.26 ? 18   GLU A C   1 
ATOM   166  O O   . GLU A 1 21  ? 3.732   -6.494  0.353   1.00 14.76 ? 18   GLU A O   1 
ATOM   167  C CB  . GLU A 1 21  ? 3.268   -7.865  3.422   1.00 20.73 ? 18   GLU A CB  1 
ATOM   168  C CG  . GLU A 1 21  ? 3.763   -6.760  4.210   1.00 20.27 ? 18   GLU A CG  1 
ATOM   169  C CD  . GLU A 1 21  ? 2.935   -6.583  5.493   1.00 17.31 ? 18   GLU A CD  1 
ATOM   170  O OE1 . GLU A 1 21  ? 1.673   -6.574  5.399   1.00 15.16 ? 18   GLU A OE1 1 
ATOM   171  O OE2 . GLU A 1 21  ? 3.545   -6.486  6.584   1.00 17.50 ? 18   GLU A OE2 1 
ATOM   172  N N   . ALA A 1 22  ? 1.843   -7.616  0.851   1.00 14.23 ? 19   ALA A N   1 
ATOM   173  C CA  . ALA A 1 22  ? 1.017   -6.880  -0.080  1.00 12.70 ? 19   ALA A CA  1 
ATOM   174  C C   . ALA A 1 22  ? -0.435  -6.962  0.337   1.00 11.49 ? 19   ALA A C   1 
ATOM   175  O O   . ALA A 1 22  ? -0.827  -7.954  0.948   1.00 13.48 ? 19   ALA A O   1 
ATOM   176  C CB  . ALA A 1 22  ? 1.211   -7.440  -1.494  1.00 13.55 ? 19   ALA A CB  1 
ATOM   177  N N   . ALA A 1 23  ? -1.247  -6.027  -0.146  1.00 12.68 ? 20   ALA A N   1 
ATOM   178  C CA  . ALA A 1 23  ? -2.636  -5.999  0.180   1.00 12.34 ? 20   ALA A CA  1 
ATOM   179  C C   . ALA A 1 23  ? -3.398  -5.238  -0.889  1.00 13.75 ? 20   ALA A C   1 
ATOM   180  O O   . ALA A 1 23  ? -2.908  -4.231  -1.442  1.00 12.69 ? 20   ALA A O   1 
ATOM   181  C CB  . ALA A 1 23  ? -2.823  -5.268  1.535   1.00 13.88 ? 20   ALA A CB  1 
ATOM   182  N N   . ILE A 1 24  ? -4.633  -5.660  -1.103  1.00 13.78 ? 21   ILE A N   1 
ATOM   183  C CA  . ILE A 1 24  ? -5.595  -4.924  -1.874  1.00 12.50 ? 21   ILE A CA  1 
ATOM   184  C C   . ILE A 1 24  ? -6.695  -4.444  -0.885  1.00 12.27 ? 21   ILE A C   1 
ATOM   185  O O   . ILE A 1 24  ? -7.270  -5.215  -0.147  1.00 15.06 ? 21   ILE A O   1 
ATOM   186  C CB  . ILE A 1 24  ? -6.248  -5.794  -2.967  1.00 11.97 ? 21   ILE A CB  1 
ATOM   187  C CG1 . ILE A 1 24  ? -5.180  -6.197  -4.001  1.00 15.98 ? 21   ILE A CG1 1 
ATOM   188  C CG2 . ILE A 1 24  ? -7.405  -5.058  -3.683  1.00 12.30 ? 21   ILE A CG2 1 
ATOM   189  C CD1 . ILE A 1 24  ? -4.594  -5.018  -4.728  1.00 23.44 ? 21   ILE A CD1 1 
ATOM   190  N N   . VAL A 1 25  ? -6.989  -3.161  -0.930  1.00 13.26 ? 22   VAL A N   1 
ATOM   191  C CA  . VAL A 1 25  ? -7.766  -2.523  0.126   1.00 14.20 ? 22   VAL A CA  1 
ATOM   192  C C   . VAL A 1 25  ? -8.770  -1.596  -0.548  1.00 15.38 ? 22   VAL A C   1 
ATOM   193  O O   . VAL A 1 25  ? -8.398  -0.695  -1.312  1.00 16.55 ? 22   VAL A O   1 
ATOM   194  C CB  . VAL A 1 25  ? -6.834  -1.777  1.129   1.00 15.41 ? 22   VAL A CB  1 
ATOM   195  C CG1 . VAL A 1 25  ? -7.666  -1.141  2.291   1.00 17.49 ? 22   VAL A CG1 1 
ATOM   196  C CG2 . VAL A 1 25  ? -5.723  -2.698  1.722   1.00 15.63 ? 22   VAL A CG2 1 
ATOM   197  N N   . GLY A 1 26  ? -10.064 -1.820  -0.319  1.00 15.48 ? 23   GLY A N   1 
ATOM   198  C CA  . GLY A 1 26  ? -11.056 -0.955  -0.939  1.00 16.85 ? 23   GLY A CA  1 
ATOM   199  C C   . GLY A 1 26  ? -11.075 0.405   -0.246  1.00 16.34 ? 23   GLY A C   1 
ATOM   200  O O   . GLY A 1 26  ? -10.834 0.486   0.963   1.00 16.87 ? 23   GLY A O   1 
ATOM   201  N N   . TYR A 1 27  ? -11.461 1.446   -0.993  1.00 19.82 ? 24   TYR A N   1 
ATOM   202  C CA  . TYR A 1 27  ? -11.492 2.783   -0.440  1.00 17.95 ? 24   TYR A CA  1 
ATOM   203  C C   . TYR A 1 27  ? -12.753 3.598   -0.653  1.00 21.83 ? 24   TYR A C   1 
ATOM   204  O O   . TYR A 1 27  ? -12.789 4.749   -0.299  1.00 19.66 ? 24   TYR A O   1 
ATOM   205  C CB  . TYR A 1 27  ? -10.229 3.593   -0.848  1.00 18.79 ? 24   TYR A CB  1 
ATOM   206  C CG  . TYR A 1 27  ? -10.084 4.095   -2.249  1.00 15.84 ? 24   TYR A CG  1 
ATOM   207  C CD1 . TYR A 1 27  ? -9.627  3.286   -3.308  1.00 12.16 ? 24   TYR A CD1 1 
ATOM   208  C CD2 . TYR A 1 27  ? -10.407 5.422   -2.554  1.00 16.24 ? 24   TYR A CD2 1 
ATOM   209  C CE1 . TYR A 1 27  ? -9.475  3.783   -4.573  1.00 14.99 ? 24   TYR A CE1 1 
ATOM   210  C CE2 . TYR A 1 27  ? -10.283 5.896   -3.854  1.00 20.92 ? 24   TYR A CE2 1 
ATOM   211  C CZ  . TYR A 1 27  ? -9.848  5.093   -4.867  1.00 16.58 ? 24   TYR A CZ  1 
ATOM   212  O OH  . TYR A 1 27  ? -9.711  5.654   -6.121  1.00 19.62 ? 24   TYR A OH  1 
ATOM   213  N N   . CYS A 1 28  ? -13.771 2.984   -1.224  1.00 21.98 ? 25   CYS A N   1 
ATOM   214  C CA  . CYS A 1 28  ? -14.987 3.672   -1.585  1.00 24.37 ? 25   CYS A CA  1 
ATOM   215  C C   . CYS A 1 28  ? -16.091 3.014   -0.750  1.00 26.97 ? 25   CYS A C   1 
ATOM   216  O O   . CYS A 1 28  ? -16.119 3.157   0.471   1.00 27.30 ? 25   CYS A O   1 
ATOM   217  C CB  . CYS A 1 28  ? -15.173 3.516   -3.087  1.00 23.35 ? 25   CYS A CB  1 
ATOM   218  S SG  . CYS A 1 28  ? -13.971 4.338   -4.056  1.00 26.94 ? 25   CYS A SG  1 
ATOM   219  N N   . ASP A 1 29  ? -16.952 2.246   -1.407  1.00 28.09 ? 26   ASP A N   1 
ATOM   220  C CA  . ASP A 1 29  ? -18.128 1.682   -0.785  1.00 29.36 ? 26   ASP A CA  1 
ATOM   221  C C   . ASP A 1 29  ? -17.854 0.333   -0.120  1.00 31.61 ? 26   ASP A C   1 
ATOM   222  O O   . ASP A 1 29  ? -18.709 -0.156  0.625   1.00 33.07 ? 26   ASP A O   1 
ATOM   223  C CB  . ASP A 1 29  ? -19.254 1.547   -1.838  1.00 31.16 ? 26   ASP A CB  1 
ATOM   224  C CG  . ASP A 1 29  ? -19.977 2.887   -2.114  1.00 42.99 ? 26   ASP A CG  1 
ATOM   225  O OD1 . ASP A 1 29  ? -19.853 3.833   -1.296  1.00 42.19 ? 26   ASP A OD1 1 
ATOM   226  O OD2 . ASP A 1 29  ? -20.703 2.984   -3.147  1.00 55.62 ? 26   ASP A OD2 1 
ATOM   227  N N   . ALA A 1 30  ? -16.672 -0.249  -0.378  1.00 27.74 ? 27   ALA A N   1 
ATOM   228  C CA  . ALA A 1 30  ? -16.199 -1.455  0.326   1.00 24.79 ? 27   ALA A CA  1 
ATOM   229  C C   . ALA A 1 30  ? -14.828 -1.187  0.982   1.00 21.84 ? 27   ALA A C   1 
ATOM   230  O O   . ALA A 1 30  ? -13.842 -1.790  0.619   1.00 24.77 ? 27   ALA A O   1 
ATOM   231  C CB  . ALA A 1 30  ? -16.137 -2.656  -0.642  1.00 23.54 ? 27   ALA A CB  1 
ATOM   232  N N   . LYS A 1 31  ? -14.823 -0.309  1.982   1.00 24.19 ? 28   LYS A N   1 
ATOM   233  C CA  . LYS A 1 31  ? -13.601 0.310   2.569   1.00 23.98 ? 28   LYS A CA  1 
ATOM   234  C C   . LYS A 1 31  ? -13.027 -0.507  3.700   1.00 23.03 ? 28   LYS A C   1 
ATOM   235  O O   . LYS A 1 31  ? -13.249 -0.208  4.903   1.00 23.10 ? 28   LYS A O   1 
ATOM   236  C CB  . LYS A 1 31  ? -13.913 1.742   3.087   1.00 23.11 ? 28   LYS A CB  1 
ATOM   237  C CG  . LYS A 1 31  ? -12.696 2.533   3.573   1.00 26.81 ? 28   LYS A CG  1 
ATOM   238  C CD  . LYS A 1 31  ? -13.052 3.900   4.066   1.00 23.42 ? 28   LYS A CD  1 
ATOM   239  C CE  . LYS A 1 31  ? -13.574 4.821   3.023   1.00 33.34 ? 28   LYS A CE  1 
ATOM   240  N NZ  . LYS A 1 31  ? -14.136 5.967   3.724   1.00 29.11 ? 28   LYS A NZ  1 
ATOM   241  N N   . TYR A 1 32  ? -12.267 -1.534  3.306   1.00 21.32 ? 29   TYR A N   1 
ATOM   242  C CA  . TYR A 1 32  ? -11.686 -2.503  4.224   1.00 21.48 ? 29   TYR A CA  1 
ATOM   243  C C   . TYR A 1 32  ? -10.704 -3.339  3.397   1.00 18.60 ? 29   TYR A C   1 
ATOM   244  O O   . TYR A 1 32  ? -10.665 -3.169  2.170   1.00 15.32 ? 29   TYR A O   1 
ATOM   245  C CB  . TYR A 1 32  ? -12.756 -3.404  4.860   1.00 26.59 ? 29   TYR A CB  1 
ATOM   246  C CG  . TYR A 1 32  ? -13.790 -3.944  3.900   1.00 30.60 ? 29   TYR A CG  1 
ATOM   247  C CD1 . TYR A 1 32  ? -13.527 -5.068  3.160   1.00 32.40 ? 29   TYR A CD1 1 
ATOM   248  C CD2 . TYR A 1 32  ? -15.046 -3.344  3.764   1.00 36.51 ? 29   TYR A CD2 1 
ATOM   249  C CE1 . TYR A 1 32  ? -14.440 -5.578  2.267   1.00 30.42 ? 29   TYR A CE1 1 
ATOM   250  C CE2 . TYR A 1 32  ? -15.989 -3.880  2.870   1.00 38.67 ? 29   TYR A CE2 1 
ATOM   251  C CZ  . TYR A 1 32  ? -15.657 -5.007  2.124   1.00 36.32 ? 29   TYR A CZ  1 
ATOM   252  O OH  . TYR A 1 32  ? -16.495 -5.627  1.185   1.00 41.04 ? 29   TYR A OH  1 
ATOM   253  N N   . VAL A 1 33  ? -9.930  -4.215  4.040   1.00 17.57 ? 30   VAL A N   1 
ATOM   254  C CA  . VAL A 1 33  ? -8.972  -5.049  3.308   1.00 15.59 ? 30   VAL A CA  1 
ATOM   255  C C   . VAL A 1 33  ? -9.723  -6.107  2.532   1.00 17.45 ? 30   VAL A C   1 
ATOM   256  O O   . VAL A 1 33  ? -10.486 -6.895  3.114   1.00 19.87 ? 30   VAL A O   1 
ATOM   257  C CB  . VAL A 1 33  ? -7.903  -5.728  4.239   1.00 15.92 ? 30   VAL A CB  1 
ATOM   258  C CG1 . VAL A 1 33  ? -6.926  -6.639  3.432   1.00 11.90 ? 30   VAL A CG1 1 
ATOM   259  C CG2 . VAL A 1 33  ? -7.149  -4.591  5.009   1.00 18.27 ? 30   VAL A CG2 1 
ATOM   260  N N   . TRP A 1 34  ? -9.468  -6.184  1.225   1.00 17.28 ? 31   TRP A N   1 
ATOM   261  C CA  . TRP A 1 34  ? -10.074 -7.246  0.436   1.00 14.61 ? 31   TRP A CA  1 
ATOM   262  C C   . TRP A 1 34  ? -9.221  -8.532  0.543   1.00 15.97 ? 31   TRP A C   1 
ATOM   263  O O   . TRP A 1 34  ? -9.730  -9.657  0.690   1.00 17.09 ? 31   TRP A O   1 
ATOM   264  C CB  . TRP A 1 34  ? -10.248 -6.818  -1.003  1.00 13.85 ? 31   TRP A CB  1 
ATOM   265  C CG  . TRP A 1 34  ? -11.312 -5.760  -1.253  1.00 13.00 ? 31   TRP A CG  1 
ATOM   266  C CD1 . TRP A 1 34  ? -11.819 -4.925  -0.363  1.00 14.28 ? 31   TRP A CD1 1 
ATOM   267  C CD2 . TRP A 1 34  ? -11.879 -5.380  -2.523  1.00 16.01 ? 31   TRP A CD2 1 
ATOM   268  N NE1 . TRP A 1 34  ? -12.687 -4.039  -0.944  1.00 16.36 ? 31   TRP A NE1 1 
ATOM   269  C CE2 . TRP A 1 34  ? -12.776 -4.328  -2.273  1.00 16.11 ? 31   TRP A CE2 1 
ATOM   270  C CE3 . TRP A 1 34  ? -11.786 -5.892  -3.817  1.00 16.87 ? 31   TRP A CE3 1 
ATOM   271  C CZ2 . TRP A 1 34  ? -13.538 -3.750  -3.269  1.00 15.41 ? 31   TRP A CZ2 1 
ATOM   272  C CZ3 . TRP A 1 34  ? -12.531 -5.316  -4.794  1.00 17.38 ? 31   TRP A CZ3 1 
ATOM   273  C CH2 . TRP A 1 34  ? -13.401 -4.250  -4.518  1.00 20.60 ? 31   TRP A CH2 1 
ATOM   274  N N   . ALA A 1 35  ? -7.914  -8.353  0.449   1.00 14.01 ? 32   ALA A N   1 
ATOM   275  C CA  . ALA A 1 35  ? -6.982  -9.478  0.523   1.00 14.35 ? 32   ALA A CA  1 
ATOM   276  C C   . ALA A 1 35  ? -5.664  -8.953  0.964   1.00 13.45 ? 32   ALA A C   1 
ATOM   277  O O   . ALA A 1 35  ? -5.221  -7.854  0.515   1.00 13.73 ? 32   ALA A O   1 
ATOM   278  C CB  . ALA A 1 35  ? -6.854  -10.188 -0.838  1.00 18.44 ? 32   ALA A CB  1 
ATOM   279  N N   . ALA A 1 36  ? -4.999  -9.719  1.820   1.00 14.53 ? 33   ALA A N   1 
ATOM   280  C CA  . ALA A 1 36  ? -3.659  -9.372  2.256   1.00 14.82 ? 33   ALA A CA  1 
ATOM   281  C C   . ALA A 1 36  ? -2.813  -10.622 2.421   1.00 15.01 ? 33   ALA A C   1 
ATOM   282  O O   . ALA A 1 36  ? -3.343  -11.714 2.670   1.00 14.58 ? 33   ALA A O   1 
ATOM   283  C CB  . ALA A 1 36  ? -3.685  -8.556  3.558   1.00 16.33 ? 33   ALA A CB  1 
ATOM   284  N N   . THR A 1 37  ? -1.493  -10.456 2.246   1.00 13.47 ? 34   THR A N   1 
ATOM   285  C CA  . THR A 1 37  ? -0.606  -11.601 2.446   1.00 15.51 ? 34   THR A CA  1 
ATOM   286  C C   . THR A 1 37  ? -0.557  -11.929 3.944   1.00 14.21 ? 34   THR A C   1 
ATOM   287  O O   . THR A 1 37  ? -0.635  -11.023 4.855   1.00 15.52 ? 34   THR A O   1 
ATOM   288  C CB  . THR A 1 37  ? 0.793   -11.348 1.812   1.00 13.85 ? 34   THR A CB  1 
ATOM   289  O OG1 . THR A 1 37  ? 1.295   -10.139 2.377   1.00 15.59 ? 34   THR A OG1 1 
ATOM   290  C CG2 . THR A 1 37  ? 0.714   -11.247 0.269   1.00 15.09 ? 34   THR A CG2 1 
ATOM   291  N N   . ALA A 1 38  ? -0.492  -13.227 4.256   1.00 16.05 ? 35   ALA A N   1 
ATOM   292  C CA  . ALA A 1 38  ? -0.587  -13.716 5.631   1.00 16.55 ? 35   ALA A CA  1 
ATOM   293  C C   . ALA A 1 38  ? 0.621   -13.277 6.413   1.00 16.47 ? 35   ALA A C   1 
ATOM   294  O O   . ALA A 1 38  ? 1.739   -13.271 5.863   1.00 18.77 ? 35   ALA A O   1 
ATOM   295  C CB  . ALA A 1 38  ? -0.663  -15.272 5.662   1.00 15.24 ? 35   ALA A CB  1 
ATOM   296  N N   . GLY A 1 39  ? 0.385   -12.989 7.695   1.00 18.58 ? 36   GLY A N   1 
ATOM   297  C CA  . GLY A 1 39  ? 1.469   -12.676 8.627   1.00 20.34 ? 36   GLY A CA  1 
ATOM   298  C C   . GLY A 1 39  ? 2.130   -11.309 8.530   1.00 18.46 ? 36   GLY A C   1 
ATOM   299  O O   . GLY A 1 39  ? 3.176   -11.111 9.046   1.00 16.92 ? 36   GLY A O   1 
ATOM   300  N N   . GLY A 1 40  ? 1.492   -10.362 7.857   1.00 20.08 ? 37   GLY A N   1 
ATOM   301  C CA  . GLY A 1 40  ? 1.986   -9.013  7.799   1.00 18.14 ? 37   GLY A CA  1 
ATOM   302  C C   . GLY A 1 40  ? 1.125   -8.038  8.568   1.00 17.78 ? 37   GLY A C   1 
ATOM   303  O O   . GLY A 1 40  ? 0.114   -8.404  9.191   1.00 18.25 ? 37   GLY A O   1 
ATOM   304  N N   . VAL A 1 41  ? 1.523   -6.775  8.501   1.00 17.13 ? 38   VAL A N   1 
ATOM   305  C CA  . VAL A 1 41  ? 0.764   -5.704  9.149   1.00 15.40 ? 38   VAL A CA  1 
ATOM   306  C C   . VAL A 1 41  ? -0.391  -5.199  8.276   1.00 14.40 ? 38   VAL A C   1 
ATOM   307  O O   . VAL A 1 41  ? -1.391  -4.774  8.783   1.00 18.24 ? 38   VAL A O   1 
ATOM   308  C CB  . VAL A 1 41  ? 1.683   -4.525  9.596   1.00 20.20 ? 38   VAL A CB  1 
ATOM   309  C CG1 . VAL A 1 41  ? 2.781   -5.062  10.574  1.00 18.56 ? 38   VAL A CG1 1 
ATOM   310  C CG2 . VAL A 1 41  ? 2.262   -3.810  8.390   1.00 17.38 ? 38   VAL A CG2 1 
ATOM   311  N N   . PHE A 1 42  ? -0.293  -5.351  6.950   1.00 14.93 ? 39   PHE A N   1 
ATOM   312  C CA  . PHE A 1 42  ? -1.353  -4.833  6.079   1.00 14.17 ? 39   PHE A CA  1 
ATOM   313  C C   . PHE A 1 42  ? -2.728  -5.526  6.296   1.00 13.36 ? 39   PHE A C   1 
ATOM   314  O O   . PHE A 1 42  ? -3.791  -4.903  6.114   1.00 15.26 ? 39   PHE A O   1 
ATOM   315  C CB  . PHE A 1 42  ? -0.946  -5.012  4.621   1.00 14.76 ? 39   PHE A CB  1 
ATOM   316  C CG  . PHE A 1 42  ? 0.180   -4.156  4.152   1.00 15.13 ? 39   PHE A CG  1 
ATOM   317  C CD1 . PHE A 1 42  ? 0.556   -2.975  4.789   1.00 14.27 ? 39   PHE A CD1 1 
ATOM   318  C CD2 . PHE A 1 42  ? 0.837   -4.484  2.956   1.00 16.06 ? 39   PHE A CD2 1 
ATOM   319  C CE1 . PHE A 1 42  ? 1.654   -2.192  4.232   1.00 12.71 ? 39   PHE A CE1 1 
ATOM   320  C CE2 . PHE A 1 42  ? 1.852   -3.725  2.462   1.00 13.59 ? 39   PHE A CE2 1 
ATOM   321  C CZ  . PHE A 1 42  ? 2.265   -2.592  3.102   1.00 13.74 ? 39   PHE A CZ  1 
ATOM   322  N N   . GLN A 1 43  ? -2.717  -6.781  6.773   1.00 14.42 ? 40   GLN A N   1 
ATOM   323  C CA  . GLN A 1 43  ? -3.942  -7.506  6.988   1.00 13.93 ? 40   GLN A CA  1 
ATOM   324  C C   . GLN A 1 43  ? -4.818  -6.807  8.031   1.00 14.35 ? 40   GLN A C   1 
ATOM   325  O O   . GLN A 1 43  ? -6.045  -7.005  8.051   1.00 13.35 ? 40   GLN A O   1 
ATOM   326  C CB  . GLN A 1 43  ? -3.647  -8.990  7.319   1.00 15.23 ? 40   GLN A CB  1 
ATOM   327  C CG  . GLN A 1 43  ? -2.880  -9.206  8.582   1.00 18.60 ? 40   GLN A CG  1 
ATOM   328  C CD  . GLN A 1 43  ? -2.407  -10.687 8.796   1.00 21.05 ? 40   GLN A CD  1 
ATOM   329  O OE1 . GLN A 1 43  ? -2.344  -11.472 7.868   1.00 33.71 ? 40   GLN A OE1 1 
ATOM   330  N NE2 . GLN A 1 43  ? -2.056  -11.017 10.018  1.00 34.58 ? 40   GLN A NE2 1 
ATOM   331  N N   . SER A 1 44  ? -4.174  -6.000  8.876   1.00 13.44 ? 41   SER A N   1 
ATOM   332  C CA  . SER A 1 44  ? -4.777  -5.254  9.973   1.00 16.75 ? 41   SER A CA  1 
ATOM   333  C C   . SER A 1 44  ? -5.135  -3.781  9.672   1.00 16.69 ? 41   SER A C   1 
ATOM   334  O O   . SER A 1 44  ? -5.507  -3.006  10.573  1.00 14.41 ? 41   SER A O   1 
ATOM   335  C CB  . SER A 1 44  ? -3.867  -5.333  11.205  1.00 17.97 ? 41   SER A CB  1 
ATOM   336  O OG  . SER A 1 44  ? -3.773  -6.682  11.686  1.00 17.90 ? 41   SER A OG  1 
ATOM   337  N N   . ILE A 1 45  ? -5.026  -3.383  8.412   1.00 15.67 ? 42   ILE A N   1 
ATOM   338  C CA  . ILE A 1 45  ? -5.287  -2.015  8.059   1.00 17.09 ? 42   ILE A CA  1 
ATOM   339  C C   . ILE A 1 45  ? -6.757  -1.740  8.422   1.00 15.15 ? 42   ILE A C   1 
ATOM   340  O O   . ILE A 1 45  ? -7.652  -2.539  8.129   1.00 17.94 ? 42   ILE A O   1 
ATOM   341  C CB  . ILE A 1 45  ? -4.957  -1.703  6.577   1.00 17.67 ? 42   ILE A CB  1 
ATOM   342  C CG1 . ILE A 1 45  ? -3.440  -1.587  6.390   1.00 16.06 ? 42   ILE A CG1 1 
ATOM   343  C CG2 . ILE A 1 45  ? -5.711  -0.457  6.073   1.00 14.86 ? 42   ILE A CG2 1 
ATOM   344  C CD1 . ILE A 1 45  ? -3.039  -1.556  4.877   1.00 15.04 ? 42   ILE A CD1 1 
ATOM   345  N N   . THR A 1 46  ? -6.994  -0.576  9.027   1.00 15.57 ? 43   THR A N   1 
ATOM   346  C CA  . THR A 1 46  ? -8.350  -0.154  9.357   1.00 17.25 ? 43   THR A CA  1 
ATOM   347  C C   . THR A 1 46  ? -8.978  0.948   8.477   1.00 19.29 ? 43   THR A C   1 
ATOM   348  O O   . THR A 1 46  ? -8.262  1.696   7.785   1.00 18.38 ? 43   THR A O   1 
ATOM   349  C CB  . THR A 1 46  ? -8.336  0.438   10.751  1.00 20.88 ? 43   THR A CB  1 
ATOM   350  O OG1 . THR A 1 46  ? -7.574  1.644   10.704  1.00 19.75 ? 43   THR A OG1 1 
ATOM   351  C CG2 . THR A 1 46  ? -7.718  -0.518  11.778  1.00 17.90 ? 43   THR A CG2 1 
ATOM   352  N N   . PRO A 1 47  ? -10.331 1.072   8.499   1.00 17.93 ? 44   PRO A N   1 
ATOM   353  C CA  . PRO A 1 47  ? -10.973 2.189   7.788   1.00 17.40 ? 44   PRO A CA  1 
ATOM   354  C C   . PRO A 1 47  ? -10.401 3.553   8.152   1.00 16.40 ? 44   PRO A C   1 
ATOM   355  O O   . PRO A 1 47  ? -10.212 4.369   7.250   1.00 18.70 ? 44   PRO A O   1 
ATOM   356  C CB  . PRO A 1 47  ? -12.463 2.046   8.155   1.00 22.08 ? 44   PRO A CB  1 
ATOM   357  C CG  . PRO A 1 47  ? -12.618 0.554   8.380   1.00 18.14 ? 44   PRO A CG  1 
ATOM   358  C CD  . PRO A 1 47  ? -11.329 0.124   9.061   1.00 19.82 ? 44   PRO A CD  1 
ATOM   359  N N   . ALA A 1 48  ? -10.050 3.768   9.408   1.00 18.60 ? 45   ALA A N   1 
ATOM   360  C CA  . ALA A 1 48  ? -9.451  5.045   9.856   1.00 18.89 ? 45   ALA A CA  1 
ATOM   361  C C   . ALA A 1 48  ? -8.111  5.321   9.139   1.00 19.01 ? 45   ALA A C   1 
ATOM   362  O O   . ALA A 1 48  ? -7.826  6.469   8.645   1.00 17.40 ? 45   ALA A O   1 
ATOM   363  C CB  . ALA A 1 48  ? -9.288  5.086   11.353  1.00 19.44 ? 45   ALA A CB  1 
ATOM   364  N N   . GLU A 1 49  ? -7.329  4.257   9.045   1.00 19.31 ? 46   GLU A N   1 
ATOM   365  C CA  . GLU A 1 49  ? -6.047  4.314   8.327   1.00 17.46 ? 46   GLU A CA  1 
ATOM   366  C C   . GLU A 1 49  ? -6.224  4.584   6.847   1.00 14.74 ? 46   GLU A C   1 
ATOM   367  O O   . GLU A 1 49  ? -5.420  5.309   6.255   1.00 15.13 ? 46   GLU A O   1 
ATOM   368  C CB  . GLU A 1 49  ? -5.191  3.065   8.592   1.00 17.88 ? 46   GLU A CB  1 
ATOM   369  C CG  . GLU A 1 49  ? -4.700  2.973   10.027  1.00 14.41 ? 46   GLU A CG  1 
ATOM   370  C CD  . GLU A 1 49  ? -3.997  1.696   10.352  1.00 19.67 ? 46   GLU A CD  1 
ATOM   371  O OE1 . GLU A 1 49  ? -4.237  0.713   9.663   1.00 18.74 ? 46   GLU A OE1 1 
ATOM   372  O OE2 . GLU A 1 49  ? -3.177  1.670   11.291  1.00 18.22 ? 46   GLU A OE2 1 
ATOM   373  N N   . ILE A 1 50  ? -7.227  3.968   6.237   1.00 16.06 ? 47   ILE A N   1 
ATOM   374  C CA  . ILE A 1 50  ? -7.531  4.154   4.831   1.00 14.06 ? 47   ILE A CA  1 
ATOM   375  C C   . ILE A 1 50  ? -7.946  5.627   4.604   1.00 15.14 ? 47   ILE A C   1 
ATOM   376  O O   . ILE A 1 50  ? -7.459  6.288   3.706   1.00 15.11 ? 47   ILE A O   1 
ATOM   377  C CB  . ILE A 1 50  ? -8.683  3.203   4.370   1.00 14.72 ? 47   ILE A CB  1 
ATOM   378  C CG1 . ILE A 1 50  ? -8.245  1.706   4.444   1.00 14.41 ? 47   ILE A CG1 1 
ATOM   379  C CG2 . ILE A 1 50  ? -9.073  3.494   2.950   1.00 15.90 ? 47   ILE A CG2 1 
ATOM   380  C CD1 . ILE A 1 50  ? -9.451  0.667   4.262   1.00 15.32 ? 47   ILE A CD1 1 
ATOM   381  N N   . ASP A 1 51  ? -8.760  6.140   5.523   1.00 18.20 ? 48   ASP A N   1 
ATOM   382  C CA  . ASP A 1 51  ? -9.171  7.540   5.506   1.00 19.25 ? 48   ASP A CA  1 
ATOM   383  C C   . ASP A 1 51  ? -8.024  8.494   5.509   1.00 18.28 ? 48   ASP A C   1 
ATOM   384  O O   . ASP A 1 51  ? -8.031  9.545   4.830   1.00 18.26 ? 48   ASP A O   1 
ATOM   385  C CB  . ASP A 1 51  ? -10.125 7.810   6.678   1.00 21.48 ? 48   ASP A CB  1 
ATOM   386  C CG  . ASP A 1 51  ? -11.562 7.360   6.353   1.00 27.24 ? 48   ASP A CG  1 
ATOM   387  O OD1 . ASP A 1 51  ? -11.832 7.197   5.150   1.00 26.59 ? 48   ASP A OD1 1 
ATOM   388  O OD2 . ASP A 1 51  ? -12.385 7.153   7.289   1.00 32.75 ? 48   ASP A OD2 1 
ATOM   389  N N   . VAL A 1 52  ? -6.983  8.160   6.223   1.00 16.04 ? 49   VAL A N   1 
ATOM   390  C CA  . VAL A 1 52  ? -5.788  9.035   6.186   1.00 17.09 ? 49   VAL A CA  1 
ATOM   391  C C   . VAL A 1 52  ? -5.033  8.962   4.834   1.00 15.47 ? 49   VAL A C   1 
ATOM   392  O O   . VAL A 1 52  ? -4.634  10.006  4.210   1.00 15.47 ? 49   VAL A O   1 
ATOM   393  C CB  . VAL A 1 52  ? -4.803  8.768   7.381   1.00 15.02 ? 49   VAL A CB  1 
ATOM   394  C CG1 . VAL A 1 52  ? -3.504  9.532   7.136   1.00 16.09 ? 49   VAL A CG1 1 
ATOM   395  C CG2 . VAL A 1 52  ? -5.424  9.109   8.725   1.00 15.99 ? 49   VAL A CG2 1 
ATOM   396  N N   . ILE A 1 53  ? -4.849  7.752   4.347   1.00 16.02 ? 50   ILE A N   1 
ATOM   397  C CA  . ILE A 1 53  ? -4.244  7.498   3.025   1.00 16.25 ? 50   ILE A CA  1 
ATOM   398  C C   . ILE A 1 53  ? -4.948  8.241   1.908   1.00 15.60 ? 50   ILE A C   1 
ATOM   399  O O   . ILE A 1 53  ? -4.299  8.835   1.053   1.00 15.98 ? 50   ILE A O   1 
ATOM   400  C CB  . ILE A 1 53  ? -4.175  6.001   2.718   1.00 15.32 ? 50   ILE A CB  1 
ATOM   401  C CG1 . ILE A 1 53  ? -3.081  5.364   3.625   1.00 10.15 ? 50   ILE A CG1 1 
ATOM   402  C CG2 . ILE A 1 53  ? -3.862  5.766   1.190   1.00 16.65 ? 50   ILE A CG2 1 
ATOM   403  C CD1 . ILE A 1 53  ? -1.610  5.592   3.233   1.00 16.88 ? 50   ILE A CD1 1 
ATOM   404  N N   . ILE A 1 54  ? -6.274  8.231   1.933   1.00 15.79 ? 51   ILE A N   1 
ATOM   405  C CA  . ILE A 1 54  ? -7.037  8.826   0.821   1.00 18.24 ? 51   ILE A CA  1 
ATOM   406  C C   . ILE A 1 54  ? -7.560  10.233  1.109   1.00 17.56 ? 51   ILE A C   1 
ATOM   407  O O   . ILE A 1 54  ? -8.321  10.801  0.303   1.00 21.79 ? 51   ILE A O   1 
ATOM   408  C CB  . ILE A 1 54  ? -8.261  7.979   0.443   1.00 17.87 ? 51   ILE A CB  1 
ATOM   409  C CG1 . ILE A 1 54  ? -9.314  8.025   1.584   1.00 20.33 ? 51   ILE A CG1 1 
ATOM   410  C CG2 . ILE A 1 54  ? -7.794  6.577   -0.066  1.00 16.72 ? 51   ILE A CG2 1 
ATOM   411  C CD1 . ILE A 1 54  ? -10.539 7.259   1.295   1.00 20.92 ? 51   ILE A CD1 1 
ATOM   412  N N   . GLY A 1 55  ? -7.193  10.771  2.227   1.00 12.86 ? 52   GLY A N   1 
ATOM   413  C CA  . GLY A 1 55  ? -7.813  11.972  2.752   1.00 17.32 ? 52   GLY A CA  1 
ATOM   414  C C   . GLY A 1 55  ? -7.524  13.268  2.023   1.00 17.47 ? 52   GLY A C   1 
ATOM   415  O O   . GLY A 1 55  ? -6.659  13.354  1.130   1.00 17.25 ? 52   GLY A O   1 
ATOM   416  N N   . LYS A 1 56  ? -8.357  14.249  2.324   1.00 20.04 ? 53   LYS A N   1 
ATOM   417  C CA  . LYS A 1 56  ? -8.257  15.545  1.653   1.00 21.70 ? 53   LYS A CA  1 
ATOM   418  C C   . LYS A 1 56  ? -7.055  16.365  2.131   1.00 19.22 ? 53   LYS A C   1 
ATOM   419  O O   . LYS A 1 56  ? -6.495  17.153  1.337   1.00 21.48 ? 53   LYS A O   1 
ATOM   420  C CB  . LYS A 1 56  ? -9.513  16.360  1.857   1.00 23.59 ? 53   LYS A CB  1 
ATOM   421  C CG  . LYS A 1 56  ? -10.707 15.718  1.250   1.00 28.94 ? 53   LYS A CG  1 
ATOM   422  C CD  . LYS A 1 56  ? -10.976 16.232  -0.079  1.00 30.94 ? 53   LYS A CD  1 
ATOM   423  C CE  . LYS A 1 56  ? -12.410 15.752  -0.503  1.00 47.72 ? 53   LYS A CE  1 
ATOM   424  N NZ  . LYS A 1 56  ? -13.500 16.081  0.541   1.00 48.45 ? 53   LYS A NZ  1 
ATOM   425  N N   . ASP A 1 57  ? -6.664  16.199  3.388   1.00 17.58 ? 54   ASP A N   1 
ATOM   426  C CA  . ASP A 1 57  ? -5.520  16.850  3.908   1.00 21.05 ? 54   ASP A CA  1 
ATOM   427  C C   . ASP A 1 57  ? -4.304  15.994  3.493   1.00 20.71 ? 54   ASP A C   1 
ATOM   428  O O   . ASP A 1 57  ? -4.078  14.888  3.992   1.00 18.43 ? 54   ASP A O   1 
ATOM   429  C CB  . ASP A 1 57  ? -5.564  16.913  5.416   1.00 21.74 ? 54   ASP A CB  1 
ATOM   430  C CG  . ASP A 1 57  ? -4.314  17.534  5.989   1.00 23.27 ? 54   ASP A CG  1 
ATOM   431  O OD1 . ASP A 1 57  ? -3.430  17.976  5.214   1.00 21.17 ? 54   ASP A OD1 1 
ATOM   432  O OD2 . ASP A 1 57  ? -4.214  17.643  7.222   1.00 23.03 ? 54   ASP A OD2 1 
ATOM   433  N N   . ARG A 1 58  ? -3.545  16.492  2.545   1.00 19.39 ? 55   ARG A N   1 
ATOM   434  C CA  . ARG A 1 58  ? -2.387  15.758  2.072   1.00 19.21 ? 55   ARG A CA  1 
ATOM   435  C C   . ARG A 1 58  ? -1.079  16.416  2.434   1.00 18.14 ? 55   ARG A C   1 
ATOM   436  O O   . ARG A 1 58  ? -0.061  16.306  1.687   1.00 16.01 ? 55   ARG A O   1 
ATOM   437  C CB  . ARG A 1 58  ? -2.560  15.466  0.576   1.00 18.52 ? 55   ARG A CB  1 
ATOM   438  C CG  . ARG A 1 58  ? -3.937  14.905  0.282   1.00 22.27 ? 55   ARG A CG  1 
ATOM   439  C CD  . ARG A 1 58  ? -4.011  14.037  -0.923  1.00 23.01 ? 55   ARG A CD  1 
ATOM   440  N NE  . ARG A 1 58  ? -3.099  12.892  -0.844  1.00 22.78 ? 55   ARG A NE  1 
ATOM   441  C CZ  . ARG A 1 58  ? -3.378  11.763  -0.202  1.00 17.85 ? 55   ARG A CZ  1 
ATOM   442  N NH1 . ARG A 1 58  ? -4.542  11.572  0.381   1.00 17.66 ? 55   ARG A NH1 1 
ATOM   443  N NH2 . ARG A 1 58  ? -2.510  10.797  -0.234  1.00 12.72 ? 55   ARG A NH2 1 
ATOM   444  N N   . GLU A 1 59  ? -1.067  17.049  3.617   1.00 16.24 ? 56   GLU A N   1 
ATOM   445  C CA  . GLU A 1 59  ? 0.172   17.585  4.153   1.00 17.47 ? 56   GLU A CA  1 
ATOM   446  C C   . GLU A 1 59  ? 0.445   17.291  5.572   1.00 17.27 ? 56   GLU A C   1 
ATOM   447  O O   . GLU A 1 59  ? 1.627   17.230  5.951   1.00 17.73 ? 56   GLU A O   1 
ATOM   448  C CB  . GLU A 1 59  ? 0.258   19.122  3.944   1.00 18.12 ? 56   GLU A CB  1 
ATOM   449  C CG  . GLU A 1 59  ? 0.156   19.568  2.496   1.00 18.69 ? 56   GLU A CG  1 
ATOM   450  C CD  . GLU A 1 59  ? 1.328   19.187  1.619   1.00 17.21 ? 56   GLU A CD  1 
ATOM   451  O OE1 . GLU A 1 59  ? 2.474   19.025  2.126   1.00 14.59 ? 56   GLU A OE1 1 
ATOM   452  O OE2 . GLU A 1 59  ? 1.125   19.068  0.397   1.00 17.64 ? 56   GLU A OE2 1 
ATOM   453  N N   . GLY A 1 60  ? -0.615  17.140  6.362   1.00 17.56 ? 57   GLY A N   1 
ATOM   454  C CA  . GLY A 1 60  ? -0.469  16.886  7.785   1.00 20.93 ? 57   GLY A CA  1 
ATOM   455  C C   . GLY A 1 60  ? 0.296   15.617  8.001   1.00 18.56 ? 57   GLY A C   1 
ATOM   456  O O   . GLY A 1 60  ? 1.176   15.527  8.870   1.00 17.16 ? 57   GLY A O   1 
ATOM   457  N N   . PHE A 1 61  ? 0.076   14.624  7.137   1.00 18.84 ? 58   PHE A N   1 
ATOM   458  C CA  . PHE A 1 61  ? 0.880   13.412  7.322   1.00 15.75 ? 58   PHE A CA  1 
ATOM   459  C C   . PHE A 1 61  ? 2.367   13.523  7.141   1.00 17.40 ? 58   PHE A C   1 
ATOM   460  O O   . PHE A 1 61  ? 3.142   12.627  7.586   1.00 16.77 ? 58   PHE A O   1 
ATOM   461  C CB  . PHE A 1 61  ? 0.297   12.176  6.597   1.00 18.37 ? 58   PHE A CB  1 
ATOM   462  C CG  . PHE A 1 61  ? -0.079  12.370  5.133   1.00 16.16 ? 58   PHE A CG  1 
ATOM   463  C CD1 . PHE A 1 61  ? 0.766   13.019  4.234   1.00 15.57 ? 58   PHE A CD1 1 
ATOM   464  C CD2 . PHE A 1 61  ? -1.197  11.738  4.630   1.00 14.41 ? 58   PHE A CD2 1 
ATOM   465  C CE1 . PHE A 1 61  ? 0.414   13.113  2.842   1.00 16.47 ? 58   PHE A CE1 1 
ATOM   466  C CE2 . PHE A 1 61  ? -1.522  11.798  3.236   1.00 17.68 ? 58   PHE A CE2 1 
ATOM   467  C CZ  . PHE A 1 61  ? -0.721  12.511  2.363   1.00 19.22 ? 58   PHE A CZ  1 
ATOM   468  N N   . PHE A 1 62  ? 2.851   14.630  6.557   1.00 17.42 ? 59   PHE A N   1 
ATOM   469  C CA  . PHE A 1 62  ? 4.292   14.828  6.553   1.00 14.35 ? 59   PHE A CA  1 
ATOM   470  C C   . PHE A 1 62  ? 4.906   15.183  7.885   1.00 17.39 ? 59   PHE A C   1 
ATOM   471  O O   . PHE A 1 62  ? 6.101   14.911  8.103   1.00 19.62 ? 59   PHE A O   1 
ATOM   472  C CB  . PHE A 1 62  ? 4.739   15.818  5.508   1.00 15.89 ? 59   PHE A CB  1 
ATOM   473  C CG  . PHE A 1 62  ? 4.520   15.325  4.114   1.00 12.22 ? 59   PHE A CG  1 
ATOM   474  C CD1 . PHE A 1 62  ? 5.367   14.365  3.575   1.00 17.88 ? 59   PHE A CD1 1 
ATOM   475  C CD2 . PHE A 1 62  ? 3.499   15.853  3.333   1.00 16.18 ? 59   PHE A CD2 1 
ATOM   476  C CE1 . PHE A 1 62  ? 5.192   13.910  2.242   1.00 16.05 ? 59   PHE A CE1 1 
ATOM   477  C CE2 . PHE A 1 62  ? 3.313   15.399  2.019   1.00 16.30 ? 59   PHE A CE2 1 
ATOM   478  C CZ  . PHE A 1 62  ? 4.197   14.420  1.483   1.00 14.16 ? 59   PHE A CZ  1 
ATOM   479  N N   . THR A 1 63  ? 4.129   15.818  8.733   1.00 17.38 ? 60   THR A N   1 
ATOM   480  C CA  . THR A 1 63  ? 4.568   16.124  10.114  1.00 22.40 ? 60   THR A CA  1 
ATOM   481  C C   . THR A 1 63  ? 4.330   14.942  11.061  1.00 22.20 ? 60   THR A C   1 
ATOM   482  O O   . THR A 1 63  ? 5.180   14.623  11.907  1.00 25.34 ? 60   THR A O   1 
ATOM   483  C CB  . THR A 1 63  ? 3.850   17.363  10.635  1.00 25.55 ? 60   THR A CB  1 
ATOM   484  O OG1 . THR A 1 63  ? 4.149   18.444  9.749   1.00 22.74 ? 60   THR A OG1 1 
ATOM   485  C CG2 . THR A 1 63  ? 4.323   17.726  12.045  1.00 15.47 ? 60   THR A CG2 1 
ATOM   486  N N   . ASN A 1 64  ? 3.183   14.304  10.886  1.00 24.74 ? 61   ASN A N   1 
ATOM   487  C CA  . ASN A 1 64  ? 2.658   13.391  11.926  1.00 24.98 ? 61   ASN A CA  1 
ATOM   488  C C   . ASN A 1 64  ? 2.859   11.922  11.626  1.00 25.32 ? 61   ASN A C   1 
ATOM   489  O O   . ASN A 1 64  ? 2.556   11.068  12.460  1.00 23.37 ? 61   ASN A O   1 
ATOM   490  C CB  . ASN A 1 64  ? 1.194   13.655  12.144  1.00 27.03 ? 61   ASN A CB  1 
ATOM   491  C CG  . ASN A 1 64  ? 0.960   15.010  12.807  1.00 27.46 ? 61   ASN A CG  1 
ATOM   492  O OD1 . ASN A 1 64  ? -0.022  15.685  12.534  1.00 34.59 ? 61   ASN A OD1 1 
ATOM   493  N ND2 . ASN A 1 64  ? 1.910   15.426  13.635  1.00 29.96 ? 61   ASN A ND2 1 
ATOM   494  N N   . GLY A 1 65  ? 3.331   11.621  10.426  1.00 22.32 ? 62   GLY A N   1 
ATOM   495  C CA  . GLY A 1 65  ? 3.378   10.216  9.976   1.00 21.55 ? 62   GLY A CA  1 
ATOM   496  C C   . GLY A 1 65  ? 1.987   9.652   9.855   1.00 18.21 ? 62   GLY A C   1 
ATOM   497  O O   . GLY A 1 65  ? 0.993   10.389  9.960   1.00 15.39 ? 62   GLY A O   1 
ATOM   498  N N   . LEU A 1 66  ? 1.907   8.348   9.583   1.00 15.32 ? 63   LEU A N   1 
ATOM   499  C CA  . LEU A 1 66  ? 0.599   7.690   9.546   1.00 17.23 ? 63   LEU A CA  1 
ATOM   500  C C   . LEU A 1 66  ? 0.856   6.254   9.979   1.00 14.99 ? 63   LEU A C   1 
ATOM   501  O O   . LEU A 1 66  ? 2.028   5.862   10.121  1.00 14.55 ? 63   LEU A O   1 
ATOM   502  C CB  . LEU A 1 66  ? -0.053  7.764   8.159   1.00 16.71 ? 63   LEU A CB  1 
ATOM   503  C CG  . LEU A 1 66  ? 0.735   7.323   6.929   1.00 20.03 ? 63   LEU A CG  1 
ATOM   504  C CD1 . LEU A 1 66  ? 0.845   5.802   6.929   1.00 14.52 ? 63   LEU A CD1 1 
ATOM   505  C CD2 . LEU A 1 66  ? 0.015   7.879   5.643   1.00 18.00 ? 63   LEU A CD2 1 
ATOM   506  N N   . THR A 1 67  ? -0.197  5.525   10.306  1.00 16.46 ? 64   THR A N   1 
ATOM   507  C CA  . THR A 1 67  ? -0.005  4.044   10.625  1.00 16.52 ? 64   THR A CA  1 
ATOM   508  C C   . THR A 1 67  ? -0.677  3.175   9.581   1.00 17.00 ? 64   THR A C   1 
ATOM   509  O O   . THR A 1 67  ? -1.649  3.586   8.952   1.00 16.23 ? 64   THR A O   1 
ATOM   510  C CB  . THR A 1 67  ? -0.558  3.646   12.058  1.00 16.93 ? 64   THR A CB  1 
ATOM   511  O OG1 . THR A 1 67  ? -1.991  3.835   12.091  1.00 16.43 ? 64   THR A OG1 1 
ATOM   512  C CG2 . THR A 1 67  ? 0.135   4.509   13.119  1.00 20.68 ? 64   THR A CG2 1 
ATOM   513  N N   . LEU A 1 68  ? -0.174  1.941   9.450   1.00 14.58 ? 65   LEU A N   1 
ATOM   514  C CA  . LEU A 1 68  ? -0.748  0.934   8.572   1.00 16.07 ? 65   LEU A CA  1 
ATOM   515  C C   . LEU A 1 68  ? -0.723  -0.379  9.369   1.00 15.09 ? 65   LEU A C   1 
ATOM   516  O O   . LEU A 1 68  ? 0.349   -0.884  9.779   1.00 14.39 ? 65   LEU A O   1 
ATOM   517  C CB  . LEU A 1 68  ? 0.072   0.810   7.277   1.00 15.43 ? 65   LEU A CB  1 
ATOM   518  C CG  . LEU A 1 68  ? -0.026  1.974   6.259   1.00 15.84 ? 65   LEU A CG  1 
ATOM   519  C CD1 . LEU A 1 68  ? 0.970   1.742   5.106   1.00 11.49 ? 65   LEU A CD1 1 
ATOM   520  C CD2 . LEU A 1 68  ? -1.442  2.300   5.744   1.00 16.17 ? 65   LEU A CD2 1 
ATOM   521  N N   . GLY A 1 69  ? -1.912  -0.914  9.633   1.00 18.85 ? 66   GLY A N   1 
ATOM   522  C CA  . GLY A 1 69  ? -2.034  -2.063  10.563  1.00 15.78 ? 66   GLY A CA  1 
ATOM   523  C C   . GLY A 1 69  ? -1.409  -1.762  11.917  1.00 19.90 ? 66   GLY A C   1 
ATOM   524  O O   . GLY A 1 69  ? -0.904  -2.643  12.659  1.00 17.73 ? 66   GLY A O   1 
ATOM   525  N N   . GLY A 1 70  ? -1.453  -0.482  12.239  1.00 17.23 ? 67   GLY A N   1 
ATOM   526  C CA  . GLY A 1 70  ? -0.968  0.064   13.515  1.00 19.51 ? 67   GLY A CA  1 
ATOM   527  C C   . GLY A 1 70  ? 0.515   0.274   13.557  1.00 20.74 ? 67   GLY A C   1 
ATOM   528  O O   . GLY A 1 70  ? 1.060   0.823   14.540  1.00 18.84 ? 67   GLY A O   1 
ATOM   529  N N   . LYS A 1 71  ? 1.199   -0.121  12.484  1.00 20.39 ? 68   LYS A N   1 
ATOM   530  C CA  . LYS A 1 71  ? 2.617   0.106   12.441  1.00 19.77 ? 68   LYS A CA  1 
ATOM   531  C C   . LYS A 1 71  ? 2.911   1.568   11.999  1.00 17.54 ? 68   LYS A C   1 
ATOM   532  O O   . LYS A 1 71  ? 2.396   2.041   10.983  1.00 16.08 ? 68   LYS A O   1 
ATOM   533  C CB  . LYS A 1 71  ? 3.297   -0.911  11.513  1.00 20.39 ? 68   LYS A CB  1 
ATOM   534  C CG  . LYS A 1 71  ? 4.711   -0.599  11.187  1.00 19.17 ? 68   LYS A CG  1 
ATOM   535  C CD  . LYS A 1 71  ? 5.607   -0.829  12.398  1.00 27.29 ? 68   LYS A CD  1 
ATOM   536  C CE  . LYS A 1 71  ? 6.960   -0.229  12.190  1.00 27.35 ? 68   LYS A CE  1 
ATOM   537  N NZ  . LYS A 1 71  ? 7.782   -0.342  13.400  1.00 31.79 ? 68   LYS A NZ  1 
ATOM   538  N N   . LYS A 1 72  ? 3.788   2.239   12.729  1.00 18.16 ? 69   LYS A N   1 
ATOM   539  C CA  . LYS A 1 72  ? 4.146   3.604   12.428  1.00 19.68 ? 69   LYS A CA  1 
ATOM   540  C C   . LYS A 1 72  ? 5.001   3.704   11.178  1.00 15.51 ? 69   LYS A C   1 
ATOM   541  O O   . LYS A 1 72  ? 6.014   3.004   10.992  1.00 15.90 ? 69   LYS A O   1 
ATOM   542  C CB  . LYS A 1 72  ? 4.855   4.283   13.612  1.00 20.84 ? 69   LYS A CB  1 
ATOM   543  C CG  . LYS A 1 72  ? 3.903   4.518   14.750  1.00 23.10 ? 69   LYS A CG  1 
ATOM   544  C CD  . LYS A 1 72  ? 4.359   5.653   15.633  1.00 31.97 ? 69   LYS A CD  1 
ATOM   545  C CE  . LYS A 1 72  ? 4.625   5.200   17.025  1.00 43.46 ? 69   LYS A CE  1 
ATOM   546  N NZ  . LYS A 1 72  ? 3.386   4.721   17.666  1.00 50.26 ? 69   LYS A NZ  1 
ATOM   547  N N   . CYS A 1 73  ? 4.604   4.674   10.358  1.00 16.55 ? 70   CYS A N   1 
ATOM   548  C CA  . CYS A 1 73  ? 5.274   4.964   9.105   1.00 14.60 ? 70   CYS A CA  1 
ATOM   549  C C   . CYS A 1 73  ? 5.441   6.475   8.892   1.00 14.18 ? 70   CYS A C   1 
ATOM   550  O O   . CYS A 1 73  ? 4.756   7.301   9.540   1.00 18.34 ? 70   CYS A O   1 
ATOM   551  C CB  . CYS A 1 73  ? 4.424   4.430   7.985   1.00 15.49 ? 70   CYS A CB  1 
ATOM   552  S SG  . CYS A 1 73  ? 4.150   2.643   7.962   1.00 17.04 ? 70   CYS A SG  1 
ATOM   553  N N   A SER A 1 74  ? 6.341   6.802   7.978   0.50 13.34 ? 71   SER A N   1 
ATOM   554  N N   B SER A 1 74  ? 6.340   6.802   7.979   0.50 13.87 ? 71   SER A N   1 
ATOM   555  C CA  A SER A 1 74  ? 6.540   8.151   7.493   0.50 15.17 ? 71   SER A CA  1 
ATOM   556  C CA  B SER A 1 74  ? 6.533   8.148   7.483   0.50 16.04 ? 71   SER A CA  1 
ATOM   557  C C   A SER A 1 74  ? 6.175   8.199   5.998   0.50 16.10 ? 71   SER A C   1 
ATOM   558  C C   B SER A 1 74  ? 6.122   8.184   6.011   0.50 16.82 ? 71   SER A C   1 
ATOM   559  O O   A SER A 1 74  ? 6.310   7.198   5.259   0.50 16.61 ? 71   SER A O   1 
ATOM   560  O O   B SER A 1 74  ? 6.176   7.161   5.305   0.50 18.05 ? 71   SER A O   1 
ATOM   561  C CB  A SER A 1 74  ? 7.979   8.597   7.725   0.50 18.06 ? 71   SER A CB  1 
ATOM   562  C CB  B SER A 1 74  ? 7.982   8.562   7.622   0.50 19.17 ? 71   SER A CB  1 
ATOM   563  O OG  A SER A 1 74  ? 8.897   7.842   6.947   0.50 17.10 ? 71   SER A OG  1 
ATOM   564  O OG  B SER A 1 74  ? 8.377   8.531   8.974   0.50 24.39 ? 71   SER A OG  1 
ATOM   565  N N   . VAL A 1 75  ? 5.695   9.362   5.575   1.00 16.12 ? 72   VAL A N   1 
ATOM   566  C CA  . VAL A 1 75  ? 5.349   9.583   4.163   1.00 15.10 ? 72   VAL A CA  1 
ATOM   567  C C   . VAL A 1 75  ? 6.535   10.281  3.538   1.00 14.57 ? 72   VAL A C   1 
ATOM   568  O O   . VAL A 1 75  ? 6.943   11.357  3.984   1.00 16.27 ? 72   VAL A O   1 
ATOM   569  C CB  . VAL A 1 75  ? 4.167   10.448  3.991   1.00 14.36 ? 72   VAL A CB  1 
ATOM   570  C CG1 . VAL A 1 75  ? 3.834   10.646  2.486   1.00 16.30 ? 72   VAL A CG1 1 
ATOM   571  C CG2 . VAL A 1 75  ? 2.939   9.885   4.751   1.00 13.33 ? 72   VAL A CG2 1 
ATOM   572  N N   A ILE A 1 76  ? 7.081   9.664   2.498   0.50 16.94 ? 73   ILE A N   1 
ATOM   573  N N   B ILE A 1 76  ? 7.129   9.637   2.545   0.50 16.44 ? 73   ILE A N   1 
ATOM   574  C CA  A ILE A 1 76  ? 8.276   10.167  1.796   0.50 14.77 ? 73   ILE A CA  1 
ATOM   575  C CA  B ILE A 1 76  ? 8.257   10.208  1.800   0.50 14.33 ? 73   ILE A CA  1 
ATOM   576  C C   A ILE A 1 76  ? 7.880   11.118  0.659   0.50 18.65 ? 73   ILE A C   1 
ATOM   577  C C   B ILE A 1 76  ? 7.718   11.216  0.790   0.50 18.02 ? 73   ILE A C   1 
ATOM   578  O O   A ILE A 1 76  ? 8.503   12.177  0.443   0.50 17.87 ? 73   ILE A O   1 
ATOM   579  O O   B ILE A 1 76  ? 8.049   12.429  0.816   0.50 16.10 ? 73   ILE A O   1 
ATOM   580  C CB  A ILE A 1 76  ? 9.126   8.986   1.262   0.50 16.11 ? 73   ILE A CB  1 
ATOM   581  C CB  B ILE A 1 76  ? 9.063   9.101   1.096   0.50 16.56 ? 73   ILE A CB  1 
ATOM   582  C CG1 A ILE A 1 76  ? 9.482   8.003   2.385   0.50 20.30 ? 73   ILE A CG1 1 
ATOM   583  C CG1 B ILE A 1 76  ? 9.705   8.166   2.117   0.50 15.98 ? 73   ILE A CG1 1 
ATOM   584  C CG2 A ILE A 1 76  ? 10.394  9.504   0.564   0.50 15.89 ? 73   ILE A CG2 1 
ATOM   585  C CG2 B ILE A 1 76  ? 10.114  9.712   0.166   0.50 14.40 ? 73   ILE A CG2 1 
ATOM   586  C CD1 A ILE A 1 76  ? 10.320  8.619   3.492   0.50 20.17 ? 73   ILE A CD1 1 
ATOM   587  C CD1 B ILE A 1 76  ? 10.324  6.946   1.511   0.50 14.49 ? 73   ILE A CD1 1 
ATOM   588  N N   . ARG A 1 77  ? 6.855   10.720  -0.093  1.00 16.24 ? 74   ARG A N   1 
ATOM   589  C CA  . ARG A 1 77  ? 6.211   11.596  -1.056  1.00 15.23 ? 74   ARG A CA  1 
ATOM   590  C C   . ARG A 1 77  ? 4.819   11.107  -1.352  1.00 15.91 ? 74   ARG A C   1 
ATOM   591  O O   . ARG A 1 77  ? 4.495   9.917   -1.126  1.00 15.30 ? 74   ARG A O   1 
ATOM   592  C CB  . ARG A 1 77  ? 7.008   11.731  -2.355  1.00 18.35 ? 74   ARG A CB  1 
ATOM   593  C CG  . ARG A 1 77  ? 7.144   10.537  -3.127  1.00 19.37 ? 74   ARG A CG  1 
ATOM   594  C CD  . ARG A 1 77  ? 8.165   10.731  -4.337  1.00 22.65 ? 74   ARG A CD  1 
ATOM   595  N NE  . ARG A 1 77  ? 9.563   10.855  -3.887  1.00 26.30 ? 74   ARG A NE  1 
ATOM   596  C CZ  . ARG A 1 77  ? 10.308  9.854   -3.413  1.00 31.62 ? 74   ARG A CZ  1 
ATOM   597  N NH1 . ARG A 1 77  ? 11.562  10.089  -3.028  1.00 37.96 ? 74   ARG A NH1 1 
ATOM   598  N NH2 . ARG A 1 77  ? 9.813   8.632   -3.247  1.00 28.42 ? 74   ARG A NH2 1 
ATOM   599  N N   . ASP A 1 78  ? 3.984   12.033  -1.847  1.00 13.92 ? 75   ASP A N   1 
ATOM   600  C CA  . ASP A 1 78  ? 2.556   11.768  -2.110  1.00 11.55 ? 75   ASP A CA  1 
ATOM   601  C C   . ASP A 1 78  ? 2.192   12.311  -3.493  1.00 16.46 ? 75   ASP A C   1 
ATOM   602  O O   . ASP A 1 78  ? 2.314   13.506  -3.739  1.00 16.44 ? 75   ASP A O   1 
ATOM   603  C CB  . ASP A 1 78  ? 1.692   12.480  -1.124  1.00 12.02 ? 75   ASP A CB  1 
ATOM   604  C CG  . ASP A 1 78  ? 0.201   12.397  -1.502  1.00 17.77 ? 75   ASP A CG  1 
ATOM   605  O OD1 . ASP A 1 78  ? -0.259  11.292  -1.929  1.00 17.43 ? 75   ASP A OD1 1 
ATOM   606  O OD2 . ASP A 1 78  ? -0.473  13.435  -1.415  1.00 16.80 ? 75   ASP A OD2 1 
ATOM   607  N N   . SER A 1 79  ? 1.835   11.407  -4.388  1.00 17.20 ? 76   SER A N   1 
ATOM   608  C CA  . SER A 1 79  ? 1.231   11.741  -5.651  1.00 18.27 ? 76   SER A CA  1 
ATOM   609  C C   . SER A 1 79  ? -0.039  10.941  -5.878  1.00 18.84 ? 76   SER A C   1 
ATOM   610  O O   . SER A 1 79  ? -0.344  10.600  -7.017  1.00 14.99 ? 76   SER A O   1 
ATOM   611  C CB  . SER A 1 79  ? 2.234   11.442  -6.778  1.00 19.18 ? 76   SER A CB  1 
ATOM   612  O OG  . SER A 1 79  ? 3.331   12.320  -6.683  1.00 25.28 ? 76   SER A OG  1 
ATOM   613  N N   . LEU A 1 80  ? -0.772  10.617  -4.802  1.00 17.33 ? 77   LEU A N   1 
ATOM   614  C CA  . LEU A 1 80  ? -1.886  9.682   -4.909  1.00 17.91 ? 77   LEU A CA  1 
ATOM   615  C C   . LEU A 1 80  ? -2.997  10.219  -5.761  1.00 18.85 ? 77   LEU A C   1 
ATOM   616  O O   . LEU A 1 80  ? -3.696  9.446   -6.371  1.00 15.61 ? 77   LEU A O   1 
ATOM   617  C CB  . LEU A 1 80  ? -2.515  9.351   -3.541  1.00 17.52 ? 77   LEU A CB  1 
ATOM   618  C CG  . LEU A 1 80  ? -3.122  7.938   -3.425  1.00 15.20 ? 77   LEU A CG  1 
ATOM   619  C CD1 . LEU A 1 80  ? -2.138  6.761   -3.548  1.00 19.26 ? 77   LEU A CD1 1 
ATOM   620  C CD2 . LEU A 1 80  ? -3.953  7.758   -2.164  1.00 19.45 ? 77   LEU A CD2 1 
ATOM   621  N N   . TYR A 1 81  ? -3.163  11.550  -5.759  1.00 19.47 ? 78   TYR A N   1 
ATOM   622  C CA  . TYR A 1 81  ? -4.229  12.235  -6.539  1.00 22.48 ? 78   TYR A CA  1 
ATOM   623  C C   . TYR A 1 81  ? -3.720  13.040  -7.714  1.00 23.12 ? 78   TYR A C   1 
ATOM   624  O O   . TYR A 1 81  ? -4.455  13.845  -8.289  1.00 28.09 ? 78   TYR A O   1 
ATOM   625  C CB  . TYR A 1 81  ? -5.101  13.072  -5.631  1.00 17.25 ? 78   TYR A CB  1 
ATOM   626  C CG  . TYR A 1 81  ? -5.956  12.215  -4.803  1.00 20.81 ? 78   TYR A CG  1 
ATOM   627  C CD1 . TYR A 1 81  ? -7.094  11.599  -5.336  1.00 19.87 ? 78   TYR A CD1 1 
ATOM   628  C CD2 . TYR A 1 81  ? -5.613  11.932  -3.485  1.00 19.72 ? 78   TYR A CD2 1 
ATOM   629  C CE1 . TYR A 1 81  ? -7.835  10.775  -4.576  1.00 19.79 ? 78   TYR A CE1 1 
ATOM   630  C CE2 . TYR A 1 81  ? -6.340  11.072  -2.731  1.00 24.33 ? 78   TYR A CE2 1 
ATOM   631  C CZ  . TYR A 1 81  ? -7.471  10.515  -3.265  1.00 22.78 ? 78   TYR A CZ  1 
ATOM   632  O OH  . TYR A 1 81  ? -8.245  9.661   -2.529  1.00 29.73 ? 78   TYR A OH  1 
ATOM   633  N N   . VAL A 1 82  ? -2.505  12.718  -8.137  1.00 24.73 ? 79   VAL A N   1 
ATOM   634  C CA  . VAL A 1 82  ? -1.910  13.193  -9.393  1.00 28.00 ? 79   VAL A CA  1 
ATOM   635  C C   . VAL A 1 82  ? -2.269  12.168  -10.482 1.00 28.19 ? 79   VAL A C   1 
ATOM   636  O O   . VAL A 1 82  ? -1.874  11.004  -10.434 1.00 23.60 ? 79   VAL A O   1 
ATOM   637  C CB  . VAL A 1 82  ? -0.375  13.357  -9.238  1.00 26.13 ? 79   VAL A CB  1 
ATOM   638  C CG1 . VAL A 1 82  ? 0.285   13.638  -10.610 1.00 31.31 ? 79   VAL A CG1 1 
ATOM   639  C CG2 . VAL A 1 82  ? -0.069  14.444  -8.231  1.00 27.27 ? 79   VAL A CG2 1 
ATOM   640  N N   . ASP A 1 83  ? -3.073  12.579  -11.451 1.00 34.22 ? 80   ASP A N   1 
ATOM   641  C CA  . ASP A 1 83  ? -3.774  11.585  -12.270 1.00 34.09 ? 80   ASP A CA  1 
ATOM   642  C C   . ASP A 1 83  ? -2.834  10.733  -13.100 1.00 34.09 ? 80   ASP A C   1 
ATOM   643  O O   . ASP A 1 83  ? -3.117  9.553   -13.330 1.00 34.85 ? 80   ASP A O   1 
ATOM   644  C CB  . ASP A 1 83  ? -4.901  12.210  -13.118 1.00 40.31 ? 80   ASP A CB  1 
ATOM   645  C CG  . ASP A 1 83  ? -6.169  12.483  -12.301 1.00 48.53 ? 80   ASP A CG  1 
ATOM   646  O OD1 . ASP A 1 83  ? -6.378  11.837  -11.239 1.00 61.30 ? 80   ASP A OD1 1 
ATOM   647  O OD2 . ASP A 1 83  ? -6.969  13.343  -12.727 1.00 68.21 ? 80   ASP A OD2 1 
ATOM   648  N N   . SER A 1 84  ? -1.692  11.279  -13.490 1.00 27.98 ? 81   SER A N   1 
ATOM   649  C CA  . SER A 1 84  ? -0.746  10.500  -14.240 1.00 30.56 ? 81   SER A CA  1 
ATOM   650  C C   . SER A 1 84  ? 0.089   9.518   -13.384 1.00 28.93 ? 81   SER A C   1 
ATOM   651  O O   . SER A 1 84  ? 1.026   8.908   -13.889 1.00 30.06 ? 81   SER A O   1 
ATOM   652  C CB  . SER A 1 84  ? 0.217   11.464  -14.931 1.00 34.77 ? 81   SER A CB  1 
ATOM   653  O OG  . SER A 1 84  ? 0.840   12.327  -13.972 1.00 40.34 ? 81   SER A OG  1 
ATOM   654  N N   . ASP A 1 85  ? -0.191  9.411   -12.086 1.00 23.33 ? 82   ASP A N   1 
ATOM   655  C CA  . ASP A 1 85  ? 0.787   8.799   -11.174 1.00 20.42 ? 82   ASP A CA  1 
ATOM   656  C C   . ASP A 1 85  ? 0.031   7.924   -10.187 1.00 16.54 ? 82   ASP A C   1 
ATOM   657  O O   . ASP A 1 85  ? 0.152   6.701   -10.267 1.00 17.65 ? 82   ASP A O   1 
ATOM   658  C CB  . ASP A 1 85  ? 1.600   9.847   -10.431 1.00 22.61 ? 82   ASP A CB  1 
ATOM   659  C CG  . ASP A 1 85  ? 2.788   9.252   -9.698  1.00 26.49 ? 82   ASP A CG  1 
ATOM   660  O OD1 . ASP A 1 85  ? 2.664   8.145   -9.194  1.00 31.48 ? 82   ASP A OD1 1 
ATOM   661  O OD2 . ASP A 1 85  ? 3.827   9.898   -9.606  1.00 32.00 ? 82   ASP A OD2 1 
ATOM   662  N N   . CYS A 1 86  ? -0.753  8.555   -9.320  1.00 15.49 ? 83   CYS A N   1 
ATOM   663  C CA  . CYS A 1 86  ? -1.601  7.812   -8.362  1.00 16.36 ? 83   CYS A CA  1 
ATOM   664  C C   . CYS A 1 86  ? -0.818  6.882   -7.464  1.00 15.52 ? 83   CYS A C   1 
ATOM   665  O O   . CYS A 1 86  ? -1.306  5.814   -7.134  1.00 16.66 ? 83   CYS A O   1 
ATOM   666  C CB  . CYS A 1 86  ? -2.712  6.999   -9.041  1.00 20.34 ? 83   CYS A CB  1 
ATOM   667  S SG  . CYS A 1 86  ? -3.803  7.943   -10.119 1.00 26.81 ? 83   CYS A SG  1 
ATOM   668  N N   . THR A 1 87  ? 0.355   7.348   -6.980  1.00 16.75 ? 84   THR A N   1 
ATOM   669  C CA  . THR A 1 87  ? 1.109   6.603   -6.016  1.00 13.73 ? 84   THR A CA  1 
ATOM   670  C C   . THR A 1 87  ? 1.506   7.469   -4.827  1.00 14.29 ? 84   THR A C   1 
ATOM   671  O O   . THR A 1 87  ? 1.435   8.673   -4.902  1.00 13.70 ? 84   THR A O   1 
ATOM   672  C CB  . THR A 1 87  ? 2.423   6.032   -6.613  1.00 15.06 ? 84   THR A CB  1 
ATOM   673  O OG1 . THR A 1 87  ? 3.355   7.102   -6.923  1.00 14.54 ? 84   THR A OG1 1 
ATOM   674  C CG2 . THR A 1 87  ? 2.124   5.189   -7.850  1.00 16.75 ? 84   THR A CG2 1 
ATOM   675  N N   . MET A 1 88  ? 1.851   6.813   -3.722  1.00 15.18 ? 85   MET A N   1 
ATOM   676  C CA  . MET A 1 88  ? 2.529   7.423   -2.572  1.00 17.14 ? 85   MET A CA  1 
ATOM   677  C C   . MET A 1 88  ? 3.652   6.491   -2.196  1.00 15.76 ? 85   MET A C   1 
ATOM   678  O O   . MET A 1 88  ? 3.543   5.281   -2.360  1.00 18.48 ? 85   MET A O   1 
ATOM   679  C CB  . MET A 1 88  ? 1.652   7.524   -1.300  1.00 18.10 ? 85   MET A CB  1 
ATOM   680  C CG  . MET A 1 88  ? 0.445   8.223   -1.354  1.00 27.72 ? 85   MET A CG  1 
ATOM   681  S SD  . MET A 1 88  ? -0.459  7.877   0.188   1.00 18.21 ? 85   MET A SD  1 
ATOM   682  C CE  . MET A 1 88  ? 0.291   9.055   1.313   1.00 21.67 ? 85   MET A CE  1 
ATOM   683  N N   . ASP A 1 89  ? 4.716   7.057   -1.659  1.00 15.51 ? 86   ASP A N   1 
ATOM   684  C CA  . ASP A 1 89  ? 5.870   6.311   -1.138  1.00 13.77 ? 86   ASP A CA  1 
ATOM   685  C C   . ASP A 1 89  ? 5.976   6.583   0.355   1.00 14.46 ? 86   ASP A C   1 
ATOM   686  O O   . ASP A 1 89  ? 5.938   7.754   0.801   1.00 16.05 ? 86   ASP A O   1 
ATOM   687  C CB  . ASP A 1 89  ? 7.168   6.719   -1.846  1.00 18.04 ? 86   ASP A CB  1 
ATOM   688  C CG  . ASP A 1 89  ? 7.101   6.478   -3.311  1.00 19.16 ? 86   ASP A CG  1 
ATOM   689  O OD1 . ASP A 1 89  ? 6.702   5.373   -3.709  1.00 22.05 ? 86   ASP A OD1 1 
ATOM   690  O OD2 . ASP A 1 89  ? 7.361   7.428   -4.046  1.00 23.23 ? 86   ASP A OD2 1 
ATOM   691  N N   . ILE A 1 90  ? 6.040   5.485   1.093   1.00 14.86 ? 87   ILE A N   1 
ATOM   692  C CA  . ILE A 1 90  ? 5.980   5.451   2.544   1.00 15.40 ? 87   ILE A CA  1 
ATOM   693  C C   . ILE A 1 90  ? 7.192   4.648   3.059   1.00 15.65 ? 87   ILE A C   1 
ATOM   694  O O   . ILE A 1 90  ? 7.756   3.805   2.338   1.00 16.30 ? 87   ILE A O   1 
ATOM   695  C CB  . ILE A 1 90  ? 4.623   4.838   2.989   1.00 16.52 ? 87   ILE A CB  1 
ATOM   696  C CG1 . ILE A 1 90  ? 3.466   5.837   2.743   1.00 16.22 ? 87   ILE A CG1 1 
ATOM   697  C CG2 . ILE A 1 90  ? 4.626   4.405   4.461   1.00 16.89 ? 87   ILE A CG2 1 
ATOM   698  C CD1 . ILE A 1 90  ? 2.041   5.277   2.635   1.00 17.26 ? 87   ILE A CD1 1 
ATOM   699  N N   . ARG A 1 91  ? 7.564   4.880   4.307   1.00 19.00 ? 88   ARG A N   1 
ATOM   700  C CA  . ARG A 1 91  ? 8.643   4.085   4.938   1.00 16.96 ? 88   ARG A CA  1 
ATOM   701  C C   . ARG A 1 91  ? 8.238   3.756   6.338   1.00 15.35 ? 88   ARG A C   1 
ATOM   702  O O   . ARG A 1 91  ? 7.738   4.612   7.050   1.00 15.08 ? 88   ARG A O   1 
ATOM   703  C CB  . ARG A 1 91  ? 9.976   4.856   4.945   1.00 18.06 ? 88   ARG A CB  1 
ATOM   704  C CG  . ARG A 1 91  ? 11.185  3.978   5.312   1.00 21.17 ? 88   ARG A CG  1 
ATOM   705  C CD  . ARG A 1 91  ? 12.496  4.767   5.060   1.00 23.99 ? 88   ARG A CD  1 
ATOM   706  N NE  . ARG A 1 91  ? 12.674  4.878   3.608   1.00 33.36 ? 88   ARG A NE  1 
ATOM   707  C CZ  . ARG A 1 91  ? 13.098  5.962   2.948   1.00 39.32 ? 88   ARG A CZ  1 
ATOM   708  N NH1 . ARG A 1 91  ? 13.426  7.094   3.586   1.00 37.82 ? 88   ARG A NH1 1 
ATOM   709  N NH2 . ARG A 1 91  ? 13.199  5.906   1.619   1.00 36.97 ? 88   ARG A NH2 1 
ATOM   710  N N   . THR A 1 92  ? 8.437   2.492   6.745   1.00 15.68 ? 89   THR A N   1 
ATOM   711  C CA  . THR A 1 92  ? 8.091   2.127   8.112   1.00 16.48 ? 89   THR A CA  1 
ATOM   712  C C   . THR A 1 92  ? 9.115   2.799   9.058   1.00 17.56 ? 89   THR A C   1 
ATOM   713  O O   . THR A 1 92  ? 10.249  3.149   8.630   1.00 17.85 ? 89   THR A O   1 
ATOM   714  C CB  . THR A 1 92  ? 8.110   0.608   8.363   1.00 19.55 ? 89   THR A CB  1 
ATOM   715  O OG1 . THR A 1 92  ? 9.420   0.116   8.094   1.00 18.37 ? 89   THR A OG1 1 
ATOM   716  C CG2 . THR A 1 92  ? 7.099   -0.116  7.520   1.00 16.94 ? 89   THR A CG2 1 
ATOM   717  N N   . LYS A 1 93  ? 8.683   3.047   10.296  1.00 16.32 ? 90   LYS A N   1 
ATOM   718  C CA  . LYS A 1 93  ? 9.565   3.623   11.325  1.00 20.45 ? 90   LYS A CA  1 
ATOM   719  C C   . LYS A 1 93  ? 10.098  2.485   12.215  1.00 21.69 ? 90   LYS A C   1 
ATOM   720  O O   . LYS A 1 93  ? 9.425   1.522   12.441  1.00 24.64 ? 90   LYS A O   1 
ATOM   721  C CB  . LYS A 1 93  ? 8.847   4.656   12.193  1.00 19.63 ? 90   LYS A CB  1 
ATOM   722  C CG  . LYS A 1 93  ? 8.334   5.835   11.428  1.00 21.40 ? 90   LYS A CG  1 
ATOM   723  C CD  . LYS A 1 93  ? 8.209   7.116   12.267  1.00 29.23 ? 90   LYS A CD  1 
ATOM   724  C CE  . LYS A 1 93  ? 6.790   7.698   12.220  1.00 40.22 ? 90   LYS A CE  1 
ATOM   725  N NZ  . LYS A 1 93  ? 6.543   9.182   12.619  1.00 37.54 ? 90   LYS A NZ  1 
ATOM   726  N N   . SER A 1 94  ? 11.309  2.645   12.713  1.00 25.70 ? 91   SER A N   1 
ATOM   727  C CA  . SER A 1 94  ? 11.869  1.748   13.724  1.00 29.45 ? 91   SER A CA  1 
ATOM   728  C C   . SER A 1 94  ? 12.565  2.603   14.794  1.00 36.34 ? 91   SER A C   1 
ATOM   729  O O   . SER A 1 94  ? 12.654  3.817   14.660  1.00 35.46 ? 91   SER A O   1 
ATOM   730  C CB  . SER A 1 94  ? 12.901  0.861   13.046  1.00 31.44 ? 91   SER A CB  1 
ATOM   731  O OG  . SER A 1 94  ? 14.047  1.612   12.679  1.00 38.36 ? 91   SER A OG  1 
ATOM   732  N N   . GLN A 1 95  ? 13.013  2.042   15.899  1.00 45.41 ? 92   GLN A N   1 
ATOM   733  C CA  . GLN A 1 95  ? 12.479  0.864   16.549  1.00 49.53 ? 92   GLN A CA  1 
ATOM   734  C C   . GLN A 1 95  ? 12.571  1.105   18.060  1.00 52.61 ? 92   GLN A C   1 
ATOM   735  O O   . GLN A 1 95  ? 11.541  1.244   18.721  1.00 55.82 ? 92   GLN A O   1 
ATOM   736  C CB  . GLN A 1 95  ? 13.269  -0.375  16.193  1.00 51.15 ? 92   GLN A CB  1 
ATOM   737  C CG  . GLN A 1 95  ? 12.644  -1.641  16.536  1.00 46.20 ? 92   GLN A CG  1 
ATOM   738  C CD  . GLN A 1 95  ? 13.660  -2.714  16.880  1.00 49.65 ? 92   GLN A CD  1 
ATOM   739  O OE1 . GLN A 1 95  ? 14.737  -2.779  16.294  1.00 57.44 ? 92   GLN A OE1 1 
ATOM   740  N NE2 . GLN A 1 95  ? 13.332  -3.548  17.844  1.00 46.91 ? 92   GLN A NE2 1 
ATOM   741  N N   . GLY A 1 96  ? 13.769  1.267   18.619  1.00 53.71 ? 93   GLY A N   1 
ATOM   742  C CA  . GLY A 1 96  ? 15.008  1.666   17.925  1.00 54.09 ? 93   GLY A CA  1 
ATOM   743  C C   . GLY A 1 96  ? 15.860  0.598   17.256  1.00 51.84 ? 93   GLY A C   1 
ATOM   744  O O   . GLY A 1 96  ? 16.111  -0.498  17.825  1.00 50.86 ? 93   GLY A O   1 
ATOM   745  N N   . GLY A 1 97  ? 16.292  0.913   16.041  1.00 47.72 ? 94   GLY A N   1 
ATOM   746  C CA  . GLY A 1 97  ? 17.429  0.212   15.449  1.00 44.39 ? 94   GLY A CA  1 
ATOM   747  C C   . GLY A 1 97  ? 17.109  -0.990  14.576  1.00 38.67 ? 94   GLY A C   1 
ATOM   748  O O   . GLY A 1 97  ? 17.977  -1.479  13.883  1.00 33.13 ? 94   GLY A O   1 
ATOM   749  N N   . GLU A 1 98  ? 15.877  -1.479  14.593  1.00 41.47 ? 95   GLU A N   1 
ATOM   750  C CA  . GLU A 1 98  ? 15.499  -2.488  13.615  1.00 41.87 ? 95   GLU A CA  1 
ATOM   751  C C   . GLU A 1 98  ? 15.621  -1.841  12.222  1.00 40.21 ? 95   GLU A C   1 
ATOM   752  O O   . GLU A 1 98  ? 15.764  -0.603  12.068  1.00 39.53 ? 95   GLU A O   1 
ATOM   753  C CB  . GLU A 1 98  ? 14.046  -2.991  13.775  1.00 44.22 ? 95   GLU A CB  1 
ATOM   754  C CG  . GLU A 1 98  ? 13.083  -1.969  13.168  1.00 53.05 ? 95   GLU A CG  1 
ATOM   755  C CD  . GLU A 1 98  ? 11.635  -2.368  12.961  1.00 49.29 ? 95   GLU A CD  1 
ATOM   756  O OE1 . GLU A 1 98  ? 10.755  -1.704  13.622  1.00 43.72 ? 95   GLU A OE1 1 
ATOM   757  O OE2 . GLU A 1 98  ? 11.411  -3.261  12.095  1.00 50.68 ? 95   GLU A OE2 1 
ATOM   758  N N   . PRO A 1 99  ? 15.546  -2.682  11.196  1.00 38.08 ? 96   PRO A N   1 
ATOM   759  C CA  . PRO A 1 99  ? 15.434  -2.258  9.825   1.00 35.52 ? 96   PRO A CA  1 
ATOM   760  C C   . PRO A 1 99  ? 14.159  -1.493  9.522   1.00 29.20 ? 96   PRO A C   1 
ATOM   761  O O   . PRO A 1 99  ? 13.133  -1.667  10.172  1.00 27.47 ? 96   PRO A O   1 
ATOM   762  C CB  . PRO A 1 99  ? 15.401  -3.590  9.070   1.00 34.13 ? 96   PRO A CB  1 
ATOM   763  C CG  . PRO A 1 99  ? 14.871  -4.549  10.103  1.00 39.29 ? 96   PRO A CG  1 
ATOM   764  C CD  . PRO A 1 99  ? 15.620  -4.147  11.284  1.00 38.98 ? 96   PRO A CD  1 
ATOM   765  N N   . THR A 1 100 ? 14.235  -0.641  8.524   1.00 28.01 ? 97   THR A N   1 
ATOM   766  C CA  . THR A 1 100 ? 13.040  0.016   8.048   1.00 22.78 ? 97   THR A CA  1 
ATOM   767  C C   . THR A 1 100 ? 12.748  -0.591  6.678   1.00 21.48 ? 97   THR A C   1 
ATOM   768  O O   . THR A 1 100 ? 13.652  -1.091  6.014   1.00 20.67 ? 97   THR A O   1 
ATOM   769  C CB  . THR A 1 100 ? 13.222  1.542   7.950   1.00 22.04 ? 97   THR A CB  1 
ATOM   770  O OG1 . THR A 1 100 ? 14.238  1.833   7.009   1.00 22.49 ? 97   THR A OG1 1 
ATOM   771  C CG2 . THR A 1 100 ? 13.547  2.192   9.316   1.00 21.48 ? 97   THR A CG2 1 
ATOM   772  N N   . TYR A 1 101 ? 11.509  -0.458  6.229   1.00 20.47 ? 98   TYR A N   1 
ATOM   773  C CA  . TYR A 1 101 ? 11.086  -0.999  4.934   1.00 18.90 ? 98   TYR A CA  1 
ATOM   774  C C   . TYR A 1 101 ? 10.306  0.054   4.187   1.00 21.16 ? 98   TYR A C   1 
ATOM   775  O O   . TYR A 1 101 ? 9.564   0.840   4.777   1.00 18.71 ? 98   TYR A O   1 
ATOM   776  C CB  . TYR A 1 101 ? 10.191  -2.209  5.147   1.00 19.19 ? 98   TYR A CB  1 
ATOM   777  C CG  . TYR A 1 101 ? 10.830  -3.198  6.074   1.00 19.86 ? 98   TYR A CG  1 
ATOM   778  C CD1 . TYR A 1 101 ? 11.854  -3.991  5.619   1.00 26.27 ? 98   TYR A CD1 1 
ATOM   779  C CD2 . TYR A 1 101 ? 10.422  -3.301  7.407   1.00 21.45 ? 98   TYR A CD2 1 
ATOM   780  C CE1 . TYR A 1 101 ? 12.498  -4.866  6.451   1.00 30.30 ? 98   TYR A CE1 1 
ATOM   781  C CE2 . TYR A 1 101 ? 11.035  -4.212  8.238   1.00 24.64 ? 98   TYR A CE2 1 
ATOM   782  C CZ  . TYR A 1 101 ? 12.066  -4.999  7.741   1.00 27.69 ? 98   TYR A CZ  1 
ATOM   783  O OH  . TYR A 1 101 ? 12.724  -5.906  8.554   1.00 34.36 ? 98   TYR A OH  1 
ATOM   784  N N   . ASN A 1 102 ? 10.507  0.083   2.890   1.00 18.47 ? 99   ASN A N   1 
ATOM   785  C CA  . ASN A 1 102 ? 9.779   0.993   2.027   1.00 15.39 ? 99   ASN A CA  1 
ATOM   786  C C   . ASN A 1 102 ? 8.406   0.380   1.654   1.00 14.54 ? 99   ASN A C   1 
ATOM   787  O O   . ASN A 1 102 ? 8.281   -0.820  1.553   1.00 15.09 ? 99   ASN A O   1 
ATOM   788  C CB  . ASN A 1 102 ? 10.622  1.257   0.779   1.00 14.19 ? 99   ASN A CB  1 
ATOM   789  C CG  . ASN A 1 102 ? 11.888  2.054   1.095   1.00 17.20 ? 99   ASN A CG  1 
ATOM   790  O OD1 . ASN A 1 102 ? 11.820  3.055   1.780   1.00 28.67 ? 99   ASN A OD1 1 
ATOM   791  N ND2 . ASN A 1 102 ? 13.017  1.656   0.523   1.00 19.72 ? 99   ASN A ND2 1 
ATOM   792  N N   . VAL A 1 103 ? 7.428   1.257   1.460   1.00 15.74 ? 100  VAL A N   1 
ATOM   793  C CA  . VAL A 1 103 ? 6.049   0.917   1.133   1.00 13.41 ? 100  VAL A CA  1 
ATOM   794  C C   . VAL A 1 103 ? 5.611   1.809   -0.010  1.00 14.04 ? 100  VAL A C   1 
ATOM   795  O O   . VAL A 1 103 ? 5.853   3.023   -0.009  1.00 15.12 ? 100  VAL A O   1 
ATOM   796  C CB  . VAL A 1 103 ? 5.122   1.097   2.347   1.00 12.66 ? 100  VAL A CB  1 
ATOM   797  C CG1 . VAL A 1 103 ? 3.599   0.910   1.935   1.00 12.41 ? 100  VAL A CG1 1 
ATOM   798  C CG2 . VAL A 1 103 ? 5.559   0.165   3.498   1.00 14.65 ? 100  VAL A CG2 1 
ATOM   799  N N   . ALA A 1 104 ? 5.028   1.171   -1.007  1.00 14.77 ? 101  ALA A N   1 
ATOM   800  C CA  . ALA A 1 104 ? 4.426   1.871   -2.124  1.00 13.58 ? 101  ALA A CA  1 
ATOM   801  C C   . ALA A 1 104 ? 2.899   1.593   -2.105  1.00 14.44 ? 101  ALA A C   1 
ATOM   802  O O   . ALA A 1 104 ? 2.448   0.516   -1.769  1.00 13.07 ? 101  ALA A O   1 
ATOM   803  C CB  . ALA A 1 104 ? 5.089   1.476   -3.425  1.00 13.86 ? 101  ALA A CB  1 
ATOM   804  N N   . VAL A 1 105 ? 2.137   2.642   -2.399  1.00 13.26 ? 102  VAL A N   1 
ATOM   805  C CA  . VAL A 1 105 ? 0.688   2.600   -2.504  1.00 13.05 ? 102  VAL A CA  1 
ATOM   806  C C   . VAL A 1 105 ? 0.357   3.035   -3.910  1.00 14.56 ? 102  VAL A C   1 
ATOM   807  O O   . VAL A 1 105 ? 0.879   4.063   -4.403  1.00 13.68 ? 102  VAL A O   1 
ATOM   808  C CB  . VAL A 1 105 ? 0.055   3.512   -1.494  1.00 15.60 ? 102  VAL A CB  1 
ATOM   809  C CG1 . VAL A 1 105 ? -1.442  3.307   -1.422  1.00 13.45 ? 102  VAL A CG1 1 
ATOM   810  C CG2 . VAL A 1 105 ? 0.737   3.309   -0.075  1.00 11.63 ? 102  VAL A CG2 1 
ATOM   811  N N   . GLY A 1 106 ? -0.536  2.287   -4.543  1.00 14.84 ? 103  GLY A N   1 
ATOM   812  C CA  . GLY A 1 106 ? -1.128  2.689   -5.853  1.00 14.15 ? 103  GLY A CA  1 
ATOM   813  C C   . GLY A 1 106 ? -2.624  2.722   -5.762  1.00 15.36 ? 103  GLY A C   1 
ATOM   814  O O   . GLY A 1 106 ? -3.254  1.890   -5.095  1.00 15.33 ? 103  GLY A O   1 
ATOM   815  N N   . ARG A 1 107 ? -3.223  3.715   -6.400  1.00 16.05 ? 104  ARG A N   1 
ATOM   816  C CA  . ARG A 1 107 ? -4.631  3.939   -6.308  1.00 18.15 ? 104  ARG A CA  1 
ATOM   817  C C   . ARG A 1 107 ? -5.326  3.656   -7.638  1.00 15.63 ? 104  ARG A C   1 
ATOM   818  O O   . ARG A 1 107 ? -5.066  4.337   -8.627  1.00 16.07 ? 104  ARG A O   1 
ATOM   819  C CB  . ARG A 1 107 ? -4.925  5.383   -5.912  1.00 18.13 ? 104  ARG A CB  1 
ATOM   820  C CG  . ARG A 1 107 ? -6.420  5.638   -5.660  1.00 16.11 ? 104  ARG A CG  1 
ATOM   821  C CD  . ARG A 1 107 ? -6.674  7.015   -5.022  1.00 18.51 ? 104  ARG A CD  1 
ATOM   822  N NE  . ARG A 1 107 ? -6.260  8.012   -5.982  1.00 18.22 ? 104  ARG A NE  1 
ATOM   823  C CZ  . ARG A 1 107 ? -6.980  8.412   -7.017  1.00 19.09 ? 104  ARG A CZ  1 
ATOM   824  N NH1 . ARG A 1 107 ? -8.194  7.950   -7.202  1.00 22.49 ? 104  ARG A NH1 1 
ATOM   825  N NH2 . ARG A 1 107 ? -6.499  9.321   -7.839  1.00 24.11 ? 104  ARG A NH2 1 
ATOM   826  N N   . ALA A 1 108 ? -6.194  2.653   -7.605  1.00 17.75 ? 105  ALA A N   1 
ATOM   827  C CA  . ALA A 1 108 ? -7.090  2.322   -8.701  1.00 18.13 ? 105  ALA A CA  1 
ATOM   828  C C   . ALA A 1 108 ? -8.418  3.071   -8.470  1.00 20.10 ? 105  ALA A C   1 
ATOM   829  O O   . ALA A 1 108 ? -8.522  4.037   -7.671  1.00 17.52 ? 105  ALA A O   1 
ATOM   830  C CB  . ALA A 1 108 ? -7.264  0.802   -8.827  1.00 14.34 ? 105  ALA A CB  1 
ATOM   831  N N   . GLY A 1 109 ? -9.425  2.666   -9.232  1.00 18.76 ? 106  GLY A N   1 
ATOM   832  C CA  . GLY A 1 109 ? -10.740 3.292   -9.184  1.00 19.77 ? 106  GLY A CA  1 
ATOM   833  C C   . GLY A 1 109 ? -11.450 3.134   -7.860  1.00 17.99 ? 106  GLY A C   1 
ATOM   834  O O   . GLY A 1 109 ? -12.097 4.086   -7.373  1.00 21.03 ? 106  GLY A O   1 
ATOM   835  N N   . ARG A 1 110 ? -11.335 1.961   -7.242  1.00 17.40 ? 107  ARG A N   1 
ATOM   836  C CA  . ARG A 1 110 ? -12.024 1.676   -5.989  1.00 17.93 ? 107  ARG A CA  1 
ATOM   837  C C   . ARG A 1 110 ? -11.227 0.895   -4.985  1.00 11.89 ? 107  ARG A C   1 
ATOM   838  O O   . ARG A 1 110 ? -11.648 0.711   -3.834  1.00 15.90 ? 107  ARG A O   1 
ATOM   839  C CB  . ARG A 1 110 ? -13.374 0.995   -6.240  1.00 19.42 ? 107  ARG A CB  1 
ATOM   840  C CG  . ARG A 1 110 ? -13.300 -0.303  -6.910  1.00 25.28 ? 107  ARG A CG  1 
ATOM   841  C CD  . ARG A 1 110 ? -14.699 -0.804  -7.403  1.00 29.28 ? 107  ARG A CD  1 
ATOM   842  N NE  . ARG A 1 110 ? -15.340 0.179   -8.270  1.00 44.02 ? 107  ARG A NE  1 
ATOM   843  C CZ  . ARG A 1 110 ? -16.140 -0.073  -9.321  1.00 48.00 ? 107  ARG A CZ  1 
ATOM   844  N NH1 . ARG A 1 110 ? -16.646 0.976   -9.962  1.00 44.92 ? 107  ARG A NH1 1 
ATOM   845  N NH2 . ARG A 1 110 ? -16.445 -1.327  -9.745  1.00 42.67 ? 107  ARG A NH2 1 
ATOM   846  N N   . VAL A 1 111 ? -10.034 0.494   -5.397  1.00 12.77 ? 108  VAL A N   1 
ATOM   847  C CA  . VAL A 1 111 ? -9.126  -0.151  -4.506  1.00 13.69 ? 108  VAL A CA  1 
ATOM   848  C C   . VAL A 1 111 ? -7.761  0.545   -4.488  1.00 13.30 ? 108  VAL A C   1 
ATOM   849  O O   . VAL A 1 111 ? -7.338  1.201   -5.491  1.00 14.26 ? 108  VAL A O   1 
ATOM   850  C CB  . VAL A 1 111 ? -8.948  -1.677  -4.849  1.00 13.80 ? 108  VAL A CB  1 
ATOM   851  C CG1 . VAL A 1 111 ? -10.336 -2.445  -4.794  1.00 11.09 ? 108  VAL A CG1 1 
ATOM   852  C CG2 . VAL A 1 111 ? -8.242  -1.892  -6.167  1.00 17.27 ? 108  VAL A CG2 1 
ATOM   853  N N   . LEU A 1 112 ? -7.069  0.287   -3.387  1.00 13.30 ? 109  LEU A N   1 
ATOM   854  C CA  . LEU A 1 112 ? -5.647  0.604   -3.162  1.00 13.26 ? 109  LEU A CA  1 
ATOM   855  C C   . LEU A 1 112 ? -4.794  -0.656  -3.168  1.00 13.36 ? 109  LEU A C   1 
ATOM   856  O O   . LEU A 1 112 ? -5.243  -1.684  -2.728  1.00 14.14 ? 109  LEU A O   1 
ATOM   857  C CB  . LEU A 1 112 ? -5.460  1.280   -1.789  1.00 11.57 ? 109  LEU A CB  1 
ATOM   858  C CG  . LEU A 1 112 ? -6.189  2.598   -1.542  1.00 14.49 ? 109  LEU A CG  1 
ATOM   859  C CD1 . LEU A 1 112 ? -6.166  2.936   -0.090  1.00 12.28 ? 109  LEU A CD1 1 
ATOM   860  C CD2 . LEU A 1 112 ? -5.584  3.740   -2.399  1.00 13.05 ? 109  LEU A CD2 1 
ATOM   861  N N   . VAL A 1 113 ? -3.606  -0.560  -3.764  1.00 13.25 ? 110  VAL A N   1 
ATOM   862  C CA  . VAL A 1 113 ? -2.543  -1.595  -3.734  1.00 14.10 ? 110  VAL A CA  1 
ATOM   863  C C   . VAL A 1 113 ? -1.469  -1.114  -2.750  1.00 13.46 ? 110  VAL A C   1 
ATOM   864  O O   . VAL A 1 113 ? -1.013  0.032   -2.829  1.00 14.99 ? 110  VAL A O   1 
ATOM   865  C CB  . VAL A 1 113 ? -1.797  -1.733  -5.113  1.00 16.67 ? 110  VAL A CB  1 
ATOM   866  C CG1 . VAL A 1 113 ? -0.850  -2.934  -5.045  1.00 19.06 ? 110  VAL A CG1 1 
ATOM   867  C CG2 . VAL A 1 113 ? -2.791  -1.953  -6.276  1.00 22.73 ? 110  VAL A CG2 1 
ATOM   868  N N   . PHE A 1 114 ? -1.121  -1.947  -1.786  1.00 13.11 ? 111  PHE A N   1 
ATOM   869  C CA  . PHE A 1 114 ? -0.021  -1.666  -0.892  1.00 12.04 ? 111  PHE A CA  1 
ATOM   870  C C   . PHE A 1 114 ? 0.994   -2.773  -1.138  1.00 11.41 ? 111  PHE A C   1 
ATOM   871  O O   . PHE A 1 114 ? 0.609   -3.940  -1.201  1.00 13.32 ? 111  PHE A O   1 
ATOM   872  C CB  . PHE A 1 114 ? -0.495  -1.778  0.566   1.00 14.31 ? 111  PHE A CB  1 
ATOM   873  C CG  . PHE A 1 114 ? -1.360  -0.641  1.022   1.00 10.12 ? 111  PHE A CG  1 
ATOM   874  C CD1 . PHE A 1 114 ? -2.712  -0.682  0.758   1.00 14.86 ? 111  PHE A CD1 1 
ATOM   875  C CD2 . PHE A 1 114 ? -0.837  0.443   1.710   1.00 11.36 ? 111  PHE A CD2 1 
ATOM   876  C CE1 . PHE A 1 114 ? -3.536  0.315   1.201   1.00 12.97 ? 111  PHE A CE1 1 
ATOM   877  C CE2 . PHE A 1 114 ? -1.679  1.515   2.166   1.00 13.58 ? 111  PHE A CE2 1 
ATOM   878  C CZ  . PHE A 1 114 ? -2.988  1.478   1.873   1.00 11.10 ? 111  PHE A CZ  1 
ATOM   879  N N   . VAL A 1 115 ? 2.269   -2.406  -1.247  1.00 13.12 ? 112  VAL A N   1 
ATOM   880  C CA  . VAL A 1 115 ? 3.364   -3.400  -1.200  1.00 11.58 ? 112  VAL A CA  1 
ATOM   881  C C   . VAL A 1 115 ? 4.429   -2.898  -0.264  1.00 12.29 ? 112  VAL A C   1 
ATOM   882  O O   . VAL A 1 115 ? 4.654   -1.690  -0.194  1.00 14.02 ? 112  VAL A O   1 
ATOM   883  C CB  . VAL A 1 115 ? 3.966   -3.617  -2.612  1.00 11.56 ? 112  VAL A CB  1 
ATOM   884  C CG1 . VAL A 1 115 ? 2.932   -4.252  -3.571  1.00 13.44 ? 112  VAL A CG1 1 
ATOM   885  C CG2 . VAL A 1 115 ? 4.544   -2.345  -3.221  1.00 11.94 ? 112  VAL A CG2 1 
ATOM   886  N N   . MET A 1 116 ? 5.075   -3.837  0.453   1.00 13.54 ? 113  MET A N   1 
ATOM   887  C CA  . MET A 1 116 ? 6.169   -3.541  1.347   1.00 15.19 ? 113  MET A CA  1 
ATOM   888  C C   . MET A 1 116 ? 7.394   -4.293  0.873   1.00 14.46 ? 113  MET A C   1 
ATOM   889  O O   . MET A 1 116 ? 7.350   -5.532  0.629   1.00 13.97 ? 113  MET A O   1 
ATOM   890  C CB  . MET A 1 116 ? 5.836   -3.946  2.796   1.00 16.23 ? 113  MET A CB  1 
ATOM   891  C CG  . MET A 1 116 ? 6.894   -3.516  3.788   1.00 13.97 ? 113  MET A CG  1 
ATOM   892  S SD  . MET A 1 116 ? 6.650   -4.245  5.410   1.00 16.96 ? 113  MET A SD  1 
ATOM   893  C CE  . MET A 1 116 ? 5.216   -3.324  5.917   1.00 17.19 ? 113  MET A CE  1 
ATOM   894  N N   . GLY A 1 117 ? 8.489   -3.521  0.719   1.00 14.38 ? 114  GLY A N   1 
ATOM   895  C CA  . GLY A 1 117 ? 9.737   -4.095  0.279   1.00 14.13 ? 114  GLY A CA  1 
ATOM   896  C C   . GLY A 1 117 ? 10.318  -4.980  1.359   1.00 16.22 ? 114  GLY A C   1 
ATOM   897  O O   . GLY A 1 117 ? 10.088  -4.792  2.567   1.00 18.29 ? 114  GLY A O   1 
ATOM   898  N N   . LYS A 1 118 ? 11.118  -5.937  0.910   1.00 18.13 ? 115  LYS A N   1 
ATOM   899  C CA  . LYS A 1 118 ? 11.988  -6.647  1.810   1.00 17.03 ? 115  LYS A CA  1 
ATOM   900  C C   . LYS A 1 118 ? 13.125  -5.687  2.230   1.00 20.73 ? 115  LYS A C   1 
ATOM   901  O O   . LYS A 1 118 ? 13.253  -4.544  1.729   1.00 16.74 ? 115  LYS A O   1 
ATOM   902  C CB  . LYS A 1 118 ? 12.620  -7.864  1.108   1.00 19.32 ? 115  LYS A CB  1 
ATOM   903  C CG  . LYS A 1 118 ? 11.672  -8.881  0.549   1.00 17.92 ? 115  LYS A CG  1 
ATOM   904  C CD  . LYS A 1 118 ? 12.431  -10.119 -0.014  1.00 19.13 ? 115  LYS A CD  1 
ATOM   905  C CE  . LYS A 1 118 ? 11.459  -11.193 -0.519  1.00 26.89 ? 115  LYS A CE  1 
ATOM   906  N NZ  . LYS A 1 118 ? 12.192  -12.395 -1.048  1.00 35.56 ? 115  LYS A NZ  1 
ATOM   907  N N   . GLU A 1 119 ? 13.963  -6.182  3.122   1.00 24.27 ? 116  GLU A N   1 
ATOM   908  C CA  . GLU A 1 119 ? 15.072  -5.382  3.613   1.00 25.25 ? 116  GLU A CA  1 
ATOM   909  C C   . GLU A 1 119 ? 15.955  -4.953  2.474   1.00 22.25 ? 116  GLU A C   1 
ATOM   910  O O   . GLU A 1 119 ? 16.265  -5.724  1.575   1.00 25.17 ? 116  GLU A O   1 
ATOM   911  C CB  . GLU A 1 119 ? 15.895  -6.072  4.685   1.00 27.27 ? 116  GLU A CB  1 
ATOM   912  C CG  . GLU A 1 119 ? 16.771  -5.038  5.405   1.00 30.00 ? 116  GLU A CG  1 
ATOM   913  C CD  . GLU A 1 119 ? 17.578  -5.573  6.570   1.00 35.12 ? 116  GLU A CD  1 
ATOM   914  O OE1 . GLU A 1 119 ? 17.187  -6.613  7.170   1.00 46.29 ? 116  GLU A OE1 1 
ATOM   915  O OE2 . GLU A 1 119 ? 18.598  -4.901  6.877   1.00 50.14 ? 116  GLU A OE2 1 
ATOM   916  N N   . GLY A 1 120 ? 16.262  -3.671  2.467   1.00 21.77 ? 117  GLY A N   1 
ATOM   917  C CA  . GLY A 1 120 ? 17.144  -3.067  1.476   1.00 23.16 ? 117  GLY A CA  1 
ATOM   918  C C   . GLY A 1 120 ? 16.569  -2.875  0.095   1.00 26.25 ? 117  GLY A C   1 
ATOM   919  O O   . GLY A 1 120 ? 17.277  -2.474  -0.816  1.00 27.07 ? 117  GLY A O   1 
ATOM   920  N N   . VAL A 1 121 ? 15.271  -3.132  -0.099  1.00 25.58 ? 118  VAL A N   1 
ATOM   921  C CA  . VAL A 1 121 ? 14.678  -2.934  -1.415  1.00 22.18 ? 118  VAL A CA  1 
ATOM   922  C C   . VAL A 1 121 ? 14.318  -1.482  -1.590  1.00 20.41 ? 118  VAL A C   1 
ATOM   923  O O   . VAL A 1 121 ? 13.576  -0.885  -0.775  1.00 21.84 ? 118  VAL A O   1 
ATOM   924  C CB  . VAL A 1 121 ? 13.469  -3.858  -1.633  1.00 16.81 ? 118  VAL A CB  1 
ATOM   925  C CG1 . VAL A 1 121 ? 12.783  -3.570  -2.956  1.00 15.80 ? 118  VAL A CG1 1 
ATOM   926  C CG2 . VAL A 1 121 ? 13.961  -5.284  -1.583  1.00 18.93 ? 118  VAL A CG2 1 
ATOM   927  N N   . HIS A 1 122 ? 14.877  -0.852  -2.613  1.00 21.07 ? 119  HIS A N   1 
ATOM   928  C CA  . HIS A 1 122 ? 14.598  0.588   -2.787  1.00 22.59 ? 119  HIS A CA  1 
ATOM   929  C C   . HIS A 1 122 ? 13.106  0.950   -3.143  1.00 19.31 ? 119  HIS A C   1 
ATOM   930  O O   . HIS A 1 122 ? 12.335  0.177   -3.754  1.00 17.28 ? 119  HIS A O   1 
ATOM   931  C CB  . HIS A 1 122 ? 15.548  1.204   -3.842  1.00 27.33 ? 119  HIS A CB  1 
ATOM   932  C CG  . HIS A 1 122 ? 16.996  1.124   -3.465  1.00 32.02 ? 119  HIS A CG  1 
ATOM   933  N ND1 . HIS A 1 122 ? 17.415  1.008   -2.160  1.00 39.60 ? 119  HIS A ND1 1 
ATOM   934  C CD2 . HIS A 1 122 ? 18.117  1.114   -4.225  1.00 45.39 ? 119  HIS A CD2 1 
ATOM   935  C CE1 . HIS A 1 122 ? 18.735  0.942   -2.127  1.00 44.64 ? 119  HIS A CE1 1 
ATOM   936  N NE2 . HIS A 1 122 ? 19.184  0.989   -3.370  1.00 47.05 ? 119  HIS A NE2 1 
ATOM   937  N N   . GLY A 1 123 ? 12.736  2.183   -2.816  1.00 19.98 ? 120  GLY A N   1 
ATOM   938  C CA  . GLY A 1 123 ? 11.385  2.697   -3.064  1.00 20.57 ? 120  GLY A CA  1 
ATOM   939  C C   . GLY A 1 123 ? 10.978  2.855   -4.516  1.00 19.76 ? 120  GLY A C   1 
ATOM   940  O O   . GLY A 1 123 ? 9.818   2.663   -4.837  1.00 19.77 ? 120  GLY A O   1 
ATOM   941  N N   . GLY A 1 124 ? 11.941  3.164   -5.400  1.00 18.53 ? 121  GLY A N   1 
ATOM   942  C CA  . GLY A 1 124 ? 11.644  3.377   -6.818  1.00 19.27 ? 121  GLY A CA  1 
ATOM   943  C C   . GLY A 1 124 ? 10.990  2.217   -7.522  1.00 18.58 ? 121  GLY A C   1 
ATOM   944  O O   . GLY A 1 124 ? 10.003  2.366   -8.232  1.00 17.26 ? 121  GLY A O   1 
ATOM   945  N N   . GLY A 1 125 ? 11.556  1.041   -7.319  1.00 22.60 ? 122  GLY A N   1 
ATOM   946  C CA  . GLY A 1 125 ? 11.070  -0.138  -7.995  1.00 23.05 ? 122  GLY A CA  1 
ATOM   947  C C   . GLY A 1 125 ? 9.762   -0.580  -7.421  1.00 19.92 ? 122  GLY A C   1 
ATOM   948  O O   . GLY A 1 125 ? 8.840   -0.967  -8.157  1.00 21.07 ? 122  GLY A O   1 
ATOM   949  N N   . LEU A 1 126 ? 9.642   -0.499  -6.097  1.00 19.25 ? 123  LEU A N   1 
ATOM   950  C CA  . LEU A 1 126 ? 8.336   -0.710  -5.497  1.00 18.06 ? 123  LEU A CA  1 
ATOM   951  C C   . LEU A 1 126 ? 7.262   0.219   -6.048  1.00 16.09 ? 123  LEU A C   1 
ATOM   952  O O   . LEU A 1 126 ? 6.101   -0.183  -6.277  1.00 12.79 ? 123  LEU A O   1 
ATOM   953  C CB  . LEU A 1 126 ? 8.416   -0.582  -3.986  1.00 22.14 ? 123  LEU A CB  1 
ATOM   954  C CG  . LEU A 1 126 ? 9.327   -1.565  -3.270  1.00 22.34 ? 123  LEU A CG  1 
ATOM   955  C CD1 . LEU A 1 126 ? 9.385   -1.267  -1.750  1.00 23.13 ? 123  LEU A CD1 1 
ATOM   956  C CD2 . LEU A 1 126 ? 8.826   -3.048  -3.514  1.00 17.39 ? 123  LEU A CD2 1 
ATOM   957  N N   . ASN A 1 127 ? 7.646   1.499   -6.243  1.00 17.88 ? 124  ASN A N   1 
ATOM   958  C CA  . ASN A 1 127 ? 6.697   2.468   -6.732  1.00 17.55 ? 124  ASN A CA  1 
ATOM   959  C C   . ASN A 1 127 ? 6.191   2.011   -8.091  1.00 18.95 ? 124  ASN A C   1 
ATOM   960  O O   . ASN A 1 127 ? 4.966   2.067   -8.371  1.00 15.67 ? 124  ASN A O   1 
ATOM   961  C CB  . ASN A 1 127 ? 7.328   3.859   -6.807  1.00 20.88 ? 124  ASN A CB  1 
ATOM   962  C CG  . ASN A 1 127 ? 6.349   4.892   -7.278  1.00 21.61 ? 124  ASN A CG  1 
ATOM   963  O OD1 . ASN A 1 127 ? 6.167   5.067   -8.483  1.00 24.58 ? 124  ASN A OD1 1 
ATOM   964  N ND2 . ASN A 1 127 ? 5.698   5.558   -6.337  1.00 20.99 ? 124  ASN A ND2 1 
ATOM   965  N N   . LYS A 1 128 ? 7.125   1.572   -8.948  1.00 18.56 ? 125  LYS A N   1 
ATOM   966  C CA  . LYS A 1 128 ? 6.718   1.182   -10.301 1.00 18.34 ? 125  LYS A CA  1 
ATOM   967  C C   . LYS A 1 128 ? 5.778   0.035   -10.277 1.00 18.47 ? 125  LYS A C   1 
ATOM   968  O O   . LYS A 1 128 ? 4.851   0.010   -11.065 1.00 19.47 ? 125  LYS A O   1 
ATOM   969  C CB  . LYS A 1 128 ? 7.915   0.841   -11.225 1.00 21.78 ? 125  LYS A CB  1 
ATOM   970  C CG  . LYS A 1 128 ? 7.476   0.106   -12.527 1.00 26.25 ? 125  LYS A CG  1 
ATOM   971  C CD  . LYS A 1 128 ? 6.516   0.849   -13.561 1.00 31.02 ? 125  LYS A CD  1 
ATOM   972  C CE  . LYS A 1 128 ? 7.243   2.038   -14.196 1.00 39.19 ? 125  LYS A CE  1 
ATOM   973  N NZ  . LYS A 1 128 ? 6.455   2.736   -15.249 1.00 29.79 ? 125  LYS A NZ  1 
ATOM   974  N N   . LYS A 1 129 ? 6.027   -0.912  -9.389  1.00 17.03 ? 126  LYS A N   1 
ATOM   975  C CA  . LYS A 1 129 ? 5.176   -2.063  -9.242  1.00 18.38 ? 126  LYS A CA  1 
ATOM   976  C C   . LYS A 1 129 ? 3.756   -1.735  -8.792  1.00 15.79 ? 126  LYS A C   1 
ATOM   977  O O   . LYS A 1 129 ? 2.768   -2.207  -9.386  1.00 17.05 ? 126  LYS A O   1 
ATOM   978  C CB  . LYS A 1 129 ? 5.821   -3.077  -8.336  1.00 18.90 ? 126  LYS A CB  1 
ATOM   979  C CG  . LYS A 1 129 ? 7.050   -3.686  -9.063  1.00 20.46 ? 126  LYS A CG  1 
ATOM   980  C CD  . LYS A 1 129 ? 7.690   -4.707  -8.265  1.00 17.32 ? 126  LYS A CD  1 
ATOM   981  C CE  . LYS A 1 129 ? 8.824   -5.428  -9.018  1.00 17.56 ? 126  LYS A CE  1 
ATOM   982  N NZ  . LYS A 1 129 ? 8.427   -6.542  -9.953  1.00 16.63 ? 126  LYS A NZ  1 
ATOM   983  N N   . ALA A 1 130 ? 3.652   -0.841  -7.824  1.00 15.86 ? 127  ALA A N   1 
ATOM   984  C CA  . ALA A 1 130 ? 2.351   -0.379  -7.379  1.00 15.89 ? 127  ALA A CA  1 
ATOM   985  C C   . ALA A 1 130 ? 1.631   0.410   -8.461  1.00 16.69 ? 127  ALA A C   1 
ATOM   986  O O   . ALA A 1 130 ? 0.419   0.290   -8.613  1.00 18.18 ? 127  ALA A O   1 
ATOM   987  C CB  . ALA A 1 130 ? 2.473   0.435   -6.088  1.00 17.17 ? 127  ALA A CB  1 
ATOM   988  N N   . TYR A 1 131 ? 2.362   1.223   -9.210  1.00 15.51 ? 128  TYR A N   1 
ATOM   989  C CA  . TYR A 1 131 ? 1.793   2.002   -10.280 1.00 15.66 ? 128  TYR A CA  1 
ATOM   990  C C   . TYR A 1 131 ? 1.199   1.047   -11.339 1.00 17.46 ? 128  TYR A C   1 
ATOM   991  O O   . TYR A 1 131 ? 0.053   1.162   -11.779 1.00 18.56 ? 128  TYR A O   1 
ATOM   992  C CB  . TYR A 1 131 ? 2.870   2.864   -10.868 1.00 19.97 ? 128  TYR A CB  1 
ATOM   993  C CG  . TYR A 1 131 ? 2.497   3.486   -12.184 1.00 19.59 ? 128  TYR A CG  1 
ATOM   994  C CD1 . TYR A 1 131 ? 1.821   4.693   -12.229 1.00 32.75 ? 128  TYR A CD1 1 
ATOM   995  C CD2 . TYR A 1 131 ? 2.811   2.844   -13.397 1.00 32.91 ? 128  TYR A CD2 1 
ATOM   996  C CE1 . TYR A 1 131 ? 1.484   5.277   -13.435 1.00 33.74 ? 128  TYR A CE1 1 
ATOM   997  C CE2 . TYR A 1 131 ? 2.449   3.404   -14.608 1.00 32.47 ? 128  TYR A CE2 1 
ATOM   998  C CZ  . TYR A 1 131 ? 1.804   4.643   -14.619 1.00 37.94 ? 128  TYR A CZ  1 
ATOM   999  O OH  . TYR A 1 131 ? 1.441   5.260   -15.820 1.00 40.95 ? 128  TYR A OH  1 
ATOM   1000 N N   . SER A 1 132 ? 1.986   0.036   -11.673 1.00 18.44 ? 129  SER A N   1 
ATOM   1001 C CA  . SER A 1 132 ? 1.563   -0.912  -12.684 1.00 18.53 ? 129  SER A CA  1 
ATOM   1002 C C   . SER A 1 132 ? 0.363   -1.733  -12.270 1.00 18.94 ? 129  SER A C   1 
ATOM   1003 O O   . SER A 1 132 ? -0.588  -1.904  -13.046 1.00 20.03 ? 129  SER A O   1 
ATOM   1004 C CB  . SER A 1 132 ? 2.704   -1.872  -13.006 1.00 18.65 ? 129  SER A CB  1 
ATOM   1005 O OG  . SER A 1 132 ? 2.238   -2.801  -13.984 1.00 17.47 ? 129  SER A OG  1 
ATOM   1006 N N   . MET A 1 133 ? 0.402   -2.234  -11.053 1.00 18.10 ? 130  MET A N   1 
ATOM   1007 C CA  . MET A 1 133 ? -0.699  -2.945  -10.463 1.00 17.52 ? 130  MET A CA  1 
ATOM   1008 C C   . MET A 1 133 ? -1.942  -2.098  -10.439 1.00 16.13 ? 130  MET A C   1 
ATOM   1009 O O   . MET A 1 133 ? -2.987  -2.564  -10.888 1.00 17.08 ? 130  MET A O   1 
ATOM   1010 C CB  . MET A 1 133 ? -0.361  -3.438  -9.080  1.00 19.23 ? 130  MET A CB  1 
ATOM   1011 C CG  . MET A 1 133 ? 0.579   -4.594  -9.032  1.00 20.60 ? 130  MET A CG  1 
ATOM   1012 S SD  . MET A 1 133 ? 1.151   -5.035  -7.385  1.00 20.39 ? 130  MET A SD  1 
ATOM   1013 C CE  . MET A 1 133 ? -0.170  -6.001  -6.630  1.00 23.36 ? 130  MET A CE  1 
ATOM   1014 N N   . ALA A 1 134 ? -1.839  -0.833  -10.007 1.00 17.51 ? 131  ALA A N   1 
ATOM   1015 C CA  . ALA A 1 134 ? -3.016  0.049   -9.961  1.00 17.55 ? 131  ALA A CA  1 
ATOM   1016 C C   . ALA A 1 134 ? -3.672  0.135   -11.350 1.00 17.78 ? 131  ALA A C   1 
ATOM   1017 O O   . ALA A 1 134 ? -4.900  0.055   -11.484 1.00 17.21 ? 131  ALA A O   1 
ATOM   1018 C CB  . ALA A 1 134 ? -2.645  1.431   -9.439  1.00 18.77 ? 131  ALA A CB  1 
ATOM   1019 N N   . LYS A 1 135 ? -2.833  0.332   -12.344 1.00 18.77 ? 132  LYS A N   1 
ATOM   1020 C CA  . LYS A 1 135 ? -3.280  0.540   -13.728 1.00 22.67 ? 132  LYS A CA  1 
ATOM   1021 C C   . LYS A 1 135 ? -4.039  -0.688  -14.228 1.00 21.56 ? 132  LYS A C   1 
ATOM   1022 O O   . LYS A 1 135 ? -5.097  -0.575  -14.834 1.00 23.38 ? 132  LYS A O   1 
ATOM   1023 C CB  . LYS A 1 135 ? -2.066  0.724   -14.610 1.00 23.75 ? 132  LYS A CB  1 
ATOM   1024 C CG  . LYS A 1 135 ? -1.545  2.170   -14.697 1.00 31.56 ? 132  LYS A CG  1 
ATOM   1025 C CD  . LYS A 1 135 ? -0.777  2.358   -16.048 1.00 33.75 ? 132  LYS A CD  1 
ATOM   1026 C CE  . LYS A 1 135 ? 0.346   1.241   -16.325 1.00 49.02 ? 132  LYS A CE  1 
ATOM   1027 N NZ  . LYS A 1 135 ? -0.005  0.056   -17.217 1.00 41.67 ? 132  LYS A NZ  1 
ATOM   1028 N N   . TYR A 1 136 ? -3.435  -1.848  -13.989 1.00 19.71 ? 133  TYR A N   1 
ATOM   1029 C CA  . TYR A 1 136 ? -3.991  -3.152  -14.324 1.00 19.66 ? 133  TYR A CA  1 
ATOM   1030 C C   . TYR A 1 136 ? -5.329  -3.305  -13.658 1.00 20.92 ? 133  TYR A C   1 
ATOM   1031 O O   . TYR A 1 136 ? -6.325  -3.696  -14.283 1.00 20.84 ? 133  TYR A O   1 
ATOM   1032 C CB  . TYR A 1 136 ? -3.028  -4.264  -13.918 1.00 20.05 ? 133  TYR A CB  1 
ATOM   1033 C CG  . TYR A 1 136 ? -3.669  -5.631  -14.033 1.00 17.34 ? 133  TYR A CG  1 
ATOM   1034 C CD1 . TYR A 1 136 ? -4.013  -6.161  -15.271 1.00 22.64 ? 133  TYR A CD1 1 
ATOM   1035 C CD2 . TYR A 1 136 ? -3.969  -6.371  -12.894 1.00 25.14 ? 133  TYR A CD2 1 
ATOM   1036 C CE1 . TYR A 1 136 ? -4.648  -7.406  -15.375 1.00 21.19 ? 133  TYR A CE1 1 
ATOM   1037 C CE2 . TYR A 1 136 ? -4.576  -7.586  -12.985 1.00 23.03 ? 133  TYR A CE2 1 
ATOM   1038 C CZ  . TYR A 1 136 ? -4.909  -8.111  -14.240 1.00 25.89 ? 133  TYR A CZ  1 
ATOM   1039 O OH  . TYR A 1 136 ? -5.523  -9.345  -14.304 1.00 33.43 ? 133  TYR A OH  1 
ATOM   1040 N N   . LEU A 1 137 ? -5.401  -2.955  -12.374 1.00 17.89 ? 134  LEU A N   1 
ATOM   1041 C CA  . LEU A 1 137 ? -6.670  -3.095  -11.682 1.00 20.67 ? 134  LEU A CA  1 
ATOM   1042 C C   . LEU A 1 137 ? -7.779  -2.123  -12.178 1.00 19.10 ? 134  LEU A C   1 
ATOM   1043 O O   . LEU A 1 137 ? -8.966  -2.488  -12.239 1.00 20.15 ? 134  LEU A O   1 
ATOM   1044 C CB  . LEU A 1 137 ? -6.463  -3.014  -10.176 1.00 18.51 ? 134  LEU A CB  1 
ATOM   1045 C CG  . LEU A 1 137 ? -5.604  -4.122  -9.579  1.00 17.59 ? 134  LEU A CG  1 
ATOM   1046 C CD1 . LEU A 1 137 ? -5.566  -4.026  -8.018  1.00 18.51 ? 134  LEU A CD1 1 
ATOM   1047 C CD2 . LEU A 1 137 ? -5.973  -5.586  -10.036 1.00 21.78 ? 134  LEU A CD2 1 
ATOM   1048 N N   . ARG A 1 138 ? -7.370  -0.911  -12.548 1.00 19.71 ? 135  ARG A N   1 
ATOM   1049 C CA  . ARG A 1 138 ? -8.265  0.066   -13.189 1.00 24.32 ? 135  ARG A CA  1 
ATOM   1050 C C   . ARG A 1 138 ? -8.836  -0.488  -14.459 1.00 20.49 ? 135  ARG A C   1 
ATOM   1051 O O   . ARG A 1 138 ? -10.058 -0.428  -14.681 1.00 23.38 ? 135  ARG A O   1 
ATOM   1052 C CB  . ARG A 1 138 ? -7.524  1.352   -13.546 1.00 27.46 ? 135  ARG A CB  1 
ATOM   1053 C CG  . ARG A 1 138 ? -7.772  2.449   -12.606 1.00 32.41 ? 135  ARG A CG  1 
ATOM   1054 C CD  . ARG A 1 138 ? -6.989  3.687   -13.015 1.00 28.21 ? 135  ARG A CD  1 
ATOM   1055 N NE  . ARG A 1 138 ? -6.695  4.499   -11.847 1.00 33.26 ? 135  ARG A NE  1 
ATOM   1056 C CZ  . ARG A 1 138 ? -7.600  5.225   -11.190 1.00 31.74 ? 135  ARG A CZ  1 
ATOM   1057 N NH1 . ARG A 1 138 ? -7.211  5.917   -10.126 1.00 31.49 ? 135  ARG A NH1 1 
ATOM   1058 N NH2 . ARG A 1 138 ? -8.877  5.284   -11.596 1.00 33.27 ? 135  ARG A NH2 1 
ATOM   1059 N N   . ASP A 1 139 ? -7.953  -1.044  -15.273 1.00 23.17 ? 136  ASP A N   1 
ATOM   1060 C CA  . ASP A 1 139 ? -8.319  -1.687  -16.527 1.00 23.75 ? 136  ASP A CA  1 
ATOM   1061 C C   . ASP A 1 139 ? -9.320  -2.803  -16.288 1.00 27.25 ? 136  ASP A C   1 
ATOM   1062 O O   . ASP A 1 139 ? -10.143 -3.113  -17.144 1.00 25.08 ? 136  ASP A O   1 
ATOM   1063 C CB  . ASP A 1 139 ? -7.098  -2.279  -17.193 1.00 24.38 ? 136  ASP A CB  1 
ATOM   1064 C CG  . ASP A 1 139 ? -6.266  -1.272  -17.995 1.00 33.48 ? 136  ASP A CG  1 
ATOM   1065 O OD1 . ASP A 1 139 ? -6.564  -0.059  -18.012 1.00 34.40 ? 136  ASP A OD1 1 
ATOM   1066 O OD2 . ASP A 1 139 ? -5.264  -1.723  -18.602 1.00 37.04 ? 136  ASP A OD2 1 
ATOM   1067 N N   . SER A 1 140 ? -9.272  -3.417  -15.113 1.00 26.16 ? 137  SER A N   1 
ATOM   1068 C CA  . SER A 1 140 ? -10.168 -4.539  -14.800 1.00 22.47 ? 137  SER A CA  1 
ATOM   1069 C C   . SER A 1 140 ? -11.498 -4.145  -14.166 1.00 21.25 ? 137  SER A C   1 
ATOM   1070 O O   . SER A 1 140 ? -12.308 -5.032  -13.797 1.00 24.04 ? 137  SER A O   1 
ATOM   1071 C CB  . SER A 1 140 ? -9.417  -5.491  -13.856 1.00 24.72 ? 137  SER A CB  1 
ATOM   1072 O OG  . SER A 1 140 ? -8.204  -5.904  -14.431 1.00 25.99 ? 137  SER A OG  1 
ATOM   1073 N N   . GLY A 1 141 ? -11.700 -2.852  -13.904 1.00 20.76 ? 138  GLY A N   1 
ATOM   1074 C CA  . GLY A 1 141 ? -12.923 -2.364  -13.338 1.00 19.84 ? 138  GLY A CA  1 
ATOM   1075 C C   . GLY A 1 141 ? -12.836 -2.006  -11.892 1.00 19.34 ? 138  GLY A C   1 
ATOM   1076 O O   . GLY A 1 141 ? -13.840 -1.676  -11.297 1.00 17.80 ? 138  GLY A O   1 
ATOM   1077 N N   . PHE A 1 142 ? -11.631 -2.068  -11.303 1.00 17.36 ? 139  PHE A N   1 
ATOM   1078 C CA  . PHE A 1 142 ? -11.478 -1.728  -9.877  1.00 17.35 ? 139  PHE A CA  1 
ATOM   1079 C C   . PHE A 1 142 ? -10.683 -0.474  -9.629  1.00 18.36 ? 139  PHE A C   1 
ATOM   1080 O O   . PHE A 1 142 ? -10.382 -0.197  -8.443  1.00 21.80 ? 139  PHE A O   1 
ATOM   1081 C CB  . PHE A 1 142 ? -10.841 -2.949  -9.179  1.00 16.91 ? 139  PHE A CB  1 
ATOM   1082 C CG  . PHE A 1 142 ? -11.688 -4.198  -9.300  1.00 13.48 ? 139  PHE A CG  1 
ATOM   1083 C CD1 . PHE A 1 142 ? -11.390 -5.137  -10.267 1.00 19.80 ? 139  PHE A CD1 1 
ATOM   1084 C CD2 . PHE A 1 142 ? -12.806 -4.396  -8.491  1.00 17.80 ? 139  PHE A CD2 1 
ATOM   1085 C CE1 . PHE A 1 142 ? -12.203 -6.293  -10.445 1.00 17.34 ? 139  PHE A CE1 1 
ATOM   1086 C CE2 . PHE A 1 142 ? -13.608 -5.560  -8.642  1.00 17.05 ? 139  PHE A CE2 1 
ATOM   1087 C CZ  . PHE A 1 142 ? -13.272 -6.502  -9.638  1.00 16.16 ? 139  PHE A CZ  1 
ATOM   1088 O OXT . PHE A 1 142 ? -10.393 0.316   -10.554 1.00 19.20 ? 139  PHE A OXT 1 
HETATM 1089 S S1  . DTU B 2 .   ? -14.903 4.806   -8.283  1.00 75.36 ? 1140 DTU A S1  1 
HETATM 1090 C C1  . DTU B 2 .   ? -15.363 6.576   -8.406  1.00 70.81 ? 1140 DTU A C1  1 
HETATM 1091 C C2  . DTU B 2 .   ? -16.034 7.217   -7.170  1.00 67.47 ? 1140 DTU A C2  1 
HETATM 1092 O O2  . DTU B 2 .   ? -17.209 6.500   -6.807  1.00 68.90 ? 1140 DTU A O2  1 
HETATM 1093 C C3  . DTU B 2 .   ? -15.065 7.367   -5.982  1.00 60.74 ? 1140 DTU A C3  1 
HETATM 1094 O O3  . DTU B 2 .   ? -14.866 8.739   -5.693  1.00 62.50 ? 1140 DTU A O3  1 
HETATM 1095 C C4  . DTU B 2 .   ? -15.506 6.658   -4.699  1.00 53.67 ? 1140 DTU A C4  1 
HETATM 1096 S S4  . DTU B 2 .   ? -14.089 6.351   -3.603  1.00 40.00 ? 1140 DTU A S4  1 
HETATM 1097 S S1  . DTU C 2 .   ? 6.647   -18.275 -5.661  1.00 38.07 ? 1141 DTU A S1  1 
HETATM 1098 C C1  . DTU C 2 .   ? 7.433   -19.053 -7.087  1.00 39.75 ? 1141 DTU A C1  1 
HETATM 1099 C C2  . DTU C 2 .   ? 6.422   -19.434 -8.164  1.00 49.36 ? 1141 DTU A C2  1 
HETATM 1100 O O2  . DTU C 2 .   ? 6.982   -19.218 -9.449  1.00 58.51 ? 1141 DTU A O2  1 
HETATM 1101 C C3  . DTU C 2 .   ? 5.946   -20.869 -8.143  1.00 55.00 ? 1141 DTU A C3  1 
HETATM 1102 O O3  . DTU C 2 .   ? 6.715   -21.600 -9.071  1.00 49.49 ? 1141 DTU A O3  1 
HETATM 1103 C C4  . DTU C 2 .   ? 5.984   -21.531 -6.768  1.00 55.35 ? 1141 DTU A C4  1 
HETATM 1104 S S4  . DTU C 2 .   ? 4.340   -21.373 -6.066  1.00 73.27 ? 1141 DTU A S4  1 
HETATM 1105 C C1  A GOL D 3 .   ? -7.568  -9.843  -10.008 0.50 32.71 ? 1142 GOL A C1  1 
HETATM 1106 C C1  B GOL D 3 .   ? -7.517  -10.896 -10.849 0.50 38.14 ? 1142 GOL A C1  1 
HETATM 1107 O O1  A GOL D 3 .   ? -6.503  -8.941  -10.029 0.50 27.16 ? 1142 GOL A O1  1 
HETATM 1108 O O1  B GOL D 3 .   ? -7.114  -10.232 -12.023 0.50 33.28 ? 1142 GOL A O1  1 
HETATM 1109 C C2  A GOL D 3 .   ? -8.782  -9.078  -10.488 0.50 39.49 ? 1142 GOL A C2  1 
HETATM 1110 C C2  B GOL D 3 .   ? -8.668  -10.102 -10.246 0.50 43.33 ? 1142 GOL A C2  1 
HETATM 1111 O O2  A GOL D 3 .   ? -8.477  -8.602  -11.779 0.50 33.40 ? 1142 GOL A O2  1 
HETATM 1112 O O2  B GOL D 3 .   ? -8.993  -9.093  -11.190 0.50 48.44 ? 1142 GOL A O2  1 
HETATM 1113 C C3  A GOL D 3 .   ? -10.024 -9.974  -10.439 0.50 40.94 ? 1142 GOL A C3  1 
HETATM 1114 C C3  B GOL D 3 .   ? -9.898  -10.965 -9.918  0.50 43.43 ? 1142 GOL A C3  1 
HETATM 1115 O O3  A GOL D 3 .   ? -10.429 -10.235 -9.110  0.50 37.42 ? 1142 GOL A O3  1 
HETATM 1116 O O3  B GOL D 3 .   ? -10.026 -11.231 -8.533  0.50 33.45 ? 1142 GOL A O3  1 
HETATM 1117 C C1  . GOL E 3 .   ? -11.923 -8.052  -14.716 1.00 60.58 ? 1143 GOL A C1  1 
HETATM 1118 O O1  . GOL E 3 .   ? -12.302 -7.394  -15.930 1.00 58.15 ? 1143 GOL A O1  1 
HETATM 1119 C C2  . GOL E 3 .   ? -13.022 -8.923  -14.104 1.00 63.05 ? 1143 GOL A C2  1 
HETATM 1120 O O2  . GOL E 3 .   ? -12.696 -9.287  -12.780 1.00 57.34 ? 1143 GOL A O2  1 
HETATM 1121 C C3  . GOL E 3 .   ? -14.371 -8.216  -14.143 1.00 63.83 ? 1143 GOL A C3  1 
HETATM 1122 O O3  . GOL E 3 .   ? -14.219 -6.829  -14.330 1.00 60.34 ? 1143 GOL A O3  1 
HETATM 1123 S S   . SO4 F 4 .   ? -10.203 8.537   -10.338 1.00 71.10 ? 1144 SO4 A S   1 
HETATM 1124 O O1  . SO4 F 4 .   ? -11.609 8.903   -10.123 1.00 78.54 ? 1144 SO4 A O1  1 
HETATM 1125 O O2  . SO4 F 4 .   ? -9.354  9.594   -9.760  1.00 70.70 ? 1144 SO4 A O2  1 
HETATM 1126 O O3  . SO4 F 4 .   ? -9.967  7.209   -9.754  1.00 37.17 ? 1144 SO4 A O3  1 
HETATM 1127 O O4  . SO4 F 4 .   ? -9.918  8.530   -11.779 1.00 74.80 ? 1144 SO4 A O4  1 
HETATM 1128 O O   . HOH G 5 .   ? -14.291 -16.520 -3.828  1.00 37.86 ? 2001 HOH A O   1 
HETATM 1129 O O   . HOH G 5 .   ? -12.910 -16.803 -9.842  1.00 40.03 ? 2002 HOH A O   1 
HETATM 1130 O O   . HOH G 5 .   ? -11.611 -14.293 -9.438  1.00 40.01 ? 2003 HOH A O   1 
HETATM 1131 O O   . HOH G 5 .   ? -9.389  -16.673 -9.437  0.50 31.63 ? 2004 HOH A O   1 
HETATM 1132 O O   . HOH G 5 .   ? -17.271 -11.661 -6.603  1.00 24.24 ? 2005 HOH A O   1 
HETATM 1133 O O   . HOH G 5 .   ? -8.042  -18.119 -1.281  1.00 58.35 ? 2006 HOH A O   1 
HETATM 1134 O O   . HOH G 5 .   ? -9.347  -12.362 -0.420  1.00 34.72 ? 2007 HOH A O   1 
HETATM 1135 O O   . HOH G 5 .   ? -3.292  -16.520 3.092   1.00 33.95 ? 2008 HOH A O   1 
HETATM 1136 O O   . HOH G 5 .   ? -6.825  -17.935 -3.520  1.00 30.88 ? 2009 HOH A O   1 
HETATM 1137 O O   . HOH G 5 .   ? -12.159 -17.070 -0.423  1.00 56.44 ? 2010 HOH A O   1 
HETATM 1138 O O   . HOH G 5 .   ? -10.500 -2.828  11.116  1.00 30.93 ? 2011 HOH A O   1 
HETATM 1139 O O   . HOH G 5 .   ? -6.253  -13.775 -9.234  1.00 31.92 ? 2012 HOH A O   1 
HETATM 1140 O O   . HOH G 5 .   ? 12.553  -6.342  -6.598  1.00 28.78 ? 2013 HOH A O   1 
HETATM 1141 O O   . HOH G 5 .   ? 13.328  -15.146 -8.451  0.50 16.61 ? 2014 HOH A O   1 
HETATM 1142 O O   . HOH G 5 .   ? -7.159  6.641   15.176  1.00 43.82 ? 2015 HOH A O   1 
HETATM 1143 O O   . HOH G 5 .   ? -8.985  -14.261 1.424   1.00 49.95 ? 2016 HOH A O   1 
HETATM 1144 O O   . HOH G 5 .   ? -6.422  -15.077 4.296   1.00 58.37 ? 2017 HOH A O   1 
HETATM 1145 O O   . HOH G 5 .   ? -5.177  10.305  12.279  1.00 36.21 ? 2018 HOH A O   1 
HETATM 1146 O O   . HOH G 5 .   ? -0.971  11.523  14.726  1.00 60.51 ? 2019 HOH A O   1 
HETATM 1147 O O   . HOH G 5 .   ? -1.113  -16.854 -6.225  1.00 28.71 ? 2020 HOH A O   1 
HETATM 1148 O O   . HOH G 5 .   ? -7.758  -18.060 -7.390  0.50 23.59 ? 2021 HOH A O   1 
HETATM 1149 O O   . HOH G 5 .   ? -0.484  -6.957  -11.803 1.00 22.46 ? 2022 HOH A O   1 
HETATM 1150 O O   . HOH G 5 .   ? -0.343  -9.469  -8.286  1.00 34.16 ? 2023 HOH A O   1 
HETATM 1151 O O   . HOH G 5 .   ? -15.662 3.441   7.122   1.00 31.80 ? 2024 HOH A O   1 
HETATM 1152 O O   . HOH G 5 .   ? -0.562  -15.131 1.901   1.00 19.55 ? 2025 HOH A O   1 
HETATM 1153 O O   . HOH G 5 .   ? -3.812  -18.008 -2.607  1.00 46.12 ? 2026 HOH A O   1 
HETATM 1154 O O   . HOH G 5 .   ? -3.101  -17.672 0.704   1.00 43.96 ? 2027 HOH A O   1 
HETATM 1155 O O   . HOH G 5 .   ? 2.760   -16.866 -3.094  1.00 52.24 ? 2028 HOH A O   1 
HETATM 1156 O O   . HOH G 5 .   ? -16.549 -7.075  5.011   1.00 59.69 ? 2029 HOH A O   1 
HETATM 1157 O O   . HOH G 5 .   ? -16.397 -11.746 1.845   1.00 55.71 ? 2030 HOH A O   1 
HETATM 1158 O O   . HOH G 5 .   ? -1.928  -15.866 -9.474  1.00 48.92 ? 2031 HOH A O   1 
HETATM 1159 O O   . HOH G 5 .   ? -3.537  -13.785 -9.841  1.00 41.60 ? 2032 HOH A O   1 
HETATM 1160 O O   . HOH G 5 .   ? -6.078  -11.104 5.486   1.00 29.72 ? 2033 HOH A O   1 
HETATM 1161 O O   . HOH G 5 .   ? 8.405   -11.117 -2.804  1.00 29.07 ? 2034 HOH A O   1 
HETATM 1162 O O   . HOH G 5 .   ? 10.369  -15.141 -4.201  1.00 39.82 ? 2035 HOH A O   1 
HETATM 1163 O O   . HOH G 5 .   ? -10.377 -5.785  7.460   1.00 38.26 ? 2036 HOH A O   1 
HETATM 1164 O O   . HOH G 5 .   ? -8.749  -4.981  11.224  1.00 38.46 ? 2037 HOH A O   1 
HETATM 1165 O O   . HOH G 5 .   ? -12.152 -3.504  8.563   1.00 26.41 ? 2038 HOH A O   1 
HETATM 1166 O O   . HOH G 5 .   ? 11.744  -14.650 -6.206  1.00 36.14 ? 2039 HOH A O   1 
HETATM 1167 O O   . HOH G 5 .   ? 9.750   -16.453 -7.401  1.00 37.11 ? 2040 HOH A O   1 
HETATM 1168 O O   . HOH G 5 .   ? -6.052  5.021   13.525  1.00 24.56 ? 2041 HOH A O   1 
HETATM 1169 O O   . HOH G 5 .   ? 11.547  -8.685  -8.376  1.00 24.96 ? 2042 HOH A O   1 
HETATM 1170 O O   . HOH G 5 .   ? -13.079 4.353   11.425  1.00 42.96 ? 2043 HOH A O   1 
HETATM 1171 O O   . HOH G 5 .   ? -7.153  8.479   11.762  1.00 28.32 ? 2044 HOH A O   1 
HETATM 1172 O O   . HOH G 5 .   ? -2.988  2.502   15.800  1.00 34.31 ? 2045 HOH A O   1 
HETATM 1173 O O   . HOH G 5 .   ? -13.031 7.215   11.935  1.00 47.68 ? 2046 HOH A O   1 
HETATM 1174 O O   . HOH G 5 .   ? 14.539  -8.454  -3.021  1.00 49.18 ? 2047 HOH A O   1 
HETATM 1175 O O   . HOH G 5 .   ? -6.933  12.725  6.770   1.00 22.06 ? 2048 HOH A O   1 
HETATM 1176 O O   . HOH G 5 .   ? -8.592  16.078  7.805   1.00 33.38 ? 2049 HOH A O   1 
HETATM 1177 O O   . HOH G 5 .   ? 9.793   -8.183  8.217   1.00 51.20 ? 2050 HOH A O   1 
HETATM 1178 O O   . HOH G 5 .   ? -5.603  13.436  9.054   1.00 34.56 ? 2051 HOH A O   1 
HETATM 1179 O O   . HOH G 5 .   ? -1.107  17.064  -2.747  1.00 19.23 ? 2052 HOH A O   1 
HETATM 1180 O O   . HOH G 5 .   ? -0.935  8.865   13.223  1.00 32.13 ? 2053 HOH A O   1 
HETATM 1181 O O   . HOH G 5 .   ? 1.473   7.205   15.526  1.00 44.34 ? 2054 HOH A O   1 
HETATM 1182 O O   . HOH G 5 .   ? -2.608  9.285   11.256  1.00 24.07 ? 2055 HOH A O   1 
HETATM 1183 O O   . HOH G 5 .   ? -2.282  7.154   15.161  1.00 49.39 ? 2056 HOH A O   1 
HETATM 1184 O O   . HOH G 5 .   ? 12.394  11.471  3.421   0.50 24.77 ? 2057 HOH A O   1 
HETATM 1185 O O   . HOH G 5 .   ? -14.069 6.963   0.429   1.00 36.24 ? 2058 HOH A O   1 
HETATM 1186 O O   . HOH G 5 .   ? 11.934  14.655  0.214   1.00 68.97 ? 2059 HOH A O   1 
HETATM 1187 O O   . HOH G 5 .   ? 14.001  9.699   -0.097  1.00 57.62 ? 2060 HOH A O   1 
HETATM 1188 O O   . HOH G 5 .   ? -17.422 2.766   2.576   1.00 45.74 ? 2061 HOH A O   1 
HETATM 1189 O O   . HOH G 5 .   ? 8.578   14.351  -5.177  1.00 38.15 ? 2062 HOH A O   1 
HETATM 1190 O O   . HOH G 5 .   ? -17.267 6.484   -1.750  1.00 45.74 ? 2063 HOH A O   1 
HETATM 1191 O O   . HOH G 5 .   ? -7.086  -6.933  12.376  0.50 27.63 ? 2064 HOH A O   1 
HETATM 1192 O O   . HOH G 5 .   ? -19.871 -2.567  -1.546  1.00 43.70 ? 2065 HOH A O   1 
HETATM 1193 O O   . HOH G 5 .   ? -16.713 0.536   -3.876  1.00 28.94 ? 2066 HOH A O   1 
HETATM 1194 O O   . HOH G 5 .   ? -20.333 4.027   1.951   1.00 53.26 ? 2067 HOH A O   1 
HETATM 1195 O O   . HOH G 5 .   ? -12.613 9.029   -1.621  1.00 45.02 ? 2068 HOH A O   1 
HETATM 1196 O O   . HOH G 5 .   ? -9.528  14.252  -6.201  1.00 52.41 ? 2069 HOH A O   1 
HETATM 1197 O O   . HOH G 5 .   ? -1.047  17.312  -11.440 1.00 49.68 ? 2070 HOH A O   1 
HETATM 1198 O O   . HOH G 5 .   ? -15.489 0.548   5.905   1.00 36.42 ? 2071 HOH A O   1 
HETATM 1199 O O   . HOH G 5 .   ? -17.087 0.311   3.390   1.00 30.46 ? 2072 HOH A O   1 
HETATM 1200 O O   . HOH G 5 .   ? -16.680 4.982   4.659   1.00 37.50 ? 2073 HOH A O   1 
HETATM 1201 O O   . HOH G 5 .   ? -14.040 8.544   2.490   1.00 61.66 ? 2074 HOH A O   1 
HETATM 1202 O O   . HOH G 5 .   ? -15.757 -8.934  2.225   1.00 46.22 ? 2075 HOH A O   1 
HETATM 1203 O O   . HOH G 5 .   ? -9.553  -9.127  5.394   1.00 35.74 ? 2076 HOH A O   1 
HETATM 1204 O O   . HOH G 5 .   ? -11.536 -6.934  5.582   1.00 38.55 ? 2077 HOH A O   1 
HETATM 1205 O O   . HOH G 5 .   ? -13.016 -8.739  2.659   1.00 48.46 ? 2078 HOH A O   1 
HETATM 1206 O O   . HOH G 5 .   ? 8.524   5.273   16.035  1.00 41.61 ? 2079 HOH A O   1 
HETATM 1207 O O   . HOH G 5 .   ? -11.504 -10.762 2.503   1.00 53.51 ? 2080 HOH A O   1 
HETATM 1208 O O   . HOH G 5 .   ? -9.351  -11.248 3.411   1.00 35.60 ? 2081 HOH A O   1 
HETATM 1209 O O   . HOH G 5 .   ? -6.601  -11.774 2.928   1.00 21.78 ? 2082 HOH A O   1 
HETATM 1210 O O   . HOH G 5 .   ? -3.897  -13.852 4.170   1.00 29.23 ? 2083 HOH A O   1 
HETATM 1211 O O   . HOH G 5 .   ? 19.063  -1.987  4.610   1.00 56.24 ? 2084 HOH A O   1 
HETATM 1212 O O   . HOH G 5 .   ? -0.381  -8.405  5.560   1.00 21.02 ? 2085 HOH A O   1 
HETATM 1213 O O   . HOH G 5 .   ? 3.021   -14.304 3.939   1.00 37.02 ? 2086 HOH A O   1 
HETATM 1214 O O   . HOH G 5 .   ? -1.470  -14.048 9.730   1.00 34.69 ? 2087 HOH A O   1 
HETATM 1215 O O   . HOH G 5 .   ? -1.084  -7.876  11.586  1.00 24.03 ? 2088 HOH A O   1 
HETATM 1216 O O   . HOH G 5 .   ? -7.299  -9.051  6.686   1.00 24.96 ? 2089 HOH A O   1 
HETATM 1217 O O   . HOH G 5 .   ? -3.011  -9.925  12.972  1.00 30.90 ? 2090 HOH A O   1 
HETATM 1218 O O   . HOH G 5 .   ? -8.051  -5.241  8.632   1.00 19.11 ? 2091 HOH A O   1 
HETATM 1219 O O   . HOH G 5 .   ? -7.165  -3.983  12.855  1.00 47.62 ? 2092 HOH A O   1 
HETATM 1220 O O   . HOH G 5 .   ? -5.734  -8.310  11.560  0.50 24.02 ? 2093 HOH A O   1 
HETATM 1221 O O   . HOH G 5 .   ? -5.035  -2.269  13.067  1.00 38.30 ? 2094 HOH A O   1 
HETATM 1222 O O   . HOH G 5 .   ? 15.201  -10.068 3.417   1.00 54.53 ? 2095 HOH A O   1 
HETATM 1223 O O   . HOH G 5 .   ? 15.870  -9.329  -1.150  1.00 41.50 ? 2096 HOH A O   1 
HETATM 1224 O O   . HOH G 5 .   ? 18.981  -5.144  11.831  1.00 38.69 ? 2097 HOH A O   1 
HETATM 1225 O O   . HOH G 5 .   ? -9.972  -2.686  6.866   1.00 29.27 ? 2098 HOH A O   1 
HETATM 1226 O O   . HOH G 5 .   ? 11.565  -3.852  -6.718  1.00 23.42 ? 2099 HOH A O   1 
HETATM 1227 O O   . HOH G 5 .   ? -6.874  2.520   13.195  1.00 21.39 ? 2100 HOH A O   1 
HETATM 1228 O O   . HOH G 5 .   ? 12.928  -0.230  -11.023 1.00 43.79 ? 2101 HOH A O   1 
HETATM 1229 O O   . HOH G 5 .   ? 12.163  -3.212  -9.435  1.00 29.57 ? 2102 HOH A O   1 
HETATM 1230 O O   . HOH G 5 .   ? 14.882  -1.873  -9.107  1.00 46.64 ? 2103 HOH A O   1 
HETATM 1231 O O   . HOH G 5 .   ? -11.446 2.346   11.871  1.00 19.33 ? 2104 HOH A O   1 
HETATM 1232 O O   . HOH G 5 .   ? -8.951  8.542   9.731   1.00 28.38 ? 2105 HOH A O   1 
HETATM 1233 O O   . HOH G 5 .   ? -4.358  0.952   13.578  1.00 31.11 ? 2106 HOH A O   1 
HETATM 1234 O O   . HOH G 5 .   ? -2.992  5.664   7.577   1.00 16.51 ? 2107 HOH A O   1 
HETATM 1235 O O   . HOH G 5 .   ? -5.584  6.259   11.366  1.00 22.08 ? 2108 HOH A O   1 
HETATM 1236 O O   . HOH G 5 .   ? 5.851   -2.094  -14.794 1.00 18.21 ? 2109 HOH A O   1 
HETATM 1237 O O   . HOH G 5 .   ? -3.383  2.466   -18.393 1.00 44.26 ? 2110 HOH A O   1 
HETATM 1238 O O   . HOH G 5 .   ? -10.611 10.618  4.425   1.00 27.20 ? 2111 HOH A O   1 
HETATM 1239 O O   . HOH G 5 .   ? -13.886 5.270   8.477   1.00 51.59 ? 2112 HOH A O   1 
HETATM 1240 O O   . HOH G 5 .   ? -8.837  10.967  7.888   1.00 30.94 ? 2113 HOH A O   1 
HETATM 1241 O O   . HOH G 5 .   ? -11.646 8.362   10.084  1.00 38.01 ? 2114 HOH A O   1 
HETATM 1242 O O   . HOH G 5 .   ? -5.357  12.529  4.845   1.00 21.42 ? 2115 HOH A O   1 
HETATM 1243 O O   . HOH G 5 .   ? -8.790  13.309  -0.964  0.50 20.61 ? 2116 HOH A O   1 
HETATM 1244 O O   . HOH G 5 .   ? -11.221 11.196  -0.048  1.00 52.82 ? 2117 HOH A O   1 
HETATM 1245 O O   . HOH G 5 .   ? -7.852  14.126  -1.821  0.50 17.64 ? 2118 HOH A O   1 
HETATM 1246 O O   . HOH G 5 .   ? -7.781  18.324  -0.734  1.00 20.07 ? 2119 HOH A O   1 
HETATM 1247 O O   . HOH G 5 .   ? -10.645 13.474  4.252   1.00 19.53 ? 2120 HOH A O   1 
HETATM 1248 O O   . HOH G 5 .   ? -2.790  19.408  8.877   1.00 32.36 ? 2121 HOH A O   1 
HETATM 1249 O O   . HOH G 5 .   ? -6.002  16.483  8.891   1.00 35.67 ? 2122 HOH A O   1 
HETATM 1250 O O   . HOH G 5 .   ? -8.293  14.814  5.723   1.00 22.03 ? 2123 HOH A O   1 
HETATM 1251 O O   . HOH G 5 .   ? -1.405  19.199  -0.780  1.00 15.23 ? 2124 HOH A O   1 
HETATM 1252 O O   . HOH G 5 .   ? -2.916  13.611  8.733   1.00 41.43 ? 2125 HOH A O   1 
HETATM 1253 O O   . HOH G 5 .   ? -2.526  14.539  6.324   1.00 18.26 ? 2126 HOH A O   1 
HETATM 1254 O O   . HOH G 5 .   ? 5.667   11.403  7.587   1.00 16.75 ? 2127 HOH A O   1 
HETATM 1255 O O   . HOH G 5 .   ? 7.844   13.349  6.351   1.00 41.65 ? 2128 HOH A O   1 
HETATM 1256 O O   . HOH G 5 .   ? 5.635   20.431  10.946  1.00 38.51 ? 2129 HOH A O   1 
HETATM 1257 O O   . HOH G 5 .   ? 6.085   14.953  14.668  1.00 55.37 ? 2130 HOH A O   1 
HETATM 1258 O O   . HOH G 5 .   ? 1.580   8.522   13.050  1.00 24.87 ? 2131 HOH A O   1 
HETATM 1259 O O   . HOH G 5 .   ? -1.747  14.993  10.448  1.00 39.84 ? 2132 HOH A O   1 
HETATM 1260 O O   . HOH G 5 .   ? -1.595  11.405  9.800   1.00 31.21 ? 2133 HOH A O   1 
HETATM 1261 O O   . HOH G 5 .   ? -2.962  6.793   10.161  1.00 13.38 ? 2134 HOH A O   1 
HETATM 1262 O O   . HOH G 5 .   ? -3.132  4.864   14.151  1.00 34.48 ? 2135 HOH A O   1 
HETATM 1263 O O   . HOH G 5 .   ? 2.704   -0.886  16.695  0.50 21.46 ? 2136 HOH A O   1 
HETATM 1264 O O   . HOH G 5 .   ? 1.380   -2.259  16.363  0.50 22.01 ? 2137 HOH A O   1 
HETATM 1265 O O   . HOH G 5 .   ? -0.317  1.859   16.526  1.00 39.56 ? 2138 HOH A O   1 
HETATM 1266 O O   . HOH G 5 .   ? 5.002   1.059   15.221  1.00 23.92 ? 2139 HOH A O   1 
HETATM 1267 O O   . HOH G 5 .   ? 4.016   7.521   12.390  1.00 22.74 ? 2140 HOH A O   1 
HETATM 1268 O O   . HOH G 5 .   ? 10.233  10.232  5.840   1.00 41.67 ? 2141 HOH A O   1 
HETATM 1269 O O   . HOH G 5 .   ? 10.731  6.520   8.275   0.50 26.21 ? 2142 HOH A O   1 
HETATM 1270 O O   . HOH G 5 .   ? 8.853   13.802  3.411   1.00 32.88 ? 2143 HOH A O   1 
HETATM 1271 O O   . HOH G 5 .   ? 9.389   14.144  -0.842  1.00 38.07 ? 2144 HOH A O   1 
HETATM 1272 O O   . HOH G 5 .   ? 13.333  7.948   -1.722  1.00 60.27 ? 2145 HOH A O   1 
HETATM 1273 O O   . HOH G 5 .   ? 10.381  13.666  -3.350  1.00 45.02 ? 2146 HOH A O   1 
HETATM 1274 O O   . HOH G 5 .   ? 10.843  5.903   -1.194  1.00 44.96 ? 2147 HOH A O   1 
HETATM 1275 O O   . HOH G 5 .   ? 11.121  5.891   -3.903  1.00 47.45 ? 2148 HOH A O   1 
HETATM 1276 O O   . HOH G 5 .   ? 0.620   15.779  -0.995  1.00 18.54 ? 2149 HOH A O   1 
HETATM 1277 O O   . HOH G 5 .   ? 1.132   15.840  -4.546  1.00 25.72 ? 2150 HOH A O   1 
HETATM 1278 O O   . HOH G 5 .   ? 4.152   13.089  -9.399  1.00 42.85 ? 2151 HOH A O   1 
HETATM 1279 O O   . HOH G 5 .   ? 5.016   11.265  -5.814  1.00 40.27 ? 2152 HOH A O   1 
HETATM 1280 O O   . HOH G 5 .   ? 5.427   14.243  -4.949  1.00 31.05 ? 2153 HOH A O   1 
HETATM 1281 O O   . HOH G 5 .   ? -1.643  13.574  -4.240  1.00 18.32 ? 2154 HOH A O   1 
HETATM 1282 O O   . HOH G 5 .   ? -10.850 9.444   -3.442  1.00 29.81 ? 2155 HOH A O   1 
HETATM 1283 O O   . HOH G 5 .   ? -1.820  7.007   -13.816 1.00 55.55 ? 2156 HOH A O   1 
HETATM 1284 O O   . HOH G 5 .   ? -7.591  13.019  -8.846  1.00 43.17 ? 2157 HOH A O   1 
HETATM 1285 O O   . HOH G 5 .   ? -6.377  8.385   -12.847 1.00 44.02 ? 2158 HOH A O   1 
HETATM 1286 O O   . HOH G 5 .   ? -4.291  15.501  -11.477 1.00 24.21 ? 2159 HOH A O   1 
HETATM 1287 O O   . HOH G 5 .   ? 0.638   15.608  -13.535 1.00 40.50 ? 2160 HOH A O   1 
HETATM 1288 O O   . HOH G 5 .   ? 4.783   8.897   -5.098  1.00 18.96 ? 2161 HOH A O   1 
HETATM 1289 O O   . HOH G 5 .   ? 7.957   3.226   -2.775  1.00 17.81 ? 2162 HOH A O   1 
HETATM 1290 O O   . HOH G 5 .   ? 8.374   7.510   -6.238  0.50 22.51 ? 2163 HOH A O   1 
HETATM 1291 O O   . HOH G 5 .   ? 9.462   6.405   -6.320  0.50 18.17 ? 2164 HOH A O   1 
HETATM 1292 O O   . HOH G 5 .   ? 9.040   4.055   -0.310  1.00 20.44 ? 2165 HOH A O   1 
HETATM 1293 O O   . HOH G 5 .   ? 13.930  9.928   2.316   1.00 55.51 ? 2166 HOH A O   1 
HETATM 1294 O O   . HOH G 5 .   ? 10.491  -0.911  10.365  1.00 28.50 ? 2167 HOH A O   1 
HETATM 1295 O O   . HOH G 5 .   ? 12.117  5.269   9.002   0.50 12.16 ? 2168 HOH A O   1 
HETATM 1296 O O   . HOH G 5 .   ? 7.839   2.453   15.107  1.00 28.77 ? 2169 HOH A O   1 
HETATM 1297 O O   . HOH G 5 .   ? 7.153   8.452   15.789  1.00 48.62 ? 2170 HOH A O   1 
HETATM 1298 O O   . HOH G 5 .   ? 7.996   10.438  10.896  0.50 22.68 ? 2171 HOH A O   1 
HETATM 1299 O O   . HOH G 5 .   ? 10.727  5.999   14.844  1.00 50.93 ? 2172 HOH A O   1 
HETATM 1300 O O   . HOH G 5 .   ? 12.608  5.163   11.925  1.00 32.80 ? 2173 HOH A O   1 
HETATM 1301 O O   . HOH G 5 .   ? 11.445  -5.867  11.994  1.00 44.86 ? 2174 HOH A O   1 
HETATM 1302 O O   . HOH G 5 .   ? 15.740  -2.073  4.769   1.00 33.28 ? 2175 HOH A O   1 
HETATM 1303 O O   . HOH G 5 .   ? 16.992  -1.232  7.424   0.50 22.50 ? 2176 HOH A O   1 
HETATM 1304 O O   . HOH G 5 .   ? 17.279  0.709   7.637   0.50 21.41 ? 2177 HOH A O   1 
HETATM 1305 O O   . HOH G 5 .   ? 14.668  -0.443  2.919   1.00 25.95 ? 2178 HOH A O   1 
HETATM 1306 O O   . HOH G 5 .   ? 13.892  1.860   4.222   1.00 29.65 ? 2179 HOH A O   1 
HETATM 1307 O O   . HOH G 5 .   ? 15.714  3.110   0.243   1.00 41.36 ? 2180 HOH A O   1 
HETATM 1308 O O   . HOH G 5 .   ? 16.209  0.743   1.073   1.00 40.52 ? 2181 HOH A O   1 
HETATM 1309 O O   . HOH G 5 .   ? -3.996  4.122   -11.144 1.00 25.93 ? 2182 HOH A O   1 
HETATM 1310 O O   . HOH G 5 .   ? -12.235 6.899   -7.570  1.00 31.04 ? 2183 HOH A O   1 
HETATM 1311 O O   . HOH G 5 .   ? -14.057 0.218   -2.506  1.00 19.98 ? 2184 HOH A O   1 
HETATM 1312 O O   . HOH G 5 .   ? -17.458 1.920   -7.219  0.50 32.88 ? 2185 HOH A O   1 
HETATM 1313 O O   . HOH G 5 .   ? -16.185 3.096   -12.560 1.00 47.26 ? 2186 HOH A O   1 
HETATM 1314 O O   . HOH G 5 .   ? -18.425 2.298   -8.875  0.50 28.96 ? 2187 HOH A O   1 
HETATM 1315 O O   . HOH G 5 .   ? -13.942 2.496   -10.441 1.00 45.62 ? 2188 HOH A O   1 
HETATM 1316 O O   . HOH G 5 .   ? 12.355  -2.004  1.591   1.00 17.22 ? 2189 HOH A O   1 
HETATM 1317 O O   . HOH G 5 .   ? 18.247  -7.201  9.360   1.00 40.97 ? 2190 HOH A O   1 
HETATM 1318 O O   . HOH G 5 .   ? 19.074  -8.241  4.624   1.00 43.44 ? 2191 HOH A O   1 
HETATM 1319 O O   . HOH G 5 .   ? 17.611  -5.947  -0.685  1.00 33.74 ? 2192 HOH A O   1 
HETATM 1320 O O   . HOH G 5 .   ? 16.164  -8.411  1.783   1.00 43.21 ? 2193 HOH A O   1 
HETATM 1321 O O   . HOH G 5 .   ? 12.824  -8.699  4.377   1.00 28.48 ? 2194 HOH A O   1 
HETATM 1322 O O   . HOH G 5 .   ? 19.877  -1.917  -1.139  1.00 45.23 ? 2195 HOH A O   1 
HETATM 1323 O O   . HOH G 5 .   ? 16.076  -2.324  -4.968  1.00 37.14 ? 2196 HOH A O   1 
HETATM 1324 O O   . HOH G 5 .   ? 12.877  -1.528  -5.874  1.00 21.17 ? 2197 HOH A O   1 
HETATM 1325 O O   . HOH G 5 .   ? 14.366  4.084   -1.374  1.00 30.09 ? 2198 HOH A O   1 
HETATM 1326 O O   . HOH G 5 .   ? 9.694   5.693   -9.188  1.00 53.20 ? 2199 HOH A O   1 
HETATM 1327 O O   . HOH G 5 .   ? 14.898  4.261   -5.308  1.00 36.64 ? 2200 HOH A O   1 
HETATM 1328 O O   . HOH G 5 .   ? 13.236  2.147   -10.263 1.00 43.35 ? 2201 HOH A O   1 
HETATM 1329 O O   . HOH G 5 .   ? 14.787  1.092   -7.041  1.00 38.45 ? 2202 HOH A O   1 
HETATM 1330 O O   . HOH G 5 .   ? 10.156  -1.910  -10.475 1.00 24.77 ? 2203 HOH A O   1 
HETATM 1331 O O   . HOH G 5 .   ? 4.591   6.477   -10.069 1.00 36.55 ? 2204 HOH A O   1 
HETATM 1332 O O   . HOH G 5 .   ? 3.717   0.676   -15.984 1.00 43.85 ? 2205 HOH A O   1 
HETATM 1333 O O   . HOH G 5 .   ? 5.798   4.948   -13.156 1.00 42.19 ? 2206 HOH A O   1 
HETATM 1334 O O   . HOH G 5 .   ? 11.126  -7.420  -10.491 1.00 15.76 ? 2207 HOH A O   1 
HETATM 1335 O O   . HOH G 5 .   ? 2.350   4.462   -18.601 1.00 46.74 ? 2208 HOH A O   1 
HETATM 1336 O O   . HOH G 5 .   ? -1.370  3.805   -11.334 1.00 34.83 ? 2209 HOH A O   1 
HETATM 1337 O O   . HOH G 5 .   ? 3.469   -1.586  -16.363 1.00 23.72 ? 2210 HOH A O   1 
HETATM 1338 O O   . HOH G 5 .   ? 1.408   -5.047  -12.740 1.00 17.16 ? 2211 HOH A O   1 
HETATM 1339 O O   . HOH G 5 .   ? -5.487  1.879   -16.080 1.00 47.09 ? 2212 HOH A O   1 
HETATM 1340 O O   . HOH G 5 .   ? -10.814 3.821   -13.455 1.00 43.15 ? 2213 HOH A O   1 
HETATM 1341 O O   . HOH G 5 .   ? -10.064 -2.117  -19.919 1.00 39.70 ? 2214 HOH A O   1 
HETATM 1342 O O   . HOH G 5 .   ? -15.599 -0.887  -13.035 1.00 36.74 ? 2215 HOH A O   1 
HETATM 1343 O O   . HOH G 5 .   ? -11.780 1.140   -12.712 1.00 28.57 ? 2216 HOH A O   1 
HETATM 1344 O O   . HOH G 5 .   ? -11.921 8.932   -5.781  1.00 42.97 ? 2217 HOH A O   1 
HETATM 1345 O O   . HOH G 5 .   ? 6.983   11.523  10.176  0.50 20.59 ? 2218 HOH A O   1 
HETATM 1346 O O   . HOH G 5 .   ? -5.015  -12.219 -11.526 0.50 22.19 ? 2219 HOH A O   1 
HETATM 1347 O O   . HOH G 5 .   ? -5.564  -10.851 -12.579 0.50 24.20 ? 2220 HOH A O   1 
# 
